data_3RO1
# 
_entry.id   3RO1 
# 
_audit_conform.dict_name       mmcif_pdbx.dic 
_audit_conform.dict_version    5.380 
_audit_conform.dict_location   http://mmcif.pdb.org/dictionaries/ascii/mmcif_pdbx.dic 
# 
loop_
_database_2.database_id 
_database_2.database_code 
_database_2.pdbx_database_accession 
_database_2.pdbx_DOI 
PDB   3RO1         pdb_00003ro1 10.2210/pdb3ro1/pdb 
RCSB  RCSB065166   ?            ?                   
WWPDB D_1000065166 ?            ?                   
# 
loop_
_pdbx_database_related.db_name 
_pdbx_database_related.db_id 
_pdbx_database_related.details 
_pdbx_database_related.content_type 
PDB 2I6I . unspecified 
PDB 3RNZ . unspecified 
PDB 3RO0 . unspecified 
# 
_pdbx_database_status.status_code                     REL 
_pdbx_database_status.entry_id                        3RO1 
_pdbx_database_status.recvd_initial_deposition_date   2011-04-25 
_pdbx_database_status.deposit_site                    RCSB 
_pdbx_database_status.process_site                    PDBJ 
_pdbx_database_status.status_code_sf                  REL 
_pdbx_database_status.status_code_mr                  ? 
_pdbx_database_status.SG_entry                        ? 
_pdbx_database_status.status_code_cs                  ? 
_pdbx_database_status.pdb_format_compatible           Y 
_pdbx_database_status.methods_development_category    ? 
_pdbx_database_status.status_code_nmr_data            ? 
# 
loop_
_audit_author.name 
_audit_author.pdbx_ordinal 
'Lo, Y.-C.'     1 
'Wang, A.H.-J.' 2 
# 
_citation.id                        primary 
_citation.title                     
'Terpyridine platinum(II) complexes inhibit cysteine proteases by binding to active-site cysteine.' 
_citation.journal_abbrev            J.Biomol.Struct.Dyn. 
_citation.journal_volume            29 
_citation.page_first                267 
_citation.page_last                 282 
_citation.year                      2011 
_citation.journal_id_ASTM           JBSDD6 
_citation.country                   US 
_citation.journal_id_ISSN           1538-0254 
_citation.journal_id_CSD            0646 
_citation.book_publisher            ? 
_citation.pdbx_database_id_PubMed   21875148 
_citation.pdbx_database_id_DOI      10.1080/073911011010524993 
# 
loop_
_citation_author.citation_id 
_citation_author.name 
_citation_author.ordinal 
_citation_author.identifier_ORCID 
primary 'Lo, Y.-C.'     1 ? 
primary 'Su, W.-C.'     2 ? 
primary 'Ko, T.-P.'     3 ? 
primary 'Wang, N.-C.'   4 ? 
primary 'Wang, A.H.-J.' 5 ? 
# 
_cell.entry_id           3RO1 
_cell.length_a           72.756 
_cell.length_b           72.756 
_cell.length_c           32.302 
_cell.angle_alpha        90.00 
_cell.angle_beta         90.00 
_cell.angle_gamma        90.00 
_cell.Z_PDB              4 
_cell.pdbx_unique_axis   ? 
_cell.length_a_esd       ? 
_cell.length_b_esd       ? 
_cell.length_c_esd       ? 
_cell.angle_alpha_esd    ? 
_cell.angle_beta_esd     ? 
_cell.angle_gamma_esd    ? 
# 
_symmetry.entry_id                         3RO1 
_symmetry.space_group_name_H-M             'P 41' 
_symmetry.pdbx_full_space_group_name_H-M   ? 
_symmetry.cell_setting                     ? 
_symmetry.Int_Tables_number                76 
_symmetry.space_group_name_Hall            ? 
# 
loop_
_entity.id 
_entity.type 
_entity.src_method 
_entity.pdbx_description 
_entity.formula_weight 
_entity.pdbx_number_of_molecules 
_entity.pdbx_ec 
_entity.pdbx_mutation 
_entity.pdbx_fragment 
_entity.details 
1 polymer     man 'protein tyrosine phosphatase'                  18433.164 1   3.1.3.48 ? ? ? 
2 non-polymer syn 
;2,2':6',2''-TERPYRIDINE PLATINUM(II) Chloride
;
463.799   1   ?        ? ? ? 
3 water       nat water                                           18.015    141 ?        ? ? ? 
# 
_entity_poly.entity_id                      1 
_entity_poly.type                           'polypeptide(L)' 
_entity_poly.nstd_linkage                   no 
_entity_poly.nstd_monomer                   no 
_entity_poly.pdbx_seq_one_letter_code       
;MYWVRRKTIGGSGLPYTENEILEWRKEGVKRVLVLPEDWEIEESWGDKDYYLSILKKNGLQPLHIPIPDGGVPSDSQFLT
IMKWLLSEKEGNLVHCVGGIGRTGTILASYLILTEGLEVESAIDEVRLVRPGAVQTYEQEMFLLRVEGMRKSWLKNIYSN
S
;
_entity_poly.pdbx_seq_one_letter_code_can   
;MYWVRRKTIGGSGLPYTENEILEWRKEGVKRVLVLPEDWEIEESWGDKDYYLSILKKNGLQPLHIPIPDGGVPSDSQFLT
IMKWLLSEKEGNLVHCVGGIGRTGTILASYLILTEGLEVESAIDEVRLVRPGAVQTYEQEMFLLRVEGMRKSWLKNIYSN
S
;
_entity_poly.pdbx_strand_id                 A 
_entity_poly.pdbx_target_identifier         ? 
# 
loop_
_entity_poly_seq.entity_id 
_entity_poly_seq.num 
_entity_poly_seq.mon_id 
_entity_poly_seq.hetero 
1 1   MET n 
1 2   TYR n 
1 3   TRP n 
1 4   VAL n 
1 5   ARG n 
1 6   ARG n 
1 7   LYS n 
1 8   THR n 
1 9   ILE n 
1 10  GLY n 
1 11  GLY n 
1 12  SER n 
1 13  GLY n 
1 14  LEU n 
1 15  PRO n 
1 16  TYR n 
1 17  THR n 
1 18  GLU n 
1 19  ASN n 
1 20  GLU n 
1 21  ILE n 
1 22  LEU n 
1 23  GLU n 
1 24  TRP n 
1 25  ARG n 
1 26  LYS n 
1 27  GLU n 
1 28  GLY n 
1 29  VAL n 
1 30  LYS n 
1 31  ARG n 
1 32  VAL n 
1 33  LEU n 
1 34  VAL n 
1 35  LEU n 
1 36  PRO n 
1 37  GLU n 
1 38  ASP n 
1 39  TRP n 
1 40  GLU n 
1 41  ILE n 
1 42  GLU n 
1 43  GLU n 
1 44  SER n 
1 45  TRP n 
1 46  GLY n 
1 47  ASP n 
1 48  LYS n 
1 49  ASP n 
1 50  TYR n 
1 51  TYR n 
1 52  LEU n 
1 53  SER n 
1 54  ILE n 
1 55  LEU n 
1 56  LYS n 
1 57  LYS n 
1 58  ASN n 
1 59  GLY n 
1 60  LEU n 
1 61  GLN n 
1 62  PRO n 
1 63  LEU n 
1 64  HIS n 
1 65  ILE n 
1 66  PRO n 
1 67  ILE n 
1 68  PRO n 
1 69  ASP n 
1 70  GLY n 
1 71  GLY n 
1 72  VAL n 
1 73  PRO n 
1 74  SER n 
1 75  ASP n 
1 76  SER n 
1 77  GLN n 
1 78  PHE n 
1 79  LEU n 
1 80  THR n 
1 81  ILE n 
1 82  MET n 
1 83  LYS n 
1 84  TRP n 
1 85  LEU n 
1 86  LEU n 
1 87  SER n 
1 88  GLU n 
1 89  LYS n 
1 90  GLU n 
1 91  GLY n 
1 92  ASN n 
1 93  LEU n 
1 94  VAL n 
1 95  HIS n 
1 96  CYS n 
1 97  VAL n 
1 98  GLY n 
1 99  GLY n 
1 100 ILE n 
1 101 GLY n 
1 102 ARG n 
1 103 THR n 
1 104 GLY n 
1 105 THR n 
1 106 ILE n 
1 107 LEU n 
1 108 ALA n 
1 109 SER n 
1 110 TYR n 
1 111 LEU n 
1 112 ILE n 
1 113 LEU n 
1 114 THR n 
1 115 GLU n 
1 116 GLY n 
1 117 LEU n 
1 118 GLU n 
1 119 VAL n 
1 120 GLU n 
1 121 SER n 
1 122 ALA n 
1 123 ILE n 
1 124 ASP n 
1 125 GLU n 
1 126 VAL n 
1 127 ARG n 
1 128 LEU n 
1 129 VAL n 
1 130 ARG n 
1 131 PRO n 
1 132 GLY n 
1 133 ALA n 
1 134 VAL n 
1 135 GLN n 
1 136 THR n 
1 137 TYR n 
1 138 GLU n 
1 139 GLN n 
1 140 GLU n 
1 141 MET n 
1 142 PHE n 
1 143 LEU n 
1 144 LEU n 
1 145 ARG n 
1 146 VAL n 
1 147 GLU n 
1 148 GLY n 
1 149 MET n 
1 150 ARG n 
1 151 LYS n 
1 152 SER n 
1 153 TRP n 
1 154 LEU n 
1 155 LYS n 
1 156 ASN n 
1 157 ILE n 
1 158 TYR n 
1 159 SER n 
1 160 ASN n 
1 161 SER n 
# 
_entity_src_gen.entity_id                          1 
_entity_src_gen.pdbx_src_id                        1 
_entity_src_gen.pdbx_alt_source_flag               sample 
_entity_src_gen.pdbx_seq_type                      ? 
_entity_src_gen.pdbx_beg_seq_num                   ? 
_entity_src_gen.pdbx_end_seq_num                   ? 
_entity_src_gen.gene_src_common_name               ? 
_entity_src_gen.gene_src_genus                     ? 
_entity_src_gen.pdbx_gene_src_gene                 ? 
_entity_src_gen.gene_src_species                   ? 
_entity_src_gen.gene_src_strain                    ? 
_entity_src_gen.gene_src_tissue                    ? 
_entity_src_gen.gene_src_tissue_fraction           ? 
_entity_src_gen.gene_src_details                   ? 
_entity_src_gen.pdbx_gene_src_fragment             ? 
_entity_src_gen.pdbx_gene_src_scientific_name      'Sulfolobus solfataricus' 
_entity_src_gen.pdbx_gene_src_ncbi_taxonomy_id     2287 
_entity_src_gen.pdbx_gene_src_variant              ? 
_entity_src_gen.pdbx_gene_src_cell_line            ? 
_entity_src_gen.pdbx_gene_src_atcc                 ? 
_entity_src_gen.pdbx_gene_src_organ                ? 
_entity_src_gen.pdbx_gene_src_organelle            ? 
_entity_src_gen.pdbx_gene_src_cell                 ? 
_entity_src_gen.pdbx_gene_src_cellular_location    ? 
_entity_src_gen.host_org_common_name               ? 
_entity_src_gen.pdbx_host_org_scientific_name      'Escherichia coli' 
_entity_src_gen.pdbx_host_org_ncbi_taxonomy_id     562 
_entity_src_gen.host_org_genus                     ? 
_entity_src_gen.pdbx_host_org_gene                 ? 
_entity_src_gen.pdbx_host_org_organ                ? 
_entity_src_gen.host_org_species                   ? 
_entity_src_gen.pdbx_host_org_tissue               ? 
_entity_src_gen.pdbx_host_org_tissue_fraction      ? 
_entity_src_gen.pdbx_host_org_strain               BL21 
_entity_src_gen.pdbx_host_org_variant              ? 
_entity_src_gen.pdbx_host_org_cell_line            ? 
_entity_src_gen.pdbx_host_org_atcc                 ? 
_entity_src_gen.pdbx_host_org_culture_collection   ? 
_entity_src_gen.pdbx_host_org_cell                 ? 
_entity_src_gen.pdbx_host_org_organelle            ? 
_entity_src_gen.pdbx_host_org_cellular_location    ? 
_entity_src_gen.pdbx_host_org_vector_type          plasmid 
_entity_src_gen.pdbx_host_org_vector               ? 
_entity_src_gen.host_org_details                   ? 
_entity_src_gen.expression_system_id               ? 
_entity_src_gen.plasmid_name                       pET21 
_entity_src_gen.plasmid_details                    ? 
_entity_src_gen.pdbx_description                   ? 
# 
_struct_ref.id                         1 
_struct_ref.db_name                    UNP 
_struct_ref.db_code                    Q97VZ7_SULSO 
_struct_ref.pdbx_db_accession          Q97VZ7 
_struct_ref.entity_id                  1 
_struct_ref.pdbx_seq_one_letter_code   
;MYWVRRKTIGGSGLPYTENEILEWRKEGVKRVLVLPEDWEIEESWGDKDYYLSILKKNGLQPLHIPIPDGGVPSDSQFLT
IMKWLLSEKEGNLVHCVGGIGRTGTILASYLILTEGLEVESAIDEVRLVRPGAVQTYEQEMFLLRVEGMRKSWLKNIYSN
S
;
_struct_ref.pdbx_align_begin           1 
_struct_ref.pdbx_db_isoform            ? 
# 
_struct_ref_seq.align_id                      1 
_struct_ref_seq.ref_id                        1 
_struct_ref_seq.pdbx_PDB_id_code              3RO1 
_struct_ref_seq.pdbx_strand_id                A 
_struct_ref_seq.seq_align_beg                 1 
_struct_ref_seq.pdbx_seq_align_beg_ins_code   ? 
_struct_ref_seq.seq_align_end                 161 
_struct_ref_seq.pdbx_seq_align_end_ins_code   ? 
_struct_ref_seq.pdbx_db_accession             Q97VZ7 
_struct_ref_seq.db_align_beg                  1 
_struct_ref_seq.pdbx_db_align_beg_ins_code    ? 
_struct_ref_seq.db_align_end                  161 
_struct_ref_seq.pdbx_db_align_end_ins_code    ? 
_struct_ref_seq.pdbx_auth_seq_align_beg       1 
_struct_ref_seq.pdbx_auth_seq_align_end       161 
# 
loop_
_chem_comp.id 
_chem_comp.type 
_chem_comp.mon_nstd_flag 
_chem_comp.name 
_chem_comp.pdbx_synonyms 
_chem_comp.formula 
_chem_comp.formula_weight 
ALA 'L-peptide linking' y ALANINE                                         ? 'C3 H7 N O2'         89.093  
ARG 'L-peptide linking' y ARGININE                                        ? 'C6 H15 N4 O2 1'     175.209 
ASN 'L-peptide linking' y ASPARAGINE                                      ? 'C4 H8 N2 O3'        132.118 
ASP 'L-peptide linking' y 'ASPARTIC ACID'                                 ? 'C4 H7 N O4'         133.103 
CYS 'L-peptide linking' y CYSTEINE                                        ? 'C3 H7 N O2 S'       121.158 
GLN 'L-peptide linking' y GLUTAMINE                                       ? 'C5 H10 N2 O3'       146.144 
GLU 'L-peptide linking' y 'GLUTAMIC ACID'                                 ? 'C5 H9 N O4'         147.129 
GLY 'peptide linking'   y GLYCINE                                         ? 'C2 H5 N O2'         75.067  
HIS 'L-peptide linking' y HISTIDINE                                       ? 'C6 H10 N3 O2 1'     156.162 
HOH non-polymer         . WATER                                           ? 'H2 O'               18.015  
ILE 'L-peptide linking' y ISOLEUCINE                                      ? 'C6 H13 N O2'        131.173 
LEU 'L-peptide linking' y LEUCINE                                         ? 'C6 H13 N O2'        131.173 
LYS 'L-peptide linking' y LYSINE                                          ? 'C6 H15 N2 O2 1'     147.195 
MET 'L-peptide linking' y METHIONINE                                      ? 'C5 H11 N O2 S'      149.211 
PHE 'L-peptide linking' y PHENYLALANINE                                   ? 'C9 H11 N O2'        165.189 
PRO 'L-peptide linking' y PROLINE                                         ? 'C5 H9 N O2'         115.130 
SER 'L-peptide linking' y SERINE                                          ? 'C3 H7 N O3'         105.093 
THR 'L-peptide linking' y THREONINE                                       ? 'C4 H9 N O3'         119.119 
TPT non-polymer         . 
;2,2':6',2''-TERPYRIDINE PLATINUM(II) Chloride
;
? 'C15 H11 Cl N3 Pt 1' 463.799 
TRP 'L-peptide linking' y TRYPTOPHAN                                      ? 'C11 H12 N2 O2'      204.225 
TYR 'L-peptide linking' y TYROSINE                                        ? 'C9 H11 N O3'        181.189 
VAL 'L-peptide linking' y VALINE                                          ? 'C5 H11 N O2'        117.146 
# 
_exptl.entry_id          3RO1 
_exptl.method            'X-RAY DIFFRACTION' 
_exptl.crystals_number   1 
# 
_exptl_crystal.id                    1 
_exptl_crystal.density_meas          ? 
_exptl_crystal.density_Matthews      2.32 
_exptl_crystal.density_percent_sol   46.96 
_exptl_crystal.description           ? 
_exptl_crystal.F_000                 ? 
_exptl_crystal.preparation           ? 
# 
_exptl_crystal_grow.crystal_id      1 
_exptl_crystal_grow.method          'VAPOR DIFFUSION, HANGING DROP' 
_exptl_crystal_grow.temp            298 
_exptl_crystal_grow.temp_details    ? 
_exptl_crystal_grow.pH              5.5 
_exptl_crystal_grow.pdbx_details    '0.1M citrate, 20% PEG 3000, pH 5.5, VAPOR DIFFUSION, HANGING DROP, temperature 298K' 
_exptl_crystal_grow.pdbx_pH_range   . 
# 
_diffrn.id                     1 
_diffrn.ambient_temp           100 
_diffrn.ambient_temp_details   ? 
_diffrn.crystal_id             1 
# 
_diffrn_detector.diffrn_id              1 
_diffrn_detector.detector               'IMAGE PLATE' 
_diffrn_detector.type                   'RIGAKU RAXIS HTC' 
_diffrn_detector.pdbx_collection_date   2011-02-27 
_diffrn_detector.details                mirrors 
# 
_diffrn_radiation.diffrn_id                        1 
_diffrn_radiation.wavelength_id                    1 
_diffrn_radiation.pdbx_monochromatic_or_laue_m_l   M 
_diffrn_radiation.monochromator                    GRAPHITE 
_diffrn_radiation.pdbx_diffrn_protocol             'SINGLE WAVELENGTH' 
_diffrn_radiation.pdbx_scattering_type             x-ray 
# 
_diffrn_radiation_wavelength.id           1 
_diffrn_radiation_wavelength.wavelength   1.54 
_diffrn_radiation_wavelength.wt           1.0 
# 
_diffrn_source.diffrn_id                   1 
_diffrn_source.source                      'ROTATING ANODE' 
_diffrn_source.type                        'RIGAKU FR-E+ SUPERBRIGHT' 
_diffrn_source.pdbx_synchrotron_site       ? 
_diffrn_source.pdbx_synchrotron_beamline   ? 
_diffrn_source.pdbx_wavelength             ? 
_diffrn_source.pdbx_wavelength_list        1.54 
# 
_reflns.entry_id                     3RO1 
_reflns.observed_criterion_sigma_I   5 
_reflns.observed_criterion_sigma_F   0 
_reflns.d_resolution_low             25.0 
_reflns.d_resolution_high            1.9 
_reflns.number_obs                   13525 
_reflns.number_all                   13607 
_reflns.percent_possible_obs         99.4 
_reflns.pdbx_Rmerge_I_obs            0.051 
_reflns.pdbx_Rsym_value              ? 
_reflns.pdbx_netI_over_sigmaI        22.7 
_reflns.B_iso_Wilson_estimate        ? 
_reflns.pdbx_redundancy              4.8 
_reflns.R_free_details               ? 
_reflns.limit_h_max                  ? 
_reflns.limit_h_min                  ? 
_reflns.limit_k_max                  ? 
_reflns.limit_k_min                  ? 
_reflns.limit_l_max                  ? 
_reflns.limit_l_min                  ? 
_reflns.observed_criterion_F_max     ? 
_reflns.observed_criterion_F_min     ? 
_reflns.pdbx_chi_squared             ? 
_reflns.pdbx_scaling_rejects         ? 
_reflns.pdbx_ordinal                 1 
_reflns.pdbx_diffrn_id               1 
# 
_reflns_shell.d_res_high                  1.9 
_reflns_shell.d_res_low                   1.93 
_reflns_shell.percent_possible_all        100 
_reflns_shell.Rmerge_I_obs                0.325 
_reflns_shell.pdbx_Rsym_value             ? 
_reflns_shell.meanI_over_sigI_obs         6.2 
_reflns_shell.pdbx_redundancy             4.6 
_reflns_shell.percent_possible_obs        ? 
_reflns_shell.number_unique_all           646 
_reflns_shell.number_measured_all         ? 
_reflns_shell.number_measured_obs         ? 
_reflns_shell.number_unique_obs           ? 
_reflns_shell.pdbx_chi_squared            ? 
_reflns_shell.pdbx_rejects                ? 
_reflns_shell.pdbx_netI_over_sigmaI_obs   ? 
_reflns_shell.number_possible             ? 
_reflns_shell.Rmerge_F_all                ? 
_reflns_shell.Rmerge_F_obs                ? 
_reflns_shell.Rmerge_I_all                ? 
_reflns_shell.meanI_over_sigI_all         ? 
_reflns_shell.pdbx_Rrim_I_all             ? 
_reflns_shell.pdbx_Rpim_I_all             ? 
_reflns_shell.pdbx_ordinal                1 
_reflns_shell.pdbx_diffrn_id              1 
# 
_refine.entry_id                                 3RO1 
_refine.ls_number_reflns_obs                     12442 
_refine.ls_number_reflns_all                     13107 
_refine.pdbx_ls_sigma_I                          0 
_refine.pdbx_ls_sigma_F                          0 
_refine.pdbx_data_cutoff_high_absF               ? 
_refine.pdbx_data_cutoff_low_absF                ? 
_refine.pdbx_data_cutoff_high_rms_absF           ? 
_refine.ls_d_res_low                             25.0 
_refine.ls_d_res_high                            1.90 
_refine.ls_percent_reflns_obs                    96.4 
_refine.ls_R_factor_obs                          0.186 
_refine.ls_R_factor_all                          0.186 
_refine.ls_R_factor_R_work                       0.183 
_refine.ls_R_factor_R_free                       0.242 
_refine.ls_R_factor_R_free_error                 ? 
_refine.ls_R_factor_R_free_error_details         ? 
_refine.ls_percent_reflns_R_free                 4.9000 
_refine.ls_number_reflns_R_free                  665 
_refine.ls_number_parameters                     ? 
_refine.ls_number_restraints                     ? 
_refine.occupancy_min                            ? 
_refine.occupancy_max                            ? 
_refine.correlation_coeff_Fo_to_Fc               ? 
_refine.correlation_coeff_Fo_to_Fc_free          ? 
_refine.B_iso_mean                               25.0843 
_refine.solvent_model_param_bsol                 54.0705 
_refine.solvent_model_param_ksol                 ? 
_refine.aniso_B[1][1]                            4.3140 
_refine.aniso_B[2][2]                            4.3140 
_refine.aniso_B[3][3]                            -8.6290 
_refine.aniso_B[1][2]                            0.0000 
_refine.aniso_B[1][3]                            0.0000 
_refine.aniso_B[2][3]                            0.0000 
_refine.pdbx_solvent_vdw_probe_radii             ? 
_refine.pdbx_solvent_ion_probe_radii             ? 
_refine.pdbx_solvent_shrinkage_radii             ? 
_refine.pdbx_ls_cross_valid_method               THROUGHOUT 
_refine.details                                  ? 
_refine.pdbx_starting_model                      'PDB entry 2I6I' 
_refine.pdbx_method_to_determine_struct          'MOLECULAR REPLACEMENT' 
_refine.pdbx_isotropic_thermal_model             Isotropic 
_refine.pdbx_stereochemistry_target_values       'Engh & Huber' 
_refine.pdbx_stereochem_target_val_spec_case     ? 
_refine.pdbx_R_Free_selection_details            RANDOM 
_refine.pdbx_overall_ESU_R_Free                  ? 
_refine.overall_SU_ML                            ? 
_refine.overall_SU_B                             ? 
_refine.overall_SU_R_Cruickshank_DPI             ? 
_refine.ls_redundancy_reflns_obs                 ? 
_refine.B_iso_min                                ? 
_refine.B_iso_max                                ? 
_refine.overall_SU_R_free                        ? 
_refine.ls_wR_factor_R_free                      ? 
_refine.ls_wR_factor_R_work                      ? 
_refine.overall_FOM_free_R_set                   ? 
_refine.overall_FOM_work_R_set                   ? 
_refine.pdbx_diffrn_id                           1 
_refine.pdbx_refine_id                           'X-RAY DIFFRACTION' 
_refine.solvent_model_details                    ? 
_refine.pdbx_overall_phase_error                 ? 
_refine.pdbx_overall_ESU_R                       ? 
_refine.pdbx_TLS_residual_ADP_flag               ? 
_refine.pdbx_overall_SU_R_free_Cruickshank_DPI   ? 
_refine.pdbx_overall_SU_R_Blow_DPI               ? 
_refine.pdbx_overall_SU_R_free_Blow_DPI          ? 
# 
_refine_analyze.entry_id                        3RO1 
_refine_analyze.Luzzati_coordinate_error_obs    0.27 
_refine_analyze.Luzzati_sigma_a_obs             0.19 
_refine_analyze.Luzzati_d_res_low_obs           5.0 
_refine_analyze.Luzzati_coordinate_error_free   0.19 
_refine_analyze.Luzzati_sigma_a_free            0.13 
_refine_analyze.Luzzati_d_res_low_free          ? 
_refine_analyze.number_disordered_residues      ? 
_refine_analyze.occupancy_sum_hydrogen          ? 
_refine_analyze.occupancy_sum_non_hydrogen      ? 
_refine_analyze.pdbx_Luzzati_d_res_high_obs     ? 
_refine_analyze.pdbx_refine_id                  'X-RAY DIFFRACTION' 
# 
_refine_hist.pdbx_refine_id                   'X-RAY DIFFRACTION' 
_refine_hist.cycle_id                         LAST 
_refine_hist.pdbx_number_atoms_protein        1283 
_refine_hist.pdbx_number_atoms_nucleic_acid   0 
_refine_hist.pdbx_number_atoms_ligand         19 
_refine_hist.number_atoms_solvent             141 
_refine_hist.number_atoms_total               1443 
_refine_hist.d_res_high                       1.90 
_refine_hist.d_res_low                        25.0 
# 
loop_
_refine_ls_restr.type 
_refine_ls_restr.dev_ideal 
_refine_ls_restr.dev_ideal_target 
_refine_ls_restr.weight 
_refine_ls_restr.number 
_refine_ls_restr.pdbx_refine_id 
_refine_ls_restr.pdbx_restraint_function 
c_angle_deg  2.06  ?     ? ? 'X-RAY DIFFRACTION' ? 
c_bond_d     0.023 ?     ? ? 'X-RAY DIFFRACTION' ? 
c_mcbond_it  1.582 1.500 ? ? 'X-RAY DIFFRACTION' ? 
c_scbond_it  2.559 2.000 ? ? 'X-RAY DIFFRACTION' ? 
c_mcangle_it 2.217 2.000 ? ? 'X-RAY DIFFRACTION' ? 
c_scangle_it 3.671 2.500 ? ? 'X-RAY DIFFRACTION' ? 
# 
_refine_ls_shell.pdbx_refine_id                   'X-RAY DIFFRACTION' 
_refine_ls_shell.pdbx_total_number_of_bins_used   ? 
_refine_ls_shell.d_res_high                       1.90 
_refine_ls_shell.d_res_low                        1.97 
_refine_ls_shell.number_reflns_R_work             ? 
_refine_ls_shell.R_factor_R_work                  0.225 
_refine_ls_shell.percent_reflns_obs               91.3 
_refine_ls_shell.R_factor_R_free                  0.295 
_refine_ls_shell.R_factor_R_free_error            0.07 
_refine_ls_shell.percent_reflns_R_free            ? 
_refine_ls_shell.number_reflns_R_free             59 
_refine_ls_shell.number_reflns_all                ? 
_refine_ls_shell.R_factor_all                     ? 
_refine_ls_shell.number_reflns_obs                1138 
_refine_ls_shell.redundancy_reflns_obs            ? 
# 
loop_
_pdbx_xplor_file.pdbx_refine_id 
_pdbx_xplor_file.serial_no 
_pdbx_xplor_file.param_file 
_pdbx_xplor_file.topol_file 
'X-RAY DIFFRACTION' 1 protein_rep.param ? 
'X-RAY DIFFRACTION' 2 water_rep.param   ? 
'X-RAY DIFFRACTION' 3 tpt.param         ? 
# 
_struct.entry_id                  3RO1 
_struct.title                     
'Crystal structure of the complex of the archaeal sulfolobus PTP-fold phosphatase with terpyridine platinum(II)' 
_struct.pdbx_model_details        ? 
_struct.pdbx_CASP_flag            ? 
_struct.pdbx_model_type_details   ? 
# 
_struct_keywords.entry_id        3RO1 
_struct_keywords.pdbx_keywords   'HYDROLASE/HYDROLASE INHIBITOR' 
_struct_keywords.text            'HYDROLASE-HYDROLASE INHIBITOR complex' 
# 
loop_
_struct_asym.id 
_struct_asym.pdbx_blank_PDB_chainid_flag 
_struct_asym.pdbx_modified 
_struct_asym.entity_id 
_struct_asym.details 
A N N 1 ? 
B N N 2 ? 
C N N 3 ? 
# 
_struct_biol.id        1 
_struct_biol.details   ? 
# 
loop_
_struct_conf.conf_type_id 
_struct_conf.id 
_struct_conf.pdbx_PDB_helix_id 
_struct_conf.beg_label_comp_id 
_struct_conf.beg_label_asym_id 
_struct_conf.beg_label_seq_id 
_struct_conf.pdbx_beg_PDB_ins_code 
_struct_conf.end_label_comp_id 
_struct_conf.end_label_asym_id 
_struct_conf.end_label_seq_id 
_struct_conf.pdbx_end_PDB_ins_code 
_struct_conf.beg_auth_comp_id 
_struct_conf.beg_auth_asym_id 
_struct_conf.beg_auth_seq_id 
_struct_conf.end_auth_comp_id 
_struct_conf.end_auth_asym_id 
_struct_conf.end_auth_seq_id 
_struct_conf.pdbx_PDB_helix_class 
_struct_conf.details 
_struct_conf.pdbx_PDB_helix_length 
HELX_P HELX_P1 1 THR A 17  ? GLY A 28  ? THR A 17  GLY A 28  1 ? 12 
HELX_P HELX_P2 2 GLU A 37  ? GLY A 46  ? GLU A 37  GLY A 46  1 ? 10 
HELX_P HELX_P3 3 ASP A 47  ? ASN A 58  ? ASP A 47  ASN A 58  1 ? 12 
HELX_P HELX_P4 4 SER A 74  ? GLU A 88  ? SER A 74  GLU A 88  1 ? 15 
HELX_P HELX_P5 5 ILE A 100 ? GLY A 116 ? ILE A 100 GLY A 116 1 ? 17 
HELX_P HELX_P6 6 GLU A 118 ? ARG A 130 ? GLU A 118 ARG A 130 1 ? 13 
HELX_P HELX_P7 7 THR A 136 ? MET A 149 ? THR A 136 MET A 149 1 ? 14 
HELX_P HELX_P8 8 MET A 149 ? TYR A 158 ? MET A 149 TYR A 158 1 ? 10 
# 
_struct_conf_type.id          HELX_P 
_struct_conf_type.criteria    ? 
_struct_conf_type.reference   ? 
# 
_struct_conn.id                            metalc1 
_struct_conn.conn_type_id                  metalc 
_struct_conn.pdbx_leaving_atom_flag        ? 
_struct_conn.pdbx_PDB_id                   ? 
_struct_conn.ptnr1_label_asym_id           B 
_struct_conn.ptnr1_label_comp_id           TPT 
_struct_conn.ptnr1_label_seq_id            . 
_struct_conn.ptnr1_label_atom_id           PT1 
_struct_conn.pdbx_ptnr1_label_alt_id       ? 
_struct_conn.pdbx_ptnr1_PDB_ins_code       ? 
_struct_conn.pdbx_ptnr1_standard_comp_id   ? 
_struct_conn.ptnr1_symmetry                1_555 
_struct_conn.ptnr2_label_asym_id           C 
_struct_conn.ptnr2_label_comp_id           HOH 
_struct_conn.ptnr2_label_seq_id            . 
_struct_conn.ptnr2_label_atom_id           O 
_struct_conn.pdbx_ptnr2_label_alt_id       ? 
_struct_conn.pdbx_ptnr2_PDB_ins_code       ? 
_struct_conn.ptnr1_auth_asym_id            A 
_struct_conn.ptnr1_auth_comp_id            TPT 
_struct_conn.ptnr1_auth_seq_id             165 
_struct_conn.ptnr2_auth_asym_id            A 
_struct_conn.ptnr2_auth_comp_id            HOH 
_struct_conn.ptnr2_auth_seq_id             281 
_struct_conn.ptnr2_symmetry                1_555 
_struct_conn.pdbx_ptnr3_label_atom_id      ? 
_struct_conn.pdbx_ptnr3_label_seq_id       ? 
_struct_conn.pdbx_ptnr3_label_comp_id      ? 
_struct_conn.pdbx_ptnr3_label_asym_id      ? 
_struct_conn.pdbx_ptnr3_label_alt_id       ? 
_struct_conn.pdbx_ptnr3_PDB_ins_code       ? 
_struct_conn.details                       ? 
_struct_conn.pdbx_dist_value               2.221 
_struct_conn.pdbx_value_order              ? 
_struct_conn.pdbx_role                     ? 
# 
_struct_conn_type.id          metalc 
_struct_conn_type.criteria    ? 
_struct_conn_type.reference   ? 
# 
_struct_sheet.id               A 
_struct_sheet.type             ? 
_struct_sheet.number_strands   5 
_struct_sheet.details          ? 
# 
loop_
_struct_sheet_order.sheet_id 
_struct_sheet_order.range_id_1 
_struct_sheet_order.range_id_2 
_struct_sheet_order.offset 
_struct_sheet_order.sense 
A 1 2 ? anti-parallel 
A 2 3 ? parallel      
A 3 4 ? parallel      
A 4 5 ? parallel      
# 
loop_
_struct_sheet_range.sheet_id 
_struct_sheet_range.id 
_struct_sheet_range.beg_label_comp_id 
_struct_sheet_range.beg_label_asym_id 
_struct_sheet_range.beg_label_seq_id 
_struct_sheet_range.pdbx_beg_PDB_ins_code 
_struct_sheet_range.end_label_comp_id 
_struct_sheet_range.end_label_asym_id 
_struct_sheet_range.end_label_seq_id 
_struct_sheet_range.pdbx_end_PDB_ins_code 
_struct_sheet_range.beg_auth_comp_id 
_struct_sheet_range.beg_auth_asym_id 
_struct_sheet_range.beg_auth_seq_id 
_struct_sheet_range.end_auth_comp_id 
_struct_sheet_range.end_auth_asym_id 
_struct_sheet_range.end_auth_seq_id 
A 1 TYR A 2  ? ARG A 5  ? TYR A 2  ARG A 5  
A 2 ILE A 9  ? SER A 12 ? ILE A 9  SER A 12 
A 3 ASN A 92 ? HIS A 95 ? ASN A 92 HIS A 95 
A 4 ARG A 31 ? VAL A 34 ? ARG A 31 VAL A 34 
A 5 GLN A 61 ? HIS A 64 ? GLN A 61 HIS A 64 
# 
loop_
_pdbx_struct_sheet_hbond.sheet_id 
_pdbx_struct_sheet_hbond.range_id_1 
_pdbx_struct_sheet_hbond.range_id_2 
_pdbx_struct_sheet_hbond.range_1_label_atom_id 
_pdbx_struct_sheet_hbond.range_1_label_comp_id 
_pdbx_struct_sheet_hbond.range_1_label_asym_id 
_pdbx_struct_sheet_hbond.range_1_label_seq_id 
_pdbx_struct_sheet_hbond.range_1_PDB_ins_code 
_pdbx_struct_sheet_hbond.range_1_auth_atom_id 
_pdbx_struct_sheet_hbond.range_1_auth_comp_id 
_pdbx_struct_sheet_hbond.range_1_auth_asym_id 
_pdbx_struct_sheet_hbond.range_1_auth_seq_id 
_pdbx_struct_sheet_hbond.range_2_label_atom_id 
_pdbx_struct_sheet_hbond.range_2_label_comp_id 
_pdbx_struct_sheet_hbond.range_2_label_asym_id 
_pdbx_struct_sheet_hbond.range_2_label_seq_id 
_pdbx_struct_sheet_hbond.range_2_PDB_ins_code 
_pdbx_struct_sheet_hbond.range_2_auth_atom_id 
_pdbx_struct_sheet_hbond.range_2_auth_comp_id 
_pdbx_struct_sheet_hbond.range_2_auth_asym_id 
_pdbx_struct_sheet_hbond.range_2_auth_seq_id 
A 1 2 N VAL A 4  ? N VAL A 4  O ILE A 9  ? O ILE A 9  
A 2 3 N GLY A 10 ? N GLY A 10 O ASN A 92 ? O ASN A 92 
A 3 4 O LEU A 93 ? O LEU A 93 N LEU A 33 ? N LEU A 33 
A 4 5 N VAL A 34 ? N VAL A 34 O LEU A 63 ? O LEU A 63 
# 
_struct_site.id                   AC1 
_struct_site.pdbx_evidence_code   Software 
_struct_site.pdbx_auth_asym_id    A 
_struct_site.pdbx_auth_comp_id    TPT 
_struct_site.pdbx_auth_seq_id     165 
_struct_site.pdbx_auth_ins_code   ? 
_struct_site.pdbx_num_residues    2 
_struct_site.details              'BINDING SITE FOR RESIDUE TPT A 165' 
# 
loop_
_struct_site_gen.id 
_struct_site_gen.site_id 
_struct_site_gen.pdbx_num_res 
_struct_site_gen.label_comp_id 
_struct_site_gen.label_asym_id 
_struct_site_gen.label_seq_id 
_struct_site_gen.pdbx_auth_ins_code 
_struct_site_gen.auth_comp_id 
_struct_site_gen.auth_asym_id 
_struct_site_gen.auth_seq_id 
_struct_site_gen.label_atom_id 
_struct_site_gen.label_alt_id 
_struct_site_gen.symmetry 
_struct_site_gen.details 
1 AC1 2 TRP A 39 ? TRP A 39  . ? 1_555 ? 
2 AC1 2 HOH C .  ? HOH A 281 . ? 1_555 ? 
# 
_atom_sites.entry_id                    3RO1 
_atom_sites.fract_transf_matrix[1][1]   0.00681124 
_atom_sites.fract_transf_matrix[1][2]   0.00626058 
_atom_sites.fract_transf_matrix[1][3]   0.01016549 
_atom_sites.fract_transf_matrix[2][1]   -0.01192428 
_atom_sites.fract_transf_matrix[2][2]   0.00414203 
_atom_sites.fract_transf_matrix[2][3]   0.00543877 
_atom_sites.fract_transf_matrix[3][1]   -0.00132007 
_atom_sites.fract_transf_matrix[3][2]   -0.02593326 
_atom_sites.fract_transf_matrix[3][3]   0.01685590 
_atom_sites.fract_transf_vector[1]      -0.208686 
_atom_sites.fract_transf_vector[2]      0.330191 
_atom_sites.fract_transf_vector[3]      -0.119205 
# 
loop_
_atom_type.symbol 
C  
N  
O  
PT 
S  
# 
loop_
_atom_site.group_PDB 
_atom_site.id 
_atom_site.type_symbol 
_atom_site.label_atom_id 
_atom_site.label_alt_id 
_atom_site.label_comp_id 
_atom_site.label_asym_id 
_atom_site.label_entity_id 
_atom_site.label_seq_id 
_atom_site.pdbx_PDB_ins_code 
_atom_site.Cartn_x 
_atom_site.Cartn_y 
_atom_site.Cartn_z 
_atom_site.occupancy 
_atom_site.B_iso_or_equiv 
_atom_site.pdbx_formal_charge 
_atom_site.auth_seq_id 
_atom_site.auth_comp_id 
_atom_site.auth_asym_id 
_atom_site.auth_atom_id 
_atom_site.pdbx_PDB_model_num 
ATOM   1    N  N   . MET A 1 1   ? 7.915   -9.039  4.961   1.00 24.38 ? 1   MET A N   1 
ATOM   2    C  CA  . MET A 1 1   ? 6.901   -8.546  3.933   1.00 22.68 ? 1   MET A CA  1 
ATOM   3    C  C   . MET A 1 1   ? 6.135   -9.774  3.422   1.00 22.69 ? 1   MET A C   1 
ATOM   4    O  O   . MET A 1 1   ? 6.645   -10.898 3.499   1.00 20.72 ? 1   MET A O   1 
ATOM   5    C  CB  . MET A 1 1   ? 7.582   -7.853  2.729   1.00 24.40 ? 1   MET A CB  1 
ATOM   6    C  CG  . MET A 1 1   ? 8.273   -8.842  1.759   1.00 26.55 ? 1   MET A CG  1 
ATOM   7    S  SD  . MET A 1 1   ? 8.445   -8.125  0.174   1.00 31.82 ? 1   MET A SD  1 
ATOM   8    C  CE  . MET A 1 1   ? 6.900   -8.605  -0.606  1.00 27.71 ? 1   MET A CE  1 
ATOM   9    N  N   . TYR A 1 2   ? 4.953   -9.548  2.855   1.00 20.36 ? 2   TYR A N   1 
ATOM   10   C  CA  . TYR A 1 2   ? 4.109   -10.626 2.328   1.00 19.25 ? 2   TYR A CA  1 
ATOM   11   C  C   . TYR A 1 2   ? 3.552   -10.280 0.988   1.00 18.36 ? 2   TYR A C   1 
ATOM   12   O  O   . TYR A 1 2   ? 3.318   -9.107  0.703   1.00 17.70 ? 2   TYR A O   1 
ATOM   13   C  CB  . TYR A 1 2   ? 2.920   -10.869 3.278   1.00 19.11 ? 2   TYR A CB  1 
ATOM   14   C  CG  . TYR A 1 2   ? 2.103   -9.600  3.629   1.00 17.11 ? 2   TYR A CG  1 
ATOM   15   C  CD1 . TYR A 1 2   ? 1.005   -9.211  2.858   1.00 19.12 ? 2   TYR A CD1 1 
ATOM   16   C  CD2 . TYR A 1 2   ? 2.453   -8.806  4.732   1.00 17.94 ? 2   TYR A CD2 1 
ATOM   17   C  CE1 . TYR A 1 2   ? 0.260   -8.018  3.205   1.00 19.09 ? 2   TYR A CE1 1 
ATOM   18   C  CE2 . TYR A 1 2   ? 1.748   -7.640  5.073   1.00 16.90 ? 2   TYR A CE2 1 
ATOM   19   C  CZ  . TYR A 1 2   ? 0.671   -7.264  4.294   1.00 20.11 ? 2   TYR A CZ  1 
ATOM   20   O  OH  . TYR A 1 2   ? 0.043   -6.096  4.574   1.00 22.41 ? 2   TYR A OH  1 
ATOM   21   N  N   . TRP A 1 3   ? 3.338   -11.279 0.141   1.00 18.62 ? 3   TRP A N   1 
ATOM   22   C  CA  . TRP A 1 3   ? 2.719   -10.999 -1.149  1.00 18.09 ? 3   TRP A CA  1 
ATOM   23   C  C   . TRP A 1 3   ? 1.237   -11.316 -1.063  1.00 19.83 ? 3   TRP A C   1 
ATOM   24   O  O   . TRP A 1 3   ? 0.847   -12.303 -0.436  1.00 19.96 ? 3   TRP A O   1 
ATOM   25   C  CB  . TRP A 1 3   ? 3.348   -11.842 -2.261  1.00 18.44 ? 3   TRP A CB  1 
ATOM   26   C  CG  . TRP A 1 3   ? 4.755   -11.450 -2.535  1.00 18.68 ? 3   TRP A CG  1 
ATOM   27   C  CD1 . TRP A 1 3   ? 5.894   -12.144 -2.183  1.00 21.15 ? 3   TRP A CD1 1 
ATOM   28   C  CD2 . TRP A 1 3   ? 5.193   -10.309 -3.269  1.00 19.59 ? 3   TRP A CD2 1 
ATOM   29   N  NE1 . TRP A 1 3   ? 7.004   -11.501 -2.673  1.00 19.73 ? 3   TRP A NE1 1 
ATOM   30   C  CE2 . TRP A 1 3   ? 6.601   -10.371 -3.347  1.00 19.83 ? 3   TRP A CE2 1 
ATOM   31   C  CE3 . TRP A 1 3   ? 4.533   -9.235  -3.869  1.00 18.90 ? 3   TRP A CE3 1 
ATOM   32   C  CZ2 . TRP A 1 3   ? 7.365   -9.397  -4.006  1.00 18.80 ? 3   TRP A CZ2 1 
ATOM   33   C  CZ3 . TRP A 1 3   ? 5.311   -8.251  -4.527  1.00 18.18 ? 3   TRP A CZ3 1 
ATOM   34   C  CH2 . TRP A 1 3   ? 6.708   -8.346  -4.586  1.00 19.76 ? 3   TRP A CH2 1 
ATOM   35   N  N   . VAL A 1 4   ? 0.405   -10.475 -1.682  1.00 18.55 ? 4   VAL A N   1 
ATOM   36   C  CA  . VAL A 1 4   ? -1.043  -10.735 -1.730  1.00 17.25 ? 4   VAL A CA  1 
ATOM   37   C  C   . VAL A 1 4   ? -1.236  -11.415 -3.102  1.00 17.95 ? 4   VAL A C   1 
ATOM   38   O  O   . VAL A 1 4   ? -2.074  -12.287 -3.258  1.00 19.10 ? 4   VAL A O   1 
ATOM   39   C  CB  . VAL A 1 4   ? -1.856  -9.399  -1.572  1.00 19.54 ? 4   VAL A CB  1 
ATOM   40   C  CG1 . VAL A 1 4   ? -3.282  -9.549  -2.045  1.00 19.65 ? 4   VAL A CG1 1 
ATOM   41   C  CG2 . VAL A 1 4   ? -1.895  -9.042  -0.056  1.00 17.72 ? 4   VAL A CG2 1 
ATOM   42   N  N   . ARG A 1 5   ? -0.481  -10.973 -4.101  1.00 18.13 ? 5   ARG A N   1 
ATOM   43   C  CA  . ARG A 1 5   ? -0.483  -11.583 -5.438  1.00 18.58 ? 5   ARG A CA  1 
ATOM   44   C  C   . ARG A 1 5   ? 1.007   -11.688 -5.674  1.00 21.62 ? 5   ARG A C   1 
ATOM   45   O  O   . ARG A 1 5   ? 1.701   -10.682 -5.736  1.00 20.66 ? 5   ARG A O   1 
ATOM   46   C  CB  . ARG A 1 5   ? -1.177  -10.681 -6.482  1.00 19.80 ? 5   ARG A CB  1 
ATOM   47   C  CG  . ARG A 1 5   ? -2.691  -10.612 -6.233  1.00 20.96 ? 5   ARG A CG  1 
ATOM   48   C  CD  . ARG A 1 5   ? -3.408  -11.977 -6.596  1.00 21.27 ? 5   ARG A CD  1 
ATOM   49   N  NE  . ARG A 1 5   ? -4.862  -11.882 -6.394  1.00 20.89 ? 5   ARG A NE  1 
ATOM   50   C  CZ  . ARG A 1 5   ? -5.540  -12.233 -5.294  1.00 19.94 ? 5   ARG A CZ  1 
ATOM   51   N  NH1 . ARG A 1 5   ? -4.932  -12.724 -4.242  1.00 21.11 ? 5   ARG A NH1 1 
ATOM   52   N  NH2 . ARG A 1 5   ? -6.877  -12.134 -5.257  1.00 20.98 ? 5   ARG A NH2 1 
ATOM   53   N  N   . ARG A 1 6   ? 1.490   -12.923 -5.810  1.00 24.30 ? 6   ARG A N   1 
ATOM   54   C  CA  . ARG A 1 6   ? 2.935   -13.176 -5.938  1.00 26.18 ? 6   ARG A CA  1 
ATOM   55   C  C   . ARG A 1 6   ? 3.758   -12.366 -6.885  1.00 27.52 ? 6   ARG A C   1 
ATOM   56   O  O   . ARG A 1 6   ? 3.642   -12.402 -8.094  1.00 26.54 ? 6   ARG A O   1 
ATOM   57   C  CB  . ARG A 1 6   ? 3.220   -14.675 -6.057  1.00 29.00 ? 6   ARG A CB  1 
ATOM   58   C  CG  . ARG A 1 6   ? 3.210   -15.309 -4.637  1.00 33.33 ? 6   ARG A CG  1 
ATOM   59   C  CD  . ARG A 1 6   ? 3.803   -16.746 -4.531  1.00 37.54 ? 6   ARG A CD  1 
ATOM   60   N  NE  . ARG A 1 6   ? 5.268   -16.746 -4.556  1.00 41.00 ? 6   ARG A NE  1 
ATOM   61   C  CZ  . ARG A 1 6   ? 6.055   -16.456 -3.514  1.00 42.83 ? 6   ARG A CZ  1 
ATOM   62   N  NH1 . ARG A 1 6   ? 5.529   -16.152 -2.326  1.00 43.73 ? 6   ARG A NH1 1 
ATOM   63   N  NH2 . ARG A 1 6   ? 7.377   -16.414 -3.671  1.00 43.85 ? 6   ARG A NH2 1 
ATOM   64   N  N   . LYS A 1 7   ? 4.605   -11.561 -6.251  1.00 29.21 ? 7   LYS A N   1 
ATOM   65   C  CA  . LYS A 1 7   ? 5.478   -10.653 -6.968  1.00 27.33 ? 7   LYS A CA  1 
ATOM   66   C  C   . LYS A 1 7   ? 4.762   -9.516  -7.720  1.00 24.08 ? 7   LYS A C   1 
ATOM   67   O  O   . LYS A 1 7   ? 5.429   -8.756  -8.363  1.00 26.17 ? 7   LYS A O   1 
ATOM   68   C  CB  . LYS A 1 7   ? 6.423   -11.446 -7.837  1.00 29.98 ? 7   LYS A CB  1 
ATOM   69   C  CG  . LYS A 1 7   ? 6.923   -12.697 -7.072  1.00 30.34 ? 7   LYS A CG  1 
ATOM   70   C  CD  . LYS A 1 7   ? 8.188   -12.435 -6.263  1.00 29.31 ? 7   LYS A CD  1 
ATOM   71   C  CE  . LYS A 1 7   ? 8.406   -13.582 -5.289  1.00 30.88 ? 7   LYS A CE  1 
ATOM   72   N  NZ  . LYS A 1 7   ? 9.855   -13.707 -4.983  1.00 32.32 ? 7   LYS A NZ  1 
ATOM   73   N  N   . THR A 1 8   ? 3.438   -9.366  -7.638  1.00 23.43 ? 8   THR A N   1 
ATOM   74   C  CA  . THR A 1 8   ? 2.816   -8.155  -8.254  1.00 22.43 ? 8   THR A CA  1 
ATOM   75   C  C   . THR A 1 8   ? 2.478   -7.123  -7.175  1.00 21.35 ? 8   THR A C   1 
ATOM   76   O  O   . THR A 1 8   ? 2.739   -5.915  -7.326  1.00 20.18 ? 8   THR A O   1 
ATOM   77   C  CB  . THR A 1 8   ? 1.560   -8.450  -9.096  1.00 22.72 ? 8   THR A CB  1 
ATOM   78   O  OG1 . THR A 1 8   ? 0.538   -9.060  -8.307  1.00 26.60 ? 8   THR A OG1 1 
ATOM   79   C  CG2 . THR A 1 8   ? 1.950   -9.382  -10.231 1.00 23.20 ? 8   THR A CG2 1 
ATOM   80   N  N   . ILE A 1 9   ? 1.903   -7.581  -6.068  1.00 18.72 ? 9   ILE A N   1 
ATOM   81   C  CA  . ILE A 1 9   ? 1.627   -6.627  -5.002  1.00 18.28 ? 9   ILE A CA  1 
ATOM   82   C  C   . ILE A 1 9   ? 1.682   -7.299  -3.608  1.00 17.50 ? 9   ILE A C   1 
ATOM   83   O  O   . ILE A 1 9   ? 1.132   -8.390  -3.367  1.00 18.53 ? 9   ILE A O   1 
ATOM   84   C  CB  . ILE A 1 9   ? 0.254   -5.893  -5.269  1.00 18.73 ? 9   ILE A CB  1 
ATOM   85   C  CG1 . ILE A 1 9   ? 0.139   -4.661  -4.395  1.00 19.27 ? 9   ILE A CG1 1 
ATOM   86   C  CG2 . ILE A 1 9   ? -0.938  -6.836  -5.047  1.00 19.90 ? 9   ILE A CG2 1 
ATOM   87   C  CD1 . ILE A 1 9   ? -0.982  -3.722  -4.855  1.00 20.77 ? 9   ILE A CD1 1 
ATOM   88   N  N   . GLY A 1 10  ? 2.404   -6.652  -2.705  1.00 16.06 ? 10  GLY A N   1 
ATOM   89   C  CA  . GLY A 1 10  ? 2.499   -7.164  -1.368  1.00 15.86 ? 10  GLY A CA  1 
ATOM   90   C  C   . GLY A 1 10  ? 2.546   -6.009  -0.367  1.00 15.98 ? 10  GLY A C   1 
ATOM   91   O  O   . GLY A 1 10  ? 2.498   -4.804  -0.748  1.00 11.32 ? 10  GLY A O   1 
ATOM   92   N  N   . GLY A 1 11  ? 2.710   -6.375  0.894   1.00 11.72 ? 11  GLY A N   1 
ATOM   93   C  CA  . GLY A 1 11  ? 2.752   -5.400  1.942   1.00 13.28 ? 11  GLY A CA  1 
ATOM   94   C  C   . GLY A 1 11  ? 3.871   -5.639  2.944   1.00 13.89 ? 11  GLY A C   1 
ATOM   95   O  O   . GLY A 1 11  ? 4.518   -6.710  3.025   1.00 13.80 ? 11  GLY A O   1 
ATOM   96   N  N   . SER A 1 12  ? 4.043   -4.664  3.825   1.00 15.83 ? 12  SER A N   1 
ATOM   97   C  CA  . SER A 1 12  ? 5.098   -4.776  4.829   1.00 14.51 ? 12  SER A CA  1 
ATOM   98   C  C   . SER A 1 12  ? 4.942   -3.623  5.787   1.00 15.26 ? 12  SER A C   1 
ATOM   99   O  O   . SER A 1 12  ? 4.118   -2.714  5.536   1.00 15.83 ? 12  SER A O   1 
ATOM   100  C  CB  . SER A 1 12  ? 6.431   -4.644  4.081   1.00 19.13 ? 12  SER A CB  1 
ATOM   101  O  OG  . SER A 1 12  ? 7.470   -4.302  4.950   1.00 23.90 ? 12  SER A OG  1 
ATOM   102  N  N   . GLY A 1 13  ? 5.756   -3.629  6.846   1.00 14.83 ? 13  GLY A N   1 
ATOM   103  C  CA  . GLY A 1 13  ? 5.807   -2.510  7.782   1.00 16.04 ? 13  GLY A CA  1 
ATOM   104  C  C   . GLY A 1 13  ? 7.053   -1.695  7.396   1.00 18.55 ? 13  GLY A C   1 
ATOM   105  O  O   . GLY A 1 13  ? 7.688   -1.939  6.346   1.00 17.86 ? 13  GLY A O   1 
ATOM   106  N  N   . LEU A 1 14  ? 7.396   -0.742  8.251   1.00 18.63 ? 14  LEU A N   1 
ATOM   107  C  CA  . LEU A 1 14  ? 8.543   0.160   8.062   1.00 19.26 ? 14  LEU A CA  1 
ATOM   108  C  C   . LEU A 1 14  ? 9.891   -0.521  8.296   1.00 19.10 ? 14  LEU A C   1 
ATOM   109  O  O   . LEU A 1 14  ? 10.134  -1.071  9.357   1.00 20.17 ? 14  LEU A O   1 
ATOM   110  C  CB  . LEU A 1 14  ? 8.377   1.320   9.050   1.00 19.37 ? 14  LEU A CB  1 
ATOM   111  C  CG  . LEU A 1 14  ? 9.467   2.405   9.070   1.00 18.18 ? 14  LEU A CG  1 
ATOM   112  C  CD1 . LEU A 1 14  ? 9.435   3.166   7.697   1.00 16.87 ? 14  LEU A CD1 1 
ATOM   113  C  CD2 . LEU A 1 14  ? 9.141   3.353   10.181  1.00 16.60 ? 14  LEU A CD2 1 
ATOM   114  N  N   . PRO A 1 15  ? 10.780  -0.509  7.308   1.00 20.02 ? 15  PRO A N   1 
ATOM   115  C  CA  . PRO A 1 15  ? 12.043  -1.191  7.628   1.00 22.19 ? 15  PRO A CA  1 
ATOM   116  C  C   . PRO A 1 15  ? 12.817  -0.359  8.638   1.00 23.46 ? 15  PRO A C   1 
ATOM   117  O  O   . PRO A 1 15  ? 12.738  0.883   8.642   1.00 20.22 ? 15  PRO A O   1 
ATOM   118  C  CB  . PRO A 1 15  ? 12.765  -1.279  6.258   1.00 22.49 ? 15  PRO A CB  1 
ATOM   119  C  CG  . PRO A 1 15  ? 12.280  -0.092  5.571   1.00 22.07 ? 15  PRO A CG  1 
ATOM   120  C  CD  . PRO A 1 15  ? 10.838  0.163   6.008   1.00 19.22 ? 15  PRO A CD  1 
ATOM   121  N  N   . TYR A 1 16  ? 13.552  -1.058  9.488   1.00 25.02 ? 16  TYR A N   1 
ATOM   122  C  CA  . TYR A 1 16  ? 14.408  -0.441  10.486  1.00 28.63 ? 16  TYR A CA  1 
ATOM   123  C  C   . TYR A 1 16  ? 15.821  -0.143  9.954   1.00 27.93 ? 16  TYR A C   1 
ATOM   124  O  O   . TYR A 1 16  ? 16.449  0.790   10.381  1.00 28.62 ? 16  TYR A O   1 
ATOM   125  C  CB  . TYR A 1 16  ? 14.546  -1.375  11.697  1.00 33.63 ? 16  TYR A CB  1 
ATOM   126  C  CG  . TYR A 1 16  ? 13.285  -1.527  12.561  1.00 39.63 ? 16  TYR A CG  1 
ATOM   127  C  CD1 . TYR A 1 16  ? 12.286  -0.540  12.565  1.00 42.36 ? 16  TYR A CD1 1 
ATOM   128  C  CD2 . TYR A 1 16  ? 13.111  -2.642  13.405  1.00 40.71 ? 16  TYR A CD2 1 
ATOM   129  C  CE1 . TYR A 1 16  ? 11.155  -0.658  13.380  1.00 43.37 ? 16  TYR A CE1 1 
ATOM   130  C  CE2 . TYR A 1 16  ? 11.986  -2.755  14.219  1.00 42.51 ? 16  TYR A CE2 1 
ATOM   131  C  CZ  . TYR A 1 16  ? 11.015  -1.758  14.198  1.00 43.87 ? 16  TYR A CZ  1 
ATOM   132  O  OH  . TYR A 1 16  ? 9.881   -1.852  15.008  1.00 46.69 ? 16  TYR A OH  1 
ATOM   133  N  N   . THR A 1 17  ? 16.323  -0.924  9.009   1.00 27.56 ? 17  THR A N   1 
ATOM   134  C  CA  . THR A 1 17  ? 17.699  -0.743  8.508   1.00 27.45 ? 17  THR A CA  1 
ATOM   135  C  C   . THR A 1 17  ? 17.749  -0.891  7.027   1.00 26.97 ? 17  THR A C   1 
ATOM   136  O  O   . THR A 1 17  ? 16.749  -1.247  6.401   1.00 26.60 ? 17  THR A O   1 
ATOM   137  C  CB  . THR A 1 17  ? 18.646  -1.829  9.060   1.00 29.13 ? 17  THR A CB  1 
ATOM   138  O  OG1 . THR A 1 17  ? 18.298  -3.085  8.460   1.00 29.92 ? 17  THR A OG1 1 
ATOM   139  C  CG2 . THR A 1 17  ? 18.489  -1.937  10.548  1.00 28.28 ? 17  THR A CG2 1 
ATOM   140  N  N   . GLU A 1 18  ? 18.915  -0.662  6.459   1.00 25.20 ? 18  GLU A N   1 
ATOM   141  C  CA  . GLU A 1 18  ? 19.008  -0.755  5.019   1.00 27.11 ? 18  GLU A CA  1 
ATOM   142  C  C   . GLU A 1 18  ? 19.025  -2.226  4.553   1.00 26.55 ? 18  GLU A C   1 
ATOM   143  O  O   . GLU A 1 18  ? 18.613  -2.553  3.441   1.00 23.49 ? 18  GLU A O   1 
ATOM   144  C  CB  . GLU A 1 18  ? 20.234  0.039   4.529   1.00 29.97 ? 18  GLU A CB  1 
ATOM   145  C  CG  . GLU A 1 18  ? 20.050  0.515   3.131   1.00 34.22 ? 18  GLU A CG  1 
ATOM   146  C  CD  . GLU A 1 18  ? 21.080  1.536   2.674   1.00 37.05 ? 18  GLU A CD  1 
ATOM   147  O  OE1 . GLU A 1 18  ? 21.378  2.501   3.411   1.00 39.14 ? 18  GLU A OE1 1 
ATOM   148  O  OE2 . GLU A 1 18  ? 21.571  1.378   1.542   1.00 39.41 ? 18  GLU A OE2 1 
ATOM   149  N  N   . ASN A 1 19  ? 19.488  -3.100  5.434   1.00 25.93 ? 19  ASN A N   1 
ATOM   150  C  CA  . ASN A 1 19  ? 19.517  -4.523  5.167   1.00 28.80 ? 19  ASN A CA  1 
ATOM   151  C  C   . ASN A 1 19  ? 18.087  -5.061  4.964   1.00 26.73 ? 19  ASN A C   1 
ATOM   152  O  O   . ASN A 1 19  ? 17.889  -5.998  4.194   1.00 27.03 ? 19  ASN A O   1 
ATOM   153  C  CB  . ASN A 1 19  ? 20.208  -5.257  6.342   1.00 31.49 ? 19  ASN A CB  1 
ATOM   154  C  CG  . ASN A 1 19  ? 21.729  -5.079  6.338   1.00 35.88 ? 19  ASN A CG  1 
ATOM   155  O  OD1 . ASN A 1 19  ? 22.317  -4.810  7.378   1.00 41.29 ? 19  ASN A OD1 1 
ATOM   156  N  ND2 . ASN A 1 19  ? 22.373  -5.244  5.174   1.00 38.22 ? 19  ASN A ND2 1 
ATOM   157  N  N   . GLU A 1 20  ? 17.088  -4.484  5.628   1.00 24.48 ? 20  GLU A N   1 
ATOM   158  C  CA  . GLU A 1 20  ? 15.728  -4.960  5.425   1.00 23.83 ? 20  GLU A CA  1 
ATOM   159  C  C   . GLU A 1 20  ? 15.205  -4.490  4.070   1.00 22.94 ? 20  GLU A C   1 
ATOM   160  O  O   . GLU A 1 20  ? 14.382  -5.167  3.459   1.00 22.70 ? 20  GLU A O   1 
ATOM   161  C  CB  . GLU A 1 20  ? 14.814  -4.478  6.541   1.00 27.42 ? 20  GLU A CB  1 
ATOM   162  C  CG  . GLU A 1 20  ? 15.168  -5.066  7.908   1.00 31.68 ? 20  GLU A CG  1 
ATOM   163  C  CD  . GLU A 1 20  ? 14.517  -4.292  9.054   1.00 33.72 ? 20  GLU A CD  1 
ATOM   164  O  OE1 . GLU A 1 20  ? 13.318  -4.048  9.001   1.00 34.67 ? 20  GLU A OE1 1 
ATOM   165  O  OE2 . GLU A 1 20  ? 15.198  -3.928  10.025  1.00 40.40 ? 20  GLU A OE2 1 
ATOM   166  N  N   . ILE A 1 21  ? 15.706  -3.354  3.578   1.00 20.26 ? 21  ILE A N   1 
ATOM   167  C  CA  . ILE A 1 21  ? 15.280  -2.856  2.274   1.00 19.95 ? 21  ILE A CA  1 
ATOM   168  C  C   . ILE A 1 21  ? 15.923  -3.765  1.148   1.00 21.48 ? 21  ILE A C   1 
ATOM   169  O  O   . ILE A 1 21  ? 15.331  -4.004  0.066   1.00 19.73 ? 21  ILE A O   1 
ATOM   170  C  CB  . ILE A 1 21  ? 15.743  -1.407  2.113   1.00 18.18 ? 21  ILE A CB  1 
ATOM   171  C  CG1 . ILE A 1 21  ? 14.896  -0.478  3.008   1.00 20.90 ? 21  ILE A CG1 1 
ATOM   172  C  CG2 . ILE A 1 21  ? 15.686  -1.001  0.689   1.00 19.13 ? 21  ILE A CG2 1 
ATOM   173  C  CD1 . ILE A 1 21  ? 15.553  0.877   3.230   1.00 20.96 ? 21  ILE A CD1 1 
ATOM   174  N  N   . LEU A 1 22  ? 17.150  -4.226  1.393   1.00 20.68 ? 22  LEU A N   1 
ATOM   175  C  CA  . LEU A 1 22  ? 17.780  -5.094  0.408   1.00 23.52 ? 22  LEU A CA  1 
ATOM   176  C  C   . LEU A 1 22  ? 17.016  -6.447  0.429   1.00 24.07 ? 22  LEU A C   1 
ATOM   177  O  O   . LEU A 1 22  ? 16.913  -7.097  -0.622  1.00 24.41 ? 22  LEU A O   1 
ATOM   178  C  CB  . LEU A 1 22  ? 19.274  -5.279  0.717   1.00 26.05 ? 22  LEU A CB  1 
ATOM   179  C  CG  . LEU A 1 22  ? 20.161  -4.019  0.730   1.00 29.14 ? 22  LEU A CG  1 
ATOM   180  C  CD1 . LEU A 1 22  ? 21.571  -4.464  1.130   1.00 33.01 ? 22  LEU A CD1 1 
ATOM   181  C  CD2 . LEU A 1 22  ? 20.251  -3.355  -0.638  1.00 28.93 ? 22  LEU A CD2 1 
ATOM   182  N  N   . GLU A 1 23  ? 16.503  -6.866  1.591   1.00 24.00 ? 23  GLU A N   1 
ATOM   183  C  CA  . GLU A 1 23  ? 15.674  -8.091  1.681   1.00 24.43 ? 23  GLU A CA  1 
ATOM   184  C  C   . GLU A 1 23  ? 14.451  -7.877  0.743   1.00 22.86 ? 23  GLU A C   1 
ATOM   185  O  O   . GLU A 1 23  ? 14.038  -8.805  0.032   1.00 22.03 ? 23  GLU A O   1 
ATOM   186  C  CB  . GLU A 1 23  ? 15.158  -8.349  3.103   1.00 27.49 ? 23  GLU A CB  1 
ATOM   187  C  CG  . GLU A 1 23  ? 16.162  -8.822  4.099   1.00 33.79 ? 23  GLU A CG  1 
ATOM   188  C  CD  . GLU A 1 23  ? 15.727  -8.582  5.601   1.00 37.84 ? 23  GLU A CD  1 
ATOM   189  O  OE1 . GLU A 1 23  ? 14.511  -8.655  5.935   1.00 37.18 ? 23  GLU A OE1 1 
ATOM   190  O  OE2 . GLU A 1 23  ? 16.641  -8.334  6.448   1.00 41.40 ? 23  GLU A OE2 1 
ATOM   191  N  N   . TRP A 1 24  ? 13.890  -6.669  0.710   1.00 19.91 ? 24  TRP A N   1 
ATOM   192  C  CA  . TRP A 1 24  ? 12.764  -6.422  -0.215  1.00 19.78 ? 24  TRP A CA  1 
ATOM   193  C  C   . TRP A 1 24  ? 13.255  -6.610  -1.651  1.00 18.75 ? 24  TRP A C   1 
ATOM   194  O  O   . TRP A 1 24  ? 12.585  -7.234  -2.462  1.00 18.06 ? 24  TRP A O   1 
ATOM   195  C  CB  . TRP A 1 24  ? 12.220  -4.999  -0.140  1.00 18.14 ? 24  TRP A CB  1 
ATOM   196  C  CG  . TRP A 1 24  ? 11.509  -4.653  1.122   1.00 17.18 ? 24  TRP A CG  1 
ATOM   197  C  CD1 . TRP A 1 24  ? 11.076  -5.505  2.109   1.00 18.55 ? 24  TRP A CD1 1 
ATOM   198  C  CD2 . TRP A 1 24  ? 11.160  -3.334  1.543   1.00 17.60 ? 24  TRP A CD2 1 
ATOM   199  N  NE1 . TRP A 1 24  ? 10.460  -4.765  3.141   1.00 19.03 ? 24  TRP A NE1 1 
ATOM   200  C  CE2 . TRP A 1 24  ? 10.507  -3.440  2.811   1.00 17.17 ? 24  TRP A CE2 1 
ATOM   201  C  CE3 . TRP A 1 24  ? 11.324  -2.073  0.970   1.00 19.68 ? 24  TRP A CE3 1 
ATOM   202  C  CZ2 . TRP A 1 24  ? 10.029  -2.313  3.516   1.00 17.83 ? 24  TRP A CZ2 1 
ATOM   203  C  CZ3 . TRP A 1 24  ? 10.837  -0.958  1.663   1.00 17.42 ? 24  TRP A CZ3 1 
ATOM   204  C  CH2 . TRP A 1 24  ? 10.210  -1.081  2.912   1.00 17.24 ? 24  TRP A CH2 1 
ATOM   205  N  N   . ARG A 1 25  ? 14.431  -6.068  -1.986  1.00 20.59 ? 25  ARG A N   1 
ATOM   206  C  CA  . ARG A 1 25  ? 14.870  -6.199  -3.405  1.00 23.44 ? 25  ARG A CA  1 
ATOM   207  C  C   . ARG A 1 25  ? 15.023  -7.662  -3.783  1.00 23.54 ? 25  ARG A C   1 
ATOM   208  O  O   . ARG A 1 25  ? 14.593  -8.086  -4.862  1.00 22.78 ? 25  ARG A O   1 
ATOM   209  C  CB  . ARG A 1 25  ? 16.208  -5.504  -3.695  1.00 25.94 ? 25  ARG A CB  1 
ATOM   210  C  CG  . ARG A 1 25  ? 16.184  -4.044  -3.601  1.00 30.31 ? 25  ARG A CG  1 
ATOM   211  C  CD  . ARG A 1 25  ? 17.562  -3.500  -3.972  1.00 33.48 ? 25  ARG A CD  1 
ATOM   212  N  NE  . ARG A 1 25  ? 17.812  -3.548  -5.408  1.00 34.70 ? 25  ARG A NE  1 
ATOM   213  C  CZ  . ARG A 1 25  ? 18.907  -3.054  -5.966  1.00 36.96 ? 25  ARG A CZ  1 
ATOM   214  N  NH1 . ARG A 1 25  ? 19.082  -3.110  -7.267  1.00 38.57 ? 25  ARG A NH1 1 
ATOM   215  N  NH2 . ARG A 1 25  ? 19.849  -2.508  -5.203  1.00 38.21 ? 25  ARG A NH2 1 
ATOM   216  N  N   . LYS A 1 26  ? 15.616  -8.424  -2.877  1.00 22.77 ? 26  LYS A N   1 
ATOM   217  C  CA  . LYS A 1 26  ? 15.842  -9.851  -3.118  1.00 23.87 ? 26  LYS A CA  1 
ATOM   218  C  C   . LYS A 1 26  ? 14.526  -10.622 -3.326  1.00 23.21 ? 26  LYS A C   1 
ATOM   219  O  O   . LYS A 1 26  ? 14.472  -11.582 -4.078  1.00 21.46 ? 26  LYS A O   1 
ATOM   220  C  CB  . LYS A 1 26  ? 16.594  -10.474 -1.939  1.00 22.96 ? 26  LYS A CB  1 
ATOM   221  C  CG  . LYS A 1 26  ? 17.226  -11.845 -2.269  1.00 24.67 ? 26  LYS A CG  1 
ATOM   222  C  CD  . LYS A 1 26  ? 18.212  -12.287 -1.145  1.00 26.57 ? 26  LYS A CD  1 
ATOM   223  C  CE  . LYS A 1 26  ? 18.845  -13.684 -1.463  1.00 27.31 ? 26  LYS A CE  1 
ATOM   224  N  NZ  . LYS A 1 26  ? 17.762  -14.697 -1.602  1.00 27.54 ? 26  LYS A NZ  1 
ATOM   225  N  N   . GLU A 1 27  ? 13.471  -10.187 -2.641  1.00 22.99 ? 27  GLU A N   1 
ATOM   226  C  CA  . GLU A 1 27  ? 12.157  -10.808 -2.742  1.00 23.11 ? 27  GLU A CA  1 
ATOM   227  C  C   . GLU A 1 27  ? 11.398  -10.449 -4.056  1.00 22.14 ? 27  GLU A C   1 
ATOM   228  O  O   . GLU A 1 27  ? 10.343  -11.055 -4.399  1.00 21.76 ? 27  GLU A O   1 
ATOM   229  C  CB  . GLU A 1 27  ? 11.378  -10.398 -1.461  1.00 26.02 ? 27  GLU A CB  1 
ATOM   230  C  CG  . GLU A 1 27  ? 10.024  -11.093 -1.224  1.00 30.30 ? 27  GLU A CG  1 
ATOM   231  C  CD  . GLU A 1 27  ? 10.136  -12.571 -1.491  1.00 32.73 ? 27  GLU A CD  1 
ATOM   232  O  OE1 . GLU A 1 27  ? 11.000  -13.194 -0.809  1.00 31.72 ? 27  GLU A OE1 1 
ATOM   233  O  OE2 . GLU A 1 27  ? 9.401   -13.082 -2.392  1.00 32.12 ? 27  GLU A OE2 1 
ATOM   234  N  N   . GLY A 1 28  ? 11.915  -9.455  -4.771  1.00 18.38 ? 28  GLY A N   1 
ATOM   235  C  CA  . GLY A 1 28  ? 11.311  -9.032  -6.019  1.00 19.54 ? 28  GLY A CA  1 
ATOM   236  C  C   . GLY A 1 28  ? 10.624  -7.668  -6.005  1.00 18.49 ? 28  GLY A C   1 
ATOM   237  O  O   . GLY A 1 28  ? 9.932   -7.299  -6.950  1.00 18.12 ? 28  GLY A O   1 
ATOM   238  N  N   . VAL A 1 29  ? 10.763  -6.920  -4.927  1.00 19.23 ? 29  VAL A N   1 
ATOM   239  C  CA  . VAL A 1 29  ? 10.162  -5.590  -4.868  1.00 16.68 ? 29  VAL A CA  1 
ATOM   240  C  C   . VAL A 1 29  ? 10.918  -4.642  -5.792  1.00 19.18 ? 29  VAL A C   1 
ATOM   241  O  O   . VAL A 1 29  ? 12.189  -4.619  -5.798  1.00 19.82 ? 29  VAL A O   1 
ATOM   242  C  CB  . VAL A 1 29  ? 10.251  -4.991  -3.446  1.00 16.94 ? 29  VAL A CB  1 
ATOM   243  C  CG1 . VAL A 1 29  ? 9.794   -3.446  -3.459  1.00 16.00 ? 29  VAL A CG1 1 
ATOM   244  C  CG2 . VAL A 1 29  ? 9.407   -5.841  -2.482  1.00 16.27 ? 29  VAL A CG2 1 
ATOM   245  N  N   . LYS A 1 30  ? 10.154  -3.856  -6.556  1.00 19.23 ? 30  LYS A N   1 
ATOM   246  C  CA  . LYS A 1 30  ? 10.716  -2.872  -7.495  1.00 22.39 ? 30  LYS A CA  1 
ATOM   247  C  C   . LYS A 1 30  ? 10.252  -1.446  -7.277  1.00 20.83 ? 30  LYS A C   1 
ATOM   248  O  O   . LYS A 1 30  ? 10.954  -0.502  -7.635  1.00 21.73 ? 30  LYS A O   1 
ATOM   249  C  CB  . LYS A 1 30  ? 10.366  -3.215  -8.964  1.00 23.82 ? 30  LYS A CB  1 
ATOM   250  C  CG  . LYS A 1 30  ? 10.892  -4.542  -9.414  1.00 28.18 ? 30  LYS A CG  1 
ATOM   251  C  CD  . LYS A 1 30  ? 10.279  -4.930  -10.742 1.00 33.30 ? 30  LYS A CD  1 
ATOM   252  C  CE  . LYS A 1 30  ? 10.736  -6.342  -11.204 1.00 33.49 ? 30  LYS A CE  1 
ATOM   253  N  NZ  . LYS A 1 30  ? 12.054  -6.664  -10.593 1.00 32.98 ? 30  LYS A NZ  1 
ATOM   254  N  N   . ARG A 1 31  ? 9.068   -1.286  -6.686  1.00 19.54 ? 31  ARG A N   1 
ATOM   255  C  CA  . ARG A 1 31  ? 8.495   0.050   -6.491  1.00 19.27 ? 31  ARG A CA  1 
ATOM   256  C  C   . ARG A 1 31  ? 7.824   0.043   -5.103  1.00 17.55 ? 31  ARG A C   1 
ATOM   257  O  O   . ARG A 1 31  ? 7.251   -0.993  -4.693  1.00 17.41 ? 31  ARG A O   1 
ATOM   258  C  CB  . ARG A 1 31  ? 7.398   0.279   -7.552  1.00 21.49 ? 31  ARG A CB  1 
ATOM   259  C  CG  . ARG A 1 31  ? 7.791   -0.005  -8.932  1.00 25.07 ? 31  ARG A CG  1 
ATOM   260  C  CD  . ARG A 1 31  ? 6.534   -0.088  -9.712  1.00 21.55 ? 31  ARG A CD  1 
ATOM   261  N  NE  . ARG A 1 31  ? 6.176   1.244   -10.089 1.00 21.26 ? 31  ARG A NE  1 
ATOM   262  C  CZ  . ARG A 1 31  ? 4.920   1.676   -10.072 1.00 21.82 ? 31  ARG A CZ  1 
ATOM   263  N  NH1 . ARG A 1 31  ? 3.935   0.863   -9.666  1.00 20.87 ? 31  ARG A NH1 1 
ATOM   264  N  NH2 . ARG A 1 31  ? 4.635   2.897   -10.513 1.00 20.09 ? 31  ARG A NH2 1 
ATOM   265  N  N   . VAL A 1 32  ? 7.888   1.165   -4.381  1.00 14.42 ? 32  VAL A N   1 
ATOM   266  C  CA  . VAL A 1 32  ? 7.348   1.185   -3.027  1.00 15.72 ? 32  VAL A CA  1 
ATOM   267  C  C   . VAL A 1 32  ? 6.380   2.351   -2.809  1.00 16.63 ? 32  VAL A C   1 
ATOM   268  O  O   . VAL A 1 32  ? 6.757   3.498   -3.041  1.00 14.80 ? 32  VAL A O   1 
ATOM   269  C  CB  . VAL A 1 32  ? 8.499   1.346   -1.939  1.00 15.75 ? 32  VAL A CB  1 
ATOM   270  C  CG1 . VAL A 1 32  ? 7.916   1.132   -0.479  1.00 16.20 ? 32  VAL A CG1 1 
ATOM   271  C  CG2 . VAL A 1 32  ? 9.621   0.251   -2.137  1.00 15.97 ? 32  VAL A CG2 1 
ATOM   272  N  N   . LEU A 1 33  ? 5.190   2.054   -2.274  1.00 13.16 ? 33  LEU A N   1 
ATOM   273  C  CA  . LEU A 1 33  ? 4.188   3.045   -1.984  1.00 15.05 ? 33  LEU A CA  1 
ATOM   274  C  C   . LEU A 1 33  ? 4.330   3.271   -0.457  1.00 15.12 ? 33  LEU A C   1 
ATOM   275  O  O   . LEU A 1 33  ? 4.088   2.358   0.375   1.00 14.02 ? 33  LEU A O   1 
ATOM   276  C  CB  . LEU A 1 33  ? 2.788   2.514   -2.352  1.00 14.01 ? 33  LEU A CB  1 
ATOM   277  C  CG  . LEU A 1 33  ? 1.639   3.413   -1.891  1.00 15.94 ? 33  LEU A CG  1 
ATOM   278  C  CD1 . LEU A 1 33  ? 1.775   4.832   -2.450  1.00 19.06 ? 33  LEU A CD1 1 
ATOM   279  C  CD2 . LEU A 1 33  ? 0.318   2.844   -2.440  1.00 14.92 ? 33  LEU A CD2 1 
ATOM   280  N  N   . VAL A 1 34  ? 4.781   4.451   -0.094  1.00 13.23 ? 34  VAL A N   1 
ATOM   281  C  CA  . VAL A 1 34  ? 5.083   4.722   1.315   1.00 14.75 ? 34  VAL A CA  1 
ATOM   282  C  C   . VAL A 1 34  ? 3.894   5.422   1.926   1.00 13.88 ? 34  VAL A C   1 
ATOM   283  O  O   . VAL A 1 34  ? 3.607   6.576   1.572   1.00 13.48 ? 34  VAL A O   1 
ATOM   284  C  CB  . VAL A 1 34  ? 6.320   5.628   1.430   1.00 14.53 ? 34  VAL A CB  1 
ATOM   285  C  CG1 . VAL A 1 34  ? 6.695   5.919   2.939   1.00 14.71 ? 34  VAL A CG1 1 
ATOM   286  C  CG2 . VAL A 1 34  ? 7.448   4.992   0.672   1.00 16.69 ? 34  VAL A CG2 1 
ATOM   287  N  N   . LEU A 1 35  ? 3.249   4.756   2.891   1.00 13.11 ? 35  LEU A N   1 
ATOM   288  C  CA  . LEU A 1 35  ? 2.057   5.307   3.515   1.00 13.42 ? 35  LEU A CA  1 
ATOM   289  C  C   . LEU A 1 35  ? 2.171   6.024   4.874   1.00 14.29 ? 35  LEU A C   1 
ATOM   290  O  O   . LEU A 1 35  ? 1.259   6.746   5.246   1.00 14.34 ? 35  LEU A O   1 
ATOM   291  C  CB  . LEU A 1 35  ? 0.950   4.209   3.688   1.00 14.11 ? 35  LEU A CB  1 
ATOM   292  C  CG  . LEU A 1 35  ? 0.569   3.393   2.446   1.00 15.16 ? 35  LEU A CG  1 
ATOM   293  C  CD1 . LEU A 1 35  ? -0.568  2.389   2.756   1.00 15.79 ? 35  LEU A CD1 1 
ATOM   294  C  CD2 . LEU A 1 35  ? 0.139   4.386   1.368   1.00 15.30 ? 35  LEU A CD2 1 
ATOM   295  N  N   . PRO A 1 36  ? 3.256   5.809   5.658   1.00 15.95 ? 36  PRO A N   1 
ATOM   296  C  CA  . PRO A 1 36  ? 3.198   6.549   6.931   1.00 17.01 ? 36  PRO A CA  1 
ATOM   297  C  C   . PRO A 1 36  ? 3.388   8.060   6.835   1.00 17.36 ? 36  PRO A C   1 
ATOM   298  O  O   . PRO A 1 36  ? 3.874   8.595   5.770   1.00 17.47 ? 36  PRO A O   1 
ATOM   299  C  CB  . PRO A 1 36  ? 4.295   5.887   7.799   1.00 16.92 ? 36  PRO A CB  1 
ATOM   300  C  CG  . PRO A 1 36  ? 4.708   4.626   6.972   1.00 17.74 ? 36  PRO A CG  1 
ATOM   301  C  CD  . PRO A 1 36  ? 4.447   4.966   5.551   1.00 15.58 ? 36  PRO A CD  1 
ATOM   302  N  N   . GLU A 1 37  ? 2.991   8.770   7.915   1.00 17.60 ? 37  GLU A N   1 
ATOM   303  C  CA  . GLU A 1 37  ? 3.187   10.231  7.940   1.00 17.44 ? 37  GLU A CA  1 
ATOM   304  C  C   . GLU A 1 37  ? 4.667   10.508  8.199   1.00 18.12 ? 37  GLU A C   1 
ATOM   305  O  O   . GLU A 1 37  ? 5.376   9.610   8.658   1.00 15.00 ? 37  GLU A O   1 
ATOM   306  C  CB  . GLU A 1 37  ? 2.347   10.865  9.060   1.00 20.47 ? 37  GLU A CB  1 
ATOM   307  C  CG  . GLU A 1 37  ? 0.857   10.694  8.811   1.00 23.27 ? 37  GLU A CG  1 
ATOM   308  C  CD  . GLU A 1 37  ? -0.005  11.423  9.837   1.00 25.07 ? 37  GLU A CD  1 
ATOM   309  O  OE1 . GLU A 1 37  ? -0.178  10.978  10.990  1.00 29.12 ? 37  GLU A OE1 1 
ATOM   310  O  OE2 . GLU A 1 37  ? -0.518  12.470  9.471   1.00 30.14 ? 37  GLU A OE2 1 
ATOM   311  N  N   . ASP A 1 38  ? 5.146   11.735  7.919   1.00 18.49 ? 38  ASP A N   1 
ATOM   312  C  CA  . ASP A 1 38  ? 6.568   12.051  8.155   1.00 20.27 ? 38  ASP A CA  1 
ATOM   313  C  C   . ASP A 1 38  ? 7.092   11.610  9.531   1.00 20.26 ? 38  ASP A C   1 
ATOM   314  O  O   . ASP A 1 38  ? 8.110   10.966  9.600   1.00 17.47 ? 38  ASP A O   1 
ATOM   315  C  CB  . ASP A 1 38  ? 6.880   13.567  8.051   1.00 22.73 ? 38  ASP A CB  1 
ATOM   316  C  CG  . ASP A 1 38  ? 6.650   14.120  6.674   1.00 26.82 ? 38  ASP A CG  1 
ATOM   317  O  OD1 . ASP A 1 38  ? 6.156   13.379  5.813   1.00 25.67 ? 38  ASP A OD1 1 
ATOM   318  O  OD2 . ASP A 1 38  ? 6.937   15.337  6.438   1.00 30.74 ? 38  ASP A OD2 1 
ATOM   319  N  N   . TRP A 1 39  ? 6.388   11.981  10.611  1.00 21.10 ? 39  TRP A N   1 
ATOM   320  C  CA  . TRP A 1 39  ? 6.842   11.687  11.970  1.00 21.36 ? 39  TRP A CA  1 
ATOM   321  C  C   . TRP A 1 39  ? 7.001   10.182  12.236  1.00 21.16 ? 39  TRP A C   1 
ATOM   322  O  O   . TRP A 1 39  ? 7.870   9.777   12.988  1.00 18.63 ? 39  TRP A O   1 
ATOM   323  C  CB  . TRP A 1 39  ? 5.882   12.332  13.003  1.00 23.98 ? 39  TRP A CB  1 
ATOM   324  C  CG  . TRP A 1 39  ? 4.502   11.726  13.080  1.00 25.47 ? 39  TRP A CG  1 
ATOM   325  C  CD1 . TRP A 1 39  ? 3.368   12.152  12.423  1.00 27.19 ? 39  TRP A CD1 1 
ATOM   326  C  CD2 . TRP A 1 39  ? 4.109   10.603  13.879  1.00 27.35 ? 39  TRP A CD2 1 
ATOM   327  N  NE1 . TRP A 1 39  ? 2.295   11.361  12.789  1.00 28.20 ? 39  TRP A NE1 1 
ATOM   328  C  CE2 . TRP A 1 39  ? 2.724   10.405  13.673  1.00 28.76 ? 39  TRP A CE2 1 
ATOM   329  C  CE3 . TRP A 1 39  ? 4.795   9.742   14.750  1.00 26.98 ? 39  TRP A CE3 1 
ATOM   330  C  CZ2 . TRP A 1 39  ? 2.003   9.366   14.322  1.00 29.57 ? 39  TRP A CZ2 1 
ATOM   331  C  CZ3 . TRP A 1 39  ? 4.087   8.715   15.399  1.00 29.92 ? 39  TRP A CZ3 1 
ATOM   332  C  CH2 . TRP A 1 39  ? 2.709   8.541   15.182  1.00 28.86 ? 39  TRP A CH2 1 
ATOM   333  N  N   . GLU A 1 40  ? 6.150   9.360   11.616  1.00 18.54 ? 40  GLU A N   1 
ATOM   334  C  CA  . GLU A 1 40  ? 6.268   7.897   11.748  1.00 18.91 ? 40  GLU A CA  1 
ATOM   335  C  C   . GLU A 1 40  ? 7.567   7.442   11.062  1.00 18.42 ? 40  GLU A C   1 
ATOM   336  O  O   . GLU A 1 40  ? 8.308   6.649   11.599  1.00 15.96 ? 40  GLU A O   1 
ATOM   337  C  CB  . GLU A 1 40  ? 5.075   7.205   11.055  1.00 16.28 ? 40  GLU A CB  1 
ATOM   338  C  CG  . GLU A 1 40  ? 3.834   7.458   11.894  1.00 21.01 ? 40  GLU A CG  1 
ATOM   339  C  CD  . GLU A 1 40  ? 2.560   6.887   11.257  1.00 19.57 ? 40  GLU A CD  1 
ATOM   340  O  OE1 . GLU A 1 40  ? 2.187   7.335   10.168  1.00 21.91 ? 40  GLU A OE1 1 
ATOM   341  O  OE2 . GLU A 1 40  ? 1.976   5.972   11.862  1.00 20.40 ? 40  GLU A OE2 1 
ATOM   342  N  N   . ILE A 1 41  ? 7.803   7.950   9.853   1.00 17.52 ? 41  ILE A N   1 
ATOM   343  C  CA  . ILE A 1 41  ? 8.990   7.595   9.092   1.00 19.90 ? 41  ILE A CA  1 
ATOM   344  C  C   . ILE A 1 41  ? 10.199  8.071   9.920   1.00 22.23 ? 41  ILE A C   1 
ATOM   345  O  O   . ILE A 1 41  ? 11.215  7.351   10.090  1.00 22.34 ? 41  ILE A O   1 
ATOM   346  C  CB  . ILE A 1 41  ? 9.060   8.315   7.697   1.00 20.35 ? 41  ILE A CB  1 
ATOM   347  C  CG1 . ILE A 1 41  ? 7.942   7.867   6.701   1.00 22.63 ? 41  ILE A CG1 1 
ATOM   348  C  CG2 . ILE A 1 41  ? 10.395  8.053   7.076   1.00 19.84 ? 41  ILE A CG2 1 
ATOM   349  C  CD1 . ILE A 1 41  ? 7.714   6.351   6.673   1.00 29.53 ? 41  ILE A CD1 1 
ATOM   350  N  N   . GLU A 1 42  ? 10.093  9.284   10.458  1.00 21.74 ? 42  GLU A N   1 
ATOM   351  C  CA  . GLU A 1 42  ? 11.229  9.792   11.201  1.00 22.62 ? 42  GLU A CA  1 
ATOM   352  C  C   . GLU A 1 42  ? 11.602  9.071   12.473  1.00 23.34 ? 42  GLU A C   1 
ATOM   353  O  O   . GLU A 1 42  ? 12.728  9.148   12.880  1.00 23.77 ? 42  GLU A O   1 
ATOM   354  C  CB  . GLU A 1 42  ? 11.082  11.297  11.373  1.00 21.89 ? 42  GLU A CB  1 
ATOM   355  C  CG  . GLU A 1 42  ? 11.278  11.880  9.965   1.00 26.80 ? 42  GLU A CG  1 
ATOM   356  C  CD  . GLU A 1 42  ? 10.841  13.333  9.781   1.00 27.84 ? 42  GLU A CD  1 
ATOM   357  O  OE1 . GLU A 1 42  ? 10.373  13.943  10.767  1.00 29.99 ? 42  GLU A OE1 1 
ATOM   358  O  OE2 . GLU A 1 42  ? 10.962  13.853  8.631   1.00 29.94 ? 42  GLU A OE2 1 
ATOM   359  N  N   . GLU A 1 43  ? 10.687  8.345   13.084  1.00 24.29 ? 43  GLU A N   1 
ATOM   360  C  CA  . GLU A 1 43  ? 11.028  7.586   14.277  1.00 26.99 ? 43  GLU A CA  1 
ATOM   361  C  C   . GLU A 1 43  ? 12.119  6.586   13.924  1.00 26.83 ? 43  GLU A C   1 
ATOM   362  O  O   . GLU A 1 43  ? 12.916  6.234   14.793  1.00 27.61 ? 43  GLU A O   1 
ATOM   363  C  CB  . GLU A 1 43  ? 9.841   6.781   14.848  1.00 29.88 ? 43  GLU A CB  1 
ATOM   364  C  CG  . GLU A 1 43  ? 8.835   7.566   15.709  1.00 38.38 ? 43  GLU A CG  1 
ATOM   365  C  CD  . GLU A 1 43  ? 7.811   6.640   16.423  1.00 42.99 ? 43  GLU A CD  1 
ATOM   366  O  OE1 . GLU A 1 43  ? 8.200   5.531   16.900  1.00 46.75 ? 43  GLU A OE1 1 
ATOM   367  O  OE2 . GLU A 1 43  ? 6.620   7.011   16.532  1.00 46.30 ? 43  GLU A OE2 1 
ATOM   368  N  N   . SER A 1 44  ? 12.171  6.100   12.686  1.00 25.02 ? 44  SER A N   1 
ATOM   369  C  CA  . SER A 1 44  ? 13.210  5.135   12.334  1.00 23.93 ? 44  SER A CA  1 
ATOM   370  C  C   . SER A 1 44  ? 14.325  5.649   11.454  1.00 23.25 ? 44  SER A C   1 
ATOM   371  O  O   . SER A 1 44  ? 15.422  5.080   11.444  1.00 23.16 ? 44  SER A O   1 
ATOM   372  C  CB  . SER A 1 44  ? 12.617  3.905   11.628  1.00 25.97 ? 44  SER A CB  1 
ATOM   373  O  OG  . SER A 1 44  ? 12.017  2.999   12.524  1.00 27.34 ? 44  SER A OG  1 
ATOM   374  N  N   . TRP A 1 45  ? 14.042  6.730   10.725  1.00 21.76 ? 45  TRP A N   1 
ATOM   375  C  CA  . TRP A 1 45  ? 14.969  7.247   9.749   1.00 21.80 ? 45  TRP A CA  1 
ATOM   376  C  C   . TRP A 1 45  ? 15.405  8.702   9.896   1.00 22.68 ? 45  TRP A C   1 
ATOM   377  O  O   . TRP A 1 45  ? 16.118  9.206   9.028   1.00 22.59 ? 45  TRP A O   1 
ATOM   378  C  CB  . TRP A 1 45  ? 14.398  7.020   8.339   1.00 20.80 ? 45  TRP A CB  1 
ATOM   379  C  CG  . TRP A 1 45  ? 14.370  5.560   7.963   1.00 22.38 ? 45  TRP A CG  1 
ATOM   380  C  CD1 . TRP A 1 45  ? 13.347  4.676   8.179   1.00 23.47 ? 45  TRP A CD1 1 
ATOM   381  C  CD2 . TRP A 1 45  ? 15.469  4.789   7.464   1.00 24.36 ? 45  TRP A CD2 1 
ATOM   382  N  NE1 . TRP A 1 45  ? 13.761  3.374   7.856   1.00 23.97 ? 45  TRP A NE1 1 
ATOM   383  C  CE2 . TRP A 1 45  ? 15.055  3.430   7.413   1.00 23.51 ? 45  TRP A CE2 1 
ATOM   384  C  CE3 . TRP A 1 45  ? 16.781  5.115   7.049   1.00 24.83 ? 45  TRP A CE3 1 
ATOM   385  C  CZ2 . TRP A 1 45  ? 15.901  2.401   6.957   1.00 26.69 ? 45  TRP A CZ2 1 
ATOM   386  C  CZ3 . TRP A 1 45  ? 17.619  4.083   6.604   1.00 27.11 ? 45  TRP A CZ3 1 
ATOM   387  C  CH2 . TRP A 1 45  ? 17.170  2.742   6.562   1.00 26.79 ? 45  TRP A CH2 1 
ATOM   388  N  N   . GLY A 1 46  ? 14.917  9.356   10.961  1.00 23.85 ? 46  GLY A N   1 
ATOM   389  C  CA  . GLY A 1 46  ? 15.286  10.717  11.289  1.00 21.57 ? 46  GLY A CA  1 
ATOM   390  C  C   . GLY A 1 46  ? 14.734  11.791  10.375  1.00 20.64 ? 46  GLY A C   1 
ATOM   391  O  O   . GLY A 1 46  ? 14.323  12.849  10.847  1.00 20.96 ? 46  GLY A O   1 
ATOM   392  N  N   . ASP A 1 47  ? 14.776  11.549  9.082   1.00 20.10 ? 47  ASP A N   1 
ATOM   393  C  CA  . ASP A 1 47  ? 14.286  12.507  8.110   1.00 24.02 ? 47  ASP A CA  1 
ATOM   394  C  C   . ASP A 1 47  ? 13.506  11.783  7.028   1.00 23.58 ? 47  ASP A C   1 
ATOM   395  O  O   . ASP A 1 47  ? 14.045  10.820  6.453   1.00 24.91 ? 47  ASP A O   1 
ATOM   396  C  CB  . ASP A 1 47  ? 15.437  13.186  7.422   1.00 25.06 ? 47  ASP A CB  1 
ATOM   397  C  CG  . ASP A 1 47  ? 14.954  14.273  6.527   1.00 26.76 ? 47  ASP A CG  1 
ATOM   398  O  OD1 . ASP A 1 47  ? 14.476  15.257  7.108   1.00 29.39 ? 47  ASP A OD1 1 
ATOM   399  O  OD2 . ASP A 1 47  ? 15.026  14.129  5.288   1.00 28.01 ? 47  ASP A OD2 1 
ATOM   400  N  N   . LYS A 1 48  ? 12.305  12.261  6.680   1.00 23.11 ? 48  LYS A N   1 
ATOM   401  C  CA  . LYS A 1 48  ? 11.538  11.536  5.670   1.00 22.53 ? 48  LYS A CA  1 
ATOM   402  C  C   . LYS A 1 48  ? 12.238  11.558  4.318   1.00 24.94 ? 48  LYS A C   1 
ATOM   403  O  O   . LYS A 1 48  ? 12.311  10.515  3.632   1.00 23.23 ? 48  LYS A O   1 
ATOM   404  C  CB  . LYS A 1 48  ? 10.091  12.083  5.625   1.00 21.75 ? 48  LYS A CB  1 
ATOM   405  C  CG  . LYS A 1 48  ? 9.207   11.636  4.460   1.00 23.45 ? 48  LYS A CG  1 
ATOM   406  C  CD  . LYS A 1 48  ? 9.355   12.564  3.242   1.00 25.23 ? 48  LYS A CD  1 
ATOM   407  C  CE  . LYS A 1 48  ? 8.990   14.011  3.614   1.00 26.82 ? 48  LYS A CE  1 
ATOM   408  N  NZ  . LYS A 1 48  ? 8.892   14.913  2.382   1.00 25.29 ? 48  LYS A NZ  1 
ATOM   409  N  N   . ASP A 1 49  ? 12.811  12.700  3.907   1.00 24.86 ? 49  ASP A N   1 
ATOM   410  C  CA  . ASP A 1 49  ? 13.454  12.696  2.585   1.00 25.80 ? 49  ASP A CA  1 
ATOM   411  C  C   . ASP A 1 49  ? 14.667  11.801  2.538   1.00 25.09 ? 49  ASP A C   1 
ATOM   412  O  O   . ASP A 1 49  ? 14.962  11.218  1.510   1.00 24.63 ? 49  ASP A O   1 
ATOM   413  C  CB  . ASP A 1 49  ? 13.836  14.109  2.157   1.00 30.75 ? 49  ASP A CB  1 
ATOM   414  C  CG  . ASP A 1 49  ? 12.631  15.009  2.031   1.00 33.29 ? 49  ASP A CG  1 
ATOM   415  O  OD1 . ASP A 1 49  ? 11.612  14.574  1.467   1.00 35.26 ? 49  ASP A OD1 1 
ATOM   416  O  OD2 . ASP A 1 49  ? 12.698  16.161  2.485   1.00 37.01 ? 49  ASP A OD2 1 
ATOM   417  N  N   . TYR A 1 50  ? 15.371  11.661  3.657   1.00 23.89 ? 50  TYR A N   1 
ATOM   418  C  CA  . TYR A 1 50  ? 16.529  10.793  3.671   1.00 24.36 ? 50  TYR A CA  1 
ATOM   419  C  C   . TYR A 1 50  ? 16.055  9.339   3.472   1.00 23.79 ? 50  TYR A C   1 
ATOM   420  O  O   . TYR A 1 50  ? 16.663  8.556   2.741   1.00 23.39 ? 50  TYR A O   1 
ATOM   421  C  CB  . TYR A 1 50  ? 17.264  10.957  5.005   1.00 25.74 ? 50  TYR A CB  1 
ATOM   422  C  CG  . TYR A 1 50  ? 18.420  10.028  5.210   1.00 27.10 ? 50  TYR A CG  1 
ATOM   423  C  CD1 . TYR A 1 50  ? 19.509  10.055  4.352   1.00 27.52 ? 50  TYR A CD1 1 
ATOM   424  C  CD2 . TYR A 1 50  ? 18.437  9.124   6.271   1.00 27.45 ? 50  TYR A CD2 1 
ATOM   425  C  CE1 . TYR A 1 50  ? 20.585  9.207   4.540   1.00 26.83 ? 50  TYR A CE1 1 
ATOM   426  C  CE2 . TYR A 1 50  ? 19.505  8.279   6.477   1.00 26.36 ? 50  TYR A CE2 1 
ATOM   427  C  CZ  . TYR A 1 50  ? 20.578  8.341   5.589   1.00 28.16 ? 50  TYR A CZ  1 
ATOM   428  O  OH  . TYR A 1 50  ? 21.659  7.535   5.756   1.00 27.56 ? 50  TYR A OH  1 
ATOM   429  N  N   . TYR A 1 51  ? 14.966  8.976   4.136   1.00 22.29 ? 51  TYR A N   1 
ATOM   430  C  CA  . TYR A 1 51  ? 14.445  7.599   3.978   1.00 20.90 ? 51  TYR A CA  1 
ATOM   431  C  C   . TYR A 1 51  ? 14.116  7.400   2.469   1.00 20.19 ? 51  TYR A C   1 
ATOM   432  O  O   . TYR A 1 51  ? 14.557  6.439   1.870   1.00 19.30 ? 51  TYR A O   1 
ATOM   433  C  CB  . TYR A 1 51  ? 13.176  7.427   4.817   1.00 18.82 ? 51  TYR A CB  1 
ATOM   434  C  CG  . TYR A 1 51  ? 12.476  6.123   4.551   1.00 18.35 ? 51  TYR A CG  1 
ATOM   435  C  CD1 . TYR A 1 51  ? 13.145  4.918   4.713   1.00 16.33 ? 51  TYR A CD1 1 
ATOM   436  C  CD2 . TYR A 1 51  ? 11.130  6.100   4.070   1.00 19.27 ? 51  TYR A CD2 1 
ATOM   437  C  CE1 . TYR A 1 51  ? 12.512  3.687   4.403   1.00 18.83 ? 51  TYR A CE1 1 
ATOM   438  C  CE2 . TYR A 1 51  ? 10.457  4.858   3.750   1.00 13.65 ? 51  TYR A CE2 1 
ATOM   439  C  CZ  . TYR A 1 51  ? 11.166  3.673   3.930   1.00 18.25 ? 51  TYR A CZ  1 
ATOM   440  O  OH  . TYR A 1 51  ? 10.522  2.463   3.755   1.00 15.69 ? 51  TYR A OH  1 
ATOM   441  N  N   . LEU A 1 52  ? 13.415  8.350   1.844   1.00 20.37 ? 52  LEU A N   1 
ATOM   442  C  CA  . LEU A 1 52  ? 13.083  8.171   0.449   1.00 22.19 ? 52  LEU A CA  1 
ATOM   443  C  C   . LEU A 1 52  ? 14.312  8.117   -0.443  1.00 22.39 ? 52  LEU A C   1 
ATOM   444  O  O   . LEU A 1 52  ? 14.309  7.426   -1.461  1.00 21.10 ? 52  LEU A O   1 
ATOM   445  C  CB  . LEU A 1 52  ? 12.148  9.282   -0.028  1.00 23.18 ? 52  LEU A CB  1 
ATOM   446  C  CG  . LEU A 1 52  ? 10.826  9.455   0.712   1.00 23.77 ? 52  LEU A CG  1 
ATOM   447  C  CD1 . LEU A 1 52  ? 10.142  10.683  0.163   1.00 24.47 ? 52  LEU A CD1 1 
ATOM   448  C  CD2 . LEU A 1 52  ? 9.945   8.178   0.492   1.00 23.19 ? 52  LEU A CD2 1 
ATOM   449  N  N   . SER A 1 53  ? 15.352  8.881   -0.078  1.00 22.81 ? 53  SER A N   1 
ATOM   450  C  CA  . SER A 1 53  ? 16.574  8.878   -0.900  1.00 22.95 ? 53  SER A CA  1 
ATOM   451  C  C   . SER A 1 53  ? 17.217  7.486   -0.687  1.00 21.09 ? 53  SER A C   1 
ATOM   452  O  O   . SER A 1 53  ? 17.791  6.946   -1.591  1.00 21.14 ? 53  SER A O   1 
ATOM   453  C  CB  . SER A 1 53  ? 17.537  10.028  -0.476  1.00 22.05 ? 53  SER A CB  1 
ATOM   454  O  OG  . SER A 1 53  ? 18.145  9.734   0.766   1.00 25.07 ? 53  SER A OG  1 
ATOM   455  N  N   . ILE A 1 54  ? 17.119  6.903   0.507   1.00 21.02 ? 54  ILE A N   1 
ATOM   456  C  CA  . ILE A 1 54  ? 17.669  5.583   0.655   1.00 19.76 ? 54  ILE A CA  1 
ATOM   457  C  C   . ILE A 1 54  ? 16.924  4.552   -0.261  1.00 21.95 ? 54  ILE A C   1 
ATOM   458  O  O   . ILE A 1 54  ? 17.561  3.662   -0.901  1.00 22.93 ? 54  ILE A O   1 
ATOM   459  C  CB  . ILE A 1 54  ? 17.626  5.152   2.117   1.00 21.40 ? 54  ILE A CB  1 
ATOM   460  C  CG1 . ILE A 1 54  ? 18.519  6.100   2.922   1.00 24.15 ? 54  ILE A CG1 1 
ATOM   461  C  CG2 . ILE A 1 54  ? 18.164  3.736   2.269   1.00 22.30 ? 54  ILE A CG2 1 
ATOM   462  C  CD1 . ILE A 1 54  ? 18.856  5.680   4.280   1.00 27.91 ? 54  ILE A CD1 1 
ATOM   463  N  N   . LEU A 1 55  ? 15.595  4.647   -0.332  1.00 21.11 ? 55  LEU A N   1 
ATOM   464  C  CA  . LEU A 1 55  ? 14.834  3.732   -1.189  1.00 21.36 ? 55  LEU A CA  1 
ATOM   465  C  C   . LEU A 1 55  ? 15.331  3.924   -2.628  1.00 24.03 ? 55  LEU A C   1 
ATOM   466  O  O   . LEU A 1 55  ? 15.623  2.969   -3.362  1.00 21.45 ? 55  LEU A O   1 
ATOM   467  C  CB  . LEU A 1 55  ? 13.316  4.058   -1.131  1.00 18.45 ? 55  LEU A CB  1 
ATOM   468  C  CG  . LEU A 1 55  ? 12.632  3.767   0.241   1.00 21.50 ? 55  LEU A CG  1 
ATOM   469  C  CD1 . LEU A 1 55  ? 11.025  3.913   0.229   1.00 16.71 ? 55  LEU A CD1 1 
ATOM   470  C  CD2 . LEU A 1 55  ? 12.962  2.323   0.604   1.00 19.34 ? 55  LEU A CD2 1 
ATOM   471  N  N   . LYS A 1 56  ? 15.431  5.189   -3.015  1.00 25.19 ? 56  LYS A N   1 
ATOM   472  C  CA  . LYS A 1 56  ? 15.842  5.531   -4.352  1.00 28.95 ? 56  LYS A CA  1 
ATOM   473  C  C   . LYS A 1 56  ? 17.267  5.000   -4.671  1.00 30.93 ? 56  LYS A C   1 
ATOM   474  O  O   . LYS A 1 56  ? 17.504  4.396   -5.720  1.00 31.69 ? 56  LYS A O   1 
ATOM   475  C  CB  . LYS A 1 56  ? 15.727  7.047   -4.459  1.00 30.95 ? 56  LYS A CB  1 
ATOM   476  C  CG  . LYS A 1 56  ? 15.324  7.580   -5.770  1.00 34.18 ? 56  LYS A CG  1 
ATOM   477  C  CD  . LYS A 1 56  ? 14.996  9.067   -5.601  1.00 35.89 ? 56  LYS A CD  1 
ATOM   478  C  CE  . LYS A 1 56  ? 13.770  9.210   -4.713  1.00 38.67 ? 56  LYS A CE  1 
ATOM   479  N  NZ  . LYS A 1 56  ? 12.965  10.419  -5.054  1.00 38.24 ? 56  LYS A NZ  1 
ATOM   480  N  N   . LYS A 1 57  ? 18.201  5.161   -3.742  1.00 32.09 ? 57  LYS A N   1 
ATOM   481  C  CA  . LYS A 1 57  ? 19.575  4.714   -3.938  1.00 33.83 ? 57  LYS A CA  1 
ATOM   482  C  C   . LYS A 1 57  ? 19.610  3.199   -4.042  1.00 34.44 ? 57  LYS A C   1 
ATOM   483  O  O   . LYS A 1 57  ? 20.572  2.633   -4.535  1.00 34.21 ? 57  LYS A O   1 
ATOM   484  C  CB  . LYS A 1 57  ? 20.422  5.209   -2.772  1.00 34.92 ? 57  LYS A CB  1 
ATOM   485  C  CG  . LYS A 1 57  ? 21.358  4.224   -2.107  1.00 38.00 ? 57  LYS A CG  1 
ATOM   486  C  CD  . LYS A 1 57  ? 21.906  4.831   -0.810  1.00 39.88 ? 57  LYS A CD  1 
ATOM   487  C  CE  . LYS A 1 57  ? 22.572  3.788   0.096   1.00 41.22 ? 57  LYS A CE  1 
ATOM   488  N  NZ  . LYS A 1 57  ? 23.907  3.310   -0.379  1.00 43.19 ? 57  LYS A NZ  1 
ATOM   489  N  N   . ASN A 1 58  ? 18.544  2.540   -3.607  1.00 33.72 ? 58  ASN A N   1 
ATOM   490  C  CA  . ASN A 1 58  ? 18.506  1.088   -3.640  1.00 33.70 ? 58  ASN A CA  1 
ATOM   491  C  C   . ASN A 1 58  ? 17.746  0.476   -4.789  1.00 33.24 ? 58  ASN A C   1 
ATOM   492  O  O   . ASN A 1 58  ? 17.404  -0.710  -4.749  1.00 33.23 ? 58  ASN A O   1 
ATOM   493  C  CB  . ASN A 1 58  ? 17.940  0.531   -2.347  1.00 35.29 ? 58  ASN A CB  1 
ATOM   494  C  CG  . ASN A 1 58  ? 18.934  0.490   -1.250  1.00 36.48 ? 58  ASN A CG  1 
ATOM   495  O  OD1 . ASN A 1 58  ? 18.995  1.377   -0.378  1.00 36.44 ? 58  ASN A OD1 1 
ATOM   496  N  ND2 . ASN A 1 58  ? 19.725  -0.555  -1.244  1.00 39.24 ? 58  ASN A ND2 1 
ATOM   497  N  N   . GLY A 1 59  ? 17.465  1.282   -5.806  1.00 32.44 ? 59  GLY A N   1 
ATOM   498  C  CA  . GLY A 1 59  ? 16.781  0.793   -6.980  1.00 32.78 ? 59  GLY A CA  1 
ATOM   499  C  C   . GLY A 1 59  ? 15.281  0.700   -6.844  1.00 32.16 ? 59  GLY A C   1 
ATOM   500  O  O   . GLY A 1 59  ? 14.619  0.124   -7.707  1.00 32.04 ? 59  GLY A O   1 
ATOM   501  N  N   . LEU A 1 60  ? 14.736  1.251   -5.766  1.00 29.68 ? 60  LEU A N   1 
ATOM   502  C  CA  . LEU A 1 60  ? 13.298  1.202   -5.584  1.00 28.21 ? 60  LEU A CA  1 
ATOM   503  C  C   . LEU A 1 60  ? 12.782  2.610   -5.902  1.00 29.56 ? 60  LEU A C   1 
ATOM   504  O  O   . LEU A 1 60  ? 13.370  3.602   -5.486  1.00 31.90 ? 60  LEU A O   1 
ATOM   505  C  CB  . LEU A 1 60  ? 12.995  0.761   -4.158  1.00 25.96 ? 60  LEU A CB  1 
ATOM   506  C  CG  . LEU A 1 60  ? 13.669  -0.605  -3.832  1.00 26.76 ? 60  LEU A CG  1 
ATOM   507  C  CD1 . LEU A 1 60  ? 13.531  -0.979  -2.301  1.00 26.02 ? 60  LEU A CD1 1 
ATOM   508  C  CD2 . LEU A 1 60  ? 13.059  -1.699  -4.707  1.00 22.31 ? 60  LEU A CD2 1 
ATOM   509  N  N   . GLN A 1 61  ? 11.718  2.721   -6.677  1.00 30.06 ? 61  GLN A N   1 
ATOM   510  C  CA  . GLN A 1 61  ? 11.170  4.023   -7.007  1.00 29.35 ? 61  GLN A CA  1 
ATOM   511  C  C   . GLN A 1 61  ? 10.066  4.169   -5.934  1.00 27.84 ? 61  GLN A C   1 
ATOM   512  O  O   . GLN A 1 61  ? 9.169   3.307   -5.855  1.00 28.38 ? 61  GLN A O   1 
ATOM   513  C  CB  . GLN A 1 61  ? 10.506  3.997   -8.398  1.00 33.03 ? 61  GLN A CB  1 
ATOM   514  C  CG  . GLN A 1 61  ? 11.420  3.642   -9.555  1.00 37.08 ? 61  GLN A CG  1 
ATOM   515  C  CD  . GLN A 1 61  ? 11.090  2.285   -10.158 1.00 40.68 ? 61  GLN A CD  1 
ATOM   516  O  OE1 . GLN A 1 61  ? 11.762  1.260   -9.881  1.00 42.50 ? 61  GLN A OE1 1 
ATOM   517  N  NE2 . GLN A 1 61  ? 10.037  2.259   -10.986 1.00 40.76 ? 61  GLN A NE2 1 
ATOM   518  N  N   . PRO A 1 62  ? 10.159  5.194   -5.081  1.00 23.56 ? 62  PRO A N   1 
ATOM   519  C  CA  . PRO A 1 62  ? 9.150   5.389   -4.039  1.00 21.23 ? 62  PRO A CA  1 
ATOM   520  C  C   . PRO A 1 62  ? 8.126   6.478   -4.395  1.00 21.23 ? 62  PRO A C   1 
ATOM   521  O  O   . PRO A 1 62  ? 8.409   7.404   -5.200  1.00 19.41 ? 62  PRO A O   1 
ATOM   522  C  CB  . PRO A 1 62  ? 9.979   5.803   -2.824  1.00 22.31 ? 62  PRO A CB  1 
ATOM   523  C  CG  . PRO A 1 62  ? 11.101  6.638   -3.411  1.00 22.96 ? 62  PRO A CG  1 
ATOM   524  C  CD  . PRO A 1 62  ? 11.356  6.044   -4.832  1.00 25.18 ? 62  PRO A CD  1 
ATOM   525  N  N   . LEU A 1 63  ? 6.936   6.345   -3.825  1.00 18.13 ? 63  LEU A N   1 
ATOM   526  C  CA  . LEU A 1 63  ? 5.873   7.357   -3.956  1.00 18.50 ? 63  LEU A CA  1 
ATOM   527  C  C   . LEU A 1 63  ? 5.369   7.497   -2.498  1.00 18.76 ? 63  LEU A C   1 
ATOM   528  O  O   . LEU A 1 63  ? 4.983   6.495   -1.852  1.00 17.69 ? 63  LEU A O   1 
ATOM   529  C  CB  . LEU A 1 63  ? 4.731   6.909   -4.902  1.00 18.78 ? 63  LEU A CB  1 
ATOM   530  C  CG  . LEU A 1 63  ? 3.608   8.003   -5.057  1.00 22.56 ? 63  LEU A CG  1 
ATOM   531  C  CD1 . LEU A 1 63  ? 4.145   9.150   -5.982  1.00 22.38 ? 63  LEU A CD1 1 
ATOM   532  C  CD2 . LEU A 1 63  ? 2.271   7.385   -5.665  1.00 20.97 ? 63  LEU A CD2 1 
ATOM   533  N  N   . HIS A 1 64  ? 5.438   8.706   -1.953  1.00 17.38 ? 64  HIS A N   1 
ATOM   534  C  CA  . HIS A 1 64  ? 4.975   8.931   -0.577  1.00 17.90 ? 64  HIS A CA  1 
ATOM   535  C  C   . HIS A 1 64  ? 3.570   9.545   -0.538  1.00 19.64 ? 64  HIS A C   1 
ATOM   536  O  O   . HIS A 1 64  ? 3.331   10.660  -1.063  1.00 17.42 ? 64  HIS A O   1 
ATOM   537  C  CB  . HIS A 1 64  ? 5.980   9.835   0.150   1.00 18.63 ? 64  HIS A CB  1 
ATOM   538  C  CG  . HIS A 1 64  ? 5.645   10.052  1.584   1.00 18.83 ? 64  HIS A CG  1 
ATOM   539  N  ND1 . HIS A 1 64  ? 5.963   11.212  2.259   1.00 18.76 ? 64  HIS A ND1 1 
ATOM   540  C  CD2 . HIS A 1 64  ? 5.042   9.239   2.486   1.00 17.26 ? 64  HIS A CD2 1 
ATOM   541  C  CE1 . HIS A 1 64  ? 5.570   11.103  3.522   1.00 19.76 ? 64  HIS A CE1 1 
ATOM   542  N  NE2 . HIS A 1 64  ? 5.011   9.915   3.681   1.00 18.74 ? 64  HIS A NE2 1 
ATOM   543  N  N   . ILE A 1 65  ? 2.585   8.816   0.026   1.00 19.25 ? 65  ILE A N   1 
ATOM   544  C  CA  . ILE A 1 65  ? 1.192   9.317   0.101   1.00 16.52 ? 65  ILE A CA  1 
ATOM   545  C  C   . ILE A 1 65  ? 0.841   9.028   1.565   1.00 18.74 ? 65  ILE A C   1 
ATOM   546  O  O   . ILE A 1 65  ? 0.354   7.930   1.925   1.00 15.64 ? 65  ILE A O   1 
ATOM   547  C  CB  . ILE A 1 65  ? 0.245   8.545   -0.854  1.00 19.13 ? 65  ILE A CB  1 
ATOM   548  C  CG1 . ILE A 1 65  ? 0.675   8.808   -2.315  1.00 20.95 ? 65  ILE A CG1 1 
ATOM   549  C  CG2 . ILE A 1 65  ? -1.187  9.068   -0.753  1.00 18.41 ? 65  ILE A CG2 1 
ATOM   550  C  CD1 . ILE A 1 65  ? 1.612   7.865   -2.715  1.00 24.37 ? 65  ILE A CD1 1 
ATOM   551  N  N   . PRO A 1 66  ? 1.134   10.007  2.427   1.00 17.91 ? 66  PRO A N   1 
ATOM   552  C  CA  . PRO A 1 66  ? 0.890   9.872   3.876   1.00 19.97 ? 66  PRO A CA  1 
ATOM   553  C  C   . PRO A 1 66  ? -0.563  9.735   4.266   1.00 18.69 ? 66  PRO A C   1 
ATOM   554  O  O   . PRO A 1 66  ? -1.397  10.526  3.882   1.00 20.45 ? 66  PRO A O   1 
ATOM   555  C  CB  . PRO A 1 66  ? 1.547   11.127  4.473   1.00 19.35 ? 66  PRO A CB  1 
ATOM   556  C  CG  . PRO A 1 66  ? 1.415   12.165  3.326   1.00 19.15 ? 66  PRO A CG  1 
ATOM   557  C  CD  . PRO A 1 66  ? 1.712   11.327  2.092   1.00 18.52 ? 66  PRO A CD  1 
ATOM   558  N  N   . ILE A 1 67  ? -0.853  8.691   5.019   1.00 18.11 ? 67  ILE A N   1 
ATOM   559  C  CA  . ILE A 1 67  ? -2.216  8.482   5.490   1.00 16.63 ? 67  ILE A CA  1 
ATOM   560  C  C   . ILE A 1 67  ? -2.154  8.390   7.010   1.00 15.93 ? 67  ILE A C   1 
ATOM   561  O  O   . ILE A 1 67  ? -1.313  7.666   7.578   1.00 18.04 ? 67  ILE A O   1 
ATOM   562  C  CB  . ILE A 1 67  ? -2.806  7.169   4.897   1.00 17.65 ? 67  ILE A CB  1 
ATOM   563  C  CG1 . ILE A 1 67  ? -3.031  7.303   3.396   1.00 17.67 ? 67  ILE A CG1 1 
ATOM   564  C  CG2 . ILE A 1 67  ? -4.226  6.882   5.459   1.00 13.65 ? 67  ILE A CG2 1 
ATOM   565  C  CD1 . ILE A 1 67  ? -3.419  5.942   2.685   1.00 19.64 ? 67  ILE A CD1 1 
ATOM   566  N  N   . PRO A 1 68  ? -3.029  9.116   7.716   1.00 17.15 ? 68  PRO A N   1 
ATOM   567  C  CA  . PRO A 1 68  ? -2.894  8.956   9.163   1.00 16.85 ? 68  PRO A CA  1 
ATOM   568  C  C   . PRO A 1 68  ? -3.262  7.550   9.660   1.00 19.20 ? 68  PRO A C   1 
ATOM   569  O  O   . PRO A 1 68  ? -4.140  6.845   9.115   1.00 16.61 ? 68  PRO A O   1 
ATOM   570  C  CB  . PRO A 1 68  ? -3.766  10.083  9.768   1.00 18.80 ? 68  PRO A CB  1 
ATOM   571  C  CG  . PRO A 1 68  ? -4.741  10.479  8.653   1.00 22.65 ? 68  PRO A CG  1 
ATOM   572  C  CD  . PRO A 1 68  ? -4.007  10.154  7.304   1.00 18.94 ? 68  PRO A CD  1 
ATOM   573  N  N   . ASP A 1 69  ? -2.600  7.151   10.746  1.00 19.89 ? 69  ASP A N   1 
ATOM   574  C  CA  . ASP A 1 69  ? -2.852  5.848   11.334  1.00 20.83 ? 69  ASP A CA  1 
ATOM   575  C  C   . ASP A 1 69  ? -4.367  5.671   11.643  1.00 22.93 ? 69  ASP A C   1 
ATOM   576  O  O   . ASP A 1 69  ? -5.018  6.553   12.232  1.00 21.37 ? 69  ASP A O   1 
ATOM   577  C  CB  . ASP A 1 69  ? -2.027  5.694   12.596  1.00 23.05 ? 69  ASP A CB  1 
ATOM   578  C  CG  . ASP A 1 69  ? -2.012  4.295   13.084  1.00 27.59 ? 69  ASP A CG  1 
ATOM   579  O  OD1 . ASP A 1 69  ? -2.239  3.370   12.246  1.00 28.66 ? 69  ASP A OD1 1 
ATOM   580  O  OD2 . ASP A 1 69  ? -1.775  4.117   14.309  1.00 29.20 ? 69  ASP A OD2 1 
ATOM   581  N  N   . GLY A 1 70  ? -4.917  4.537   11.205  1.00 21.92 ? 70  GLY A N   1 
ATOM   582  C  CA  . GLY A 1 70  ? -6.323  4.278   11.414  1.00 22.32 ? 70  GLY A CA  1 
ATOM   583  C  C   . GLY A 1 70  ? -7.195  4.868   10.304  1.00 23.12 ? 70  GLY A C   1 
ATOM   584  O  O   . GLY A 1 70  ? -8.373  4.493   10.178  1.00 23.97 ? 70  GLY A O   1 
ATOM   585  N  N   . GLY A 1 71  ? -6.622  5.750   9.485   1.00 22.97 ? 71  GLY A N   1 
ATOM   586  C  CA  . GLY A 1 71  ? -7.387  6.431   8.432   1.00 20.04 ? 71  GLY A CA  1 
ATOM   587  C  C   . GLY A 1 71  ? -7.333  5.768   7.054   1.00 20.75 ? 71  GLY A C   1 
ATOM   588  O  O   . GLY A 1 71  ? -6.912  4.597   6.895   1.00 19.84 ? 71  GLY A O   1 
ATOM   589  N  N   . VAL A 1 72  ? -7.796  6.533   6.064   1.00 18.62 ? 72  VAL A N   1 
ATOM   590  C  CA  . VAL A 1 72  ? -7.889  6.078   4.701   1.00 16.62 ? 72  VAL A CA  1 
ATOM   591  C  C   . VAL A 1 72  ? -7.437  7.212   3.805   1.00 16.64 ? 72  VAL A C   1 
ATOM   592  O  O   . VAL A 1 72  ? -7.418  8.375   4.185   1.00 15.88 ? 72  VAL A O   1 
ATOM   593  C  CB  . VAL A 1 72  ? -9.408  5.736   4.322   1.00 18.24 ? 72  VAL A CB  1 
ATOM   594  C  CG1 . VAL A 1 72  ? -9.940  4.557   5.210   1.00 19.07 ? 72  VAL A CG1 1 
ATOM   595  C  CG2 . VAL A 1 72  ? -10.316 6.992   4.534   1.00 21.55 ? 72  VAL A CG2 1 
ATOM   596  N  N   . PRO A 1 73  ? -7.112  6.888   2.588   1.00 18.16 ? 73  PRO A N   1 
ATOM   597  C  CA  . PRO A 1 73  ? -6.696  7.973   1.719   1.00 18.74 ? 73  PRO A CA  1 
ATOM   598  C  C   . PRO A 1 73  ? -7.876  8.897   1.386   1.00 20.64 ? 73  PRO A C   1 
ATOM   599  O  O   . PRO A 1 73  ? -9.038  8.449   1.388   1.00 20.19 ? 73  PRO A O   1 
ATOM   600  C  CB  . PRO A 1 73  ? -6.202  7.221   0.491   1.00 19.56 ? 73  PRO A CB  1 
ATOM   601  C  CG  . PRO A 1 73  ? -7.126  6.012   0.422   1.00 18.46 ? 73  PRO A CG  1 
ATOM   602  C  CD  . PRO A 1 73  ? -7.113  5.584   1.880   1.00 17.97 ? 73  PRO A CD  1 
ATOM   603  N  N   . SER A 1 74  ? -7.593  10.186  1.121   1.00 18.70 ? 74  SER A N   1 
ATOM   604  C  CA  . SER A 1 74  ? -8.668  11.057  0.602   1.00 19.66 ? 74  SER A CA  1 
ATOM   605  C  C   . SER A 1 74  ? -8.951  10.561  -0.832  1.00 18.70 ? 74  SER A C   1 
ATOM   606  O  O   . SER A 1 74  ? -8.125  9.834   -1.443  1.00 17.94 ? 74  SER A O   1 
ATOM   607  C  CB  . SER A 1 74  ? -8.177  12.515  0.465   1.00 19.43 ? 74  SER A CB  1 
ATOM   608  O  OG  . SER A 1 74  ? -7.083  12.535  -0.416  1.00 18.68 ? 74  SER A OG  1 
ATOM   609  N  N   . ASP A 1 75  ? -10.064 10.983  -1.435  1.00 18.51 ? 75  ASP A N   1 
ATOM   610  C  CA  . ASP A 1 75  ? -10.334 10.514  -2.806  1.00 19.78 ? 75  ASP A CA  1 
ATOM   611  C  C   . ASP A 1 75  ? -9.212  10.904  -3.738  1.00 19.35 ? 75  ASP A C   1 
ATOM   612  O  O   . ASP A 1 75  ? -8.818  10.147  -4.633  1.00 18.66 ? 75  ASP A O   1 
ATOM   613  C  CB  . ASP A 1 75  ? -11.646 11.096  -3.374  1.00 20.52 ? 75  ASP A CB  1 
ATOM   614  C  CG  . ASP A 1 75  ? -12.871 10.453  -2.777  1.00 24.11 ? 75  ASP A CG  1 
ATOM   615  O  OD1 . ASP A 1 75  ? -12.715 9.535   -1.910  1.00 22.03 ? 75  ASP A OD1 1 
ATOM   616  O  OD2 . ASP A 1 75  ? -14.012 10.849  -3.199  1.00 23.46 ? 75  ASP A OD2 1 
ATOM   617  N  N   . SER A 1 76  ? -8.677  12.103  -3.525  1.00 20.54 ? 76  SER A N   1 
ATOM   618  C  CA  . SER A 1 76  ? -7.571  12.540  -4.338  1.00 22.00 ? 76  SER A CA  1 
ATOM   619  C  C   . SER A 1 76  ? -6.340  11.585  -4.195  1.00 19.49 ? 76  SER A C   1 
ATOM   620  O  O   . SER A 1 76  ? -5.730  11.155  -5.182  1.00 16.65 ? 76  SER A O   1 
ATOM   621  C  CB  . SER A 1 76  ? -7.171  13.953  -3.931  1.00 23.93 ? 76  SER A CB  1 
ATOM   622  O  OG  . SER A 1 76  ? -6.016  14.252  -4.655  1.00 30.50 ? 76  SER A OG  1 
ATOM   623  N  N   . GLN A 1 77  ? -5.932  11.327  -2.966  1.00 18.34 ? 77  GLN A N   1 
ATOM   624  C  CA  . GLN A 1 77  ? -4.790  10.399  -2.761  1.00 18.15 ? 77  GLN A CA  1 
ATOM   625  C  C   . GLN A 1 77  ? -5.042  8.998   -3.350  1.00 15.56 ? 77  GLN A C   1 
ATOM   626  O  O   . GLN A 1 77  ? -4.120  8.295   -3.748  1.00 16.39 ? 77  GLN A O   1 
ATOM   627  C  CB  . GLN A 1 77  ? -4.545  10.216  -1.251  1.00 18.91 ? 77  GLN A CB  1 
ATOM   628  C  CG  . GLN A 1 77  ? -4.084  11.480  -0.543  1.00 20.70 ? 77  GLN A CG  1 
ATOM   629  C  CD  . GLN A 1 77  ? -3.876  11.224  0.942   1.00 18.80 ? 77  GLN A CD  1 
ATOM   630  O  OE1 . GLN A 1 77  ? -4.774  10.732  1.623   1.00 20.10 ? 77  GLN A OE1 1 
ATOM   631  N  NE2 . GLN A 1 77  ? -2.682  11.502  1.426   1.00 20.85 ? 77  GLN A NE2 1 
ATOM   632  N  N   . PHE A 1 78  ? -6.297  8.564   -3.304  1.00 17.37 ? 78  PHE A N   1 
ATOM   633  C  CA  . PHE A 1 78  ? -6.626  7.227   -3.768  1.00 17.22 ? 78  PHE A CA  1 
ATOM   634  C  C   . PHE A 1 78  ? -6.434  7.137   -5.251  1.00 17.21 ? 78  PHE A C   1 
ATOM   635  O  O   . PHE A 1 78  ? -5.947  6.172   -5.807  1.00 15.14 ? 78  PHE A O   1 
ATOM   636  C  CB  . PHE A 1 78  ? -8.090  6.893   -3.382  1.00 17.71 ? 78  PHE A CB  1 
ATOM   637  C  CG  . PHE A 1 78  ? -8.464  5.487   -3.666  1.00 15.20 ? 78  PHE A CG  1 
ATOM   638  C  CD1 . PHE A 1 78  ? -7.762  4.442   -3.081  1.00 19.81 ? 78  PHE A CD1 1 
ATOM   639  C  CD2 . PHE A 1 78  ? -9.478  5.186   -4.587  1.00 17.63 ? 78  PHE A CD2 1 
ATOM   640  C  CE1 . PHE A 1 78  ? -8.051  3.090   -3.402  1.00 19.09 ? 78  PHE A CE1 1 
ATOM   641  C  CE2 . PHE A 1 78  ? -9.780  3.832   -4.934  1.00 18.31 ? 78  PHE A CE2 1 
ATOM   642  C  CZ  . PHE A 1 78  ? -9.061  2.786   -4.338  1.00 18.52 ? 78  PHE A CZ  1 
ATOM   643  N  N   . LEU A 1 79  ? -6.809  8.213   -5.932  1.00 18.10 ? 79  LEU A N   1 
ATOM   644  C  CA  . LEU A 1 79  ? -6.659  8.191   -7.363  1.00 18.68 ? 79  LEU A CA  1 
ATOM   645  C  C   . LEU A 1 79  ? -5.190  8.077   -7.690  1.00 16.43 ? 79  LEU A C   1 
ATOM   646  O  O   . LEU A 1 79  ? -4.825  7.332   -8.600  1.00 17.28 ? 79  LEU A O   1 
ATOM   647  C  CB  . LEU A 1 79  ? -7.281  9.491   -7.963  1.00 20.91 ? 79  LEU A CB  1 
ATOM   648  C  CG  . LEU A 1 79  ? -7.307  9.588   -9.485  1.00 24.90 ? 79  LEU A CG  1 
ATOM   649  C  CD1 . LEU A 1 79  ? -8.336  8.609   -10.010 1.00 27.76 ? 79  LEU A CD1 1 
ATOM   650  C  CD2 . LEU A 1 79  ? -7.694  11.011  -9.935  1.00 26.50 ? 79  LEU A CD2 1 
ATOM   651  N  N   . THR A 1 80  ? -4.364  8.869   -6.991  1.00 18.09 ? 80  THR A N   1 
ATOM   652  C  CA  . THR A 1 80  ? -2.901  8.897   -7.231  1.00 17.01 ? 80  THR A CA  1 
ATOM   653  C  C   . THR A 1 80  ? -2.308  7.494   -6.923  1.00 15.66 ? 80  THR A C   1 
ATOM   654  O  O   . THR A 1 80  ? -1.518  6.932   -7.683  1.00 14.66 ? 80  THR A O   1 
ATOM   655  C  CB  . THR A 1 80  ? -2.212  9.936   -6.308  1.00 19.11 ? 80  THR A CB  1 
ATOM   656  O  OG1 . THR A 1 80  ? -2.746  11.271  -6.549  1.00 20.03 ? 80  THR A OG1 1 
ATOM   657  C  CG2 . THR A 1 80  ? -0.743  9.923   -6.562  1.00 18.53 ? 80  THR A CG2 1 
ATOM   658  N  N   . ILE A 1 81  ? -2.711  6.947   -5.788  1.00 15.24 ? 81  ILE A N   1 
ATOM   659  C  CA  . ILE A 1 81  ? -2.248  5.595   -5.406  1.00 14.20 ? 81  ILE A CA  1 
ATOM   660  C  C   . ILE A 1 81  ? -2.605  4.559   -6.510  1.00 13.65 ? 81  ILE A C   1 
ATOM   661  O  O   . ILE A 1 81  ? -1.751  3.767   -6.936  1.00 17.23 ? 81  ILE A O   1 
ATOM   662  C  CB  . ILE A 1 81  ? -2.955  5.160   -4.100  1.00 14.01 ? 81  ILE A CB  1 
ATOM   663  C  CG1 . ILE A 1 81  ? -2.370  5.945   -2.936  1.00 15.15 ? 81  ILE A CG1 1 
ATOM   664  C  CG2 . ILE A 1 81  ? -2.914  3.609   -3.927  1.00 13.84 ? 81  ILE A CG2 1 
ATOM   665  C  CD1 . ILE A 1 81  ? -3.131  5.850   -1.585  1.00 17.02 ? 81  ILE A CD1 1 
ATOM   666  N  N   . MET A 1 82  ? -3.850  4.541   -6.974  1.00 15.42 ? 82  MET A N   1 
ATOM   667  C  CA  . MET A 1 82  ? -4.242  3.524   -7.937  1.00 17.05 ? 82  MET A CA  1 
ATOM   668  C  C   . MET A 1 82  ? -3.591  3.804   -9.298  1.00 17.36 ? 82  MET A C   1 
ATOM   669  O  O   . MET A 1 82  ? -3.222  2.903   -9.993  1.00 16.57 ? 82  MET A O   1 
ATOM   670  C  CB  . MET A 1 82  ? -5.787  3.422   -8.020  1.00 18.31 ? 82  MET A CB  1 
ATOM   671  C  CG  . MET A 1 82  ? -6.376  2.860   -6.707  1.00 18.21 ? 82  MET A CG  1 
ATOM   672  S  SD  . MET A 1 82  ? -5.712  1.163   -6.451  1.00 22.98 ? 82  MET A SD  1 
ATOM   673  C  CE  . MET A 1 82  ? -6.167  0.706   -4.877  1.00 24.59 ? 82  MET A CE  1 
ATOM   674  N  N   . LYS A 1 83  ? -3.452  5.079   -9.648  1.00 17.29 ? 83  LYS A N   1 
ATOM   675  C  CA  . LYS A 1 83  ? -2.781  5.354   -10.915 1.00 20.30 ? 83  LYS A CA  1 
ATOM   676  C  C   . LYS A 1 83  ? -1.334  4.783   -10.783 1.00 19.38 ? 83  LYS A C   1 
ATOM   677  O  O   . LYS A 1 83  ? -0.825  4.123   -11.687 1.00 17.84 ? 83  LYS A O   1 
ATOM   678  C  CB  . LYS A 1 83  ? -2.765  6.866   -11.191 1.00 20.14 ? 83  LYS A CB  1 
ATOM   679  C  CG  . LYS A 1 83  ? -2.412  7.169   -12.637 1.00 27.65 ? 83  LYS A CG  1 
ATOM   680  C  CD  . LYS A 1 83  ? -1.296  8.179   -12.701 1.00 31.31 ? 83  LYS A CD  1 
ATOM   681  C  CE  . LYS A 1 83  ? -0.724  8.300   -14.160 1.00 35.80 ? 83  LYS A CE  1 
ATOM   682  N  NZ  . LYS A 1 83  ? 0.268   9.399   -14.234 1.00 38.27 ? 83  LYS A NZ  1 
ATOM   683  N  N   . TRP A 1 84  ? -0.708  4.995   -9.621  1.00 20.21 ? 84  TRP A N   1 
ATOM   684  C  CA  . TRP A 1 84  ? 0.669   4.523   -9.408  1.00 19.85 ? 84  TRP A CA  1 
ATOM   685  C  C   . TRP A 1 84  ? 0.769   2.995   -9.429  1.00 19.62 ? 84  TRP A C   1 
ATOM   686  O  O   . TRP A 1 84  ? 1.624   2.422   -10.131 1.00 17.67 ? 84  TRP A O   1 
ATOM   687  C  CB  . TRP A 1 84  ? 1.225   5.096   -8.082  1.00 19.87 ? 84  TRP A CB  1 
ATOM   688  C  CG  . TRP A 1 84  ? 2.419   4.397   -7.485  1.00 21.52 ? 84  TRP A CG  1 
ATOM   689  C  CD1 . TRP A 1 84  ? 2.402   3.329   -6.640  1.00 21.62 ? 84  TRP A CD1 1 
ATOM   690  C  CD2 . TRP A 1 84  ? 3.808   4.714   -7.705  1.00 22.17 ? 84  TRP A CD2 1 
ATOM   691  N  NE1 . TRP A 1 84  ? 3.702   2.959   -6.309  1.00 25.06 ? 84  TRP A NE1 1 
ATOM   692  C  CE2 . TRP A 1 84  ? 4.572   3.808   -6.957  1.00 23.85 ? 84  TRP A CE2 1 
ATOM   693  C  CE3 . TRP A 1 84  ? 4.473   5.692   -8.466  1.00 23.03 ? 84  TRP A CE3 1 
ATOM   694  C  CZ2 . TRP A 1 84  ? 5.961   3.845   -6.945  1.00 23.41 ? 84  TRP A CZ2 1 
ATOM   695  C  CZ3 . TRP A 1 84  ? 5.834   5.721   -8.456  1.00 23.89 ? 84  TRP A CZ3 1 
ATOM   696  C  CH2 . TRP A 1 84  ? 6.569   4.806   -7.709  1.00 26.04 ? 84  TRP A CH2 1 
ATOM   697  N  N   . LEU A 1 85  ? -0.108  2.335   -8.663  1.00 18.66 ? 85  LEU A N   1 
ATOM   698  C  CA  . LEU A 1 85  ? -0.052  0.878   -8.612  1.00 19.21 ? 85  LEU A CA  1 
ATOM   699  C  C   . LEU A 1 85  ? -0.367  0.223   -9.923  1.00 20.70 ? 85  LEU A C   1 
ATOM   700  O  O   . LEU A 1 85  ? 0.186   -0.793  -10.228 1.00 21.52 ? 85  LEU A O   1 
ATOM   701  C  CB  . LEU A 1 85  ? -1.024  0.346   -7.549  1.00 16.17 ? 85  LEU A CB  1 
ATOM   702  C  CG  . LEU A 1 85  ? -0.534  0.689   -6.150  1.00 14.97 ? 85  LEU A CG  1 
ATOM   703  C  CD1 . LEU A 1 85  ? -1.682  0.401   -5.107  1.00 13.23 ? 85  LEU A CD1 1 
ATOM   704  C  CD2 . LEU A 1 85  ? 0.697   -0.186  -5.840  1.00 16.21 ? 85  LEU A CD2 1 
ATOM   705  N  N   . LEU A 1 86  ? -1.280  0.815   -10.699 1.00 23.95 ? 86  LEU A N   1 
ATOM   706  C  CA  . LEU A 1 86  ? -1.692  0.218   -11.956 1.00 25.71 ? 86  LEU A CA  1 
ATOM   707  C  C   . LEU A 1 86  ? -0.725  0.581   -13.070 1.00 28.03 ? 86  LEU A C   1 
ATOM   708  O  O   . LEU A 1 86  ? -0.803  0.020   -14.149 1.00 27.58 ? 86  LEU A O   1 
ATOM   709  C  CB  . LEU A 1 86  ? -3.090  0.667   -12.324 1.00 24.43 ? 86  LEU A CB  1 
ATOM   710  C  CG  . LEU A 1 86  ? -4.173  0.160   -11.390 1.00 28.55 ? 86  LEU A CG  1 
ATOM   711  C  CD1 . LEU A 1 86  ? -5.486  0.617   -11.871 1.00 27.67 ? 86  LEU A CD1 1 
ATOM   712  C  CD2 . LEU A 1 86  ? -4.127  -1.331  -11.302 1.00 29.54 ? 86  LEU A CD2 1 
ATOM   713  N  N   . SER A 1 87  ? 0.212   1.492   -12.798 1.00 29.31 ? 87  SER A N   1 
ATOM   714  C  CA  . SER A 1 87  ? 1.170   1.893   -13.837 1.00 31.32 ? 87  SER A CA  1 
ATOM   715  C  C   . SER A 1 87  ? 2.197   0.805   -14.199 1.00 30.90 ? 87  SER A C   1 
ATOM   716  O  O   . SER A 1 87  ? 2.690   0.760   -15.313 1.00 29.74 ? 87  SER A O   1 
ATOM   717  C  CB  . SER A 1 87  ? 1.890   3.176   -13.411 1.00 32.89 ? 87  SER A CB  1 
ATOM   718  O  OG  . SER A 1 87  ? 3.052   2.867   -12.641 1.00 39.56 ? 87  SER A OG  1 
ATOM   719  N  N   . GLU A 1 88  ? 2.547   -0.055  -13.260 1.00 32.48 ? 88  GLU A N   1 
ATOM   720  C  CA  . GLU A 1 88  ? 3.525   -1.149  -13.510 1.00 34.53 ? 88  GLU A CA  1 
ATOM   721  C  C   . GLU A 1 88  ? 3.026   -2.323  -12.677 1.00 34.31 ? 88  GLU A C   1 
ATOM   722  O  O   . GLU A 1 88  ? 2.916   -2.213  -11.482 1.00 33.35 ? 88  GLU A O   1 
ATOM   723  C  CB  . GLU A 1 88  ? 4.929   -0.802  -13.023 1.00 37.82 ? 88  GLU A CB  1 
ATOM   724  C  CG  . GLU A 1 88  ? 5.521   0.474   -13.579 1.00 43.51 ? 88  GLU A CG  1 
ATOM   725  C  CD  . GLU A 1 88  ? 5.844   0.406   -15.071 1.00 47.36 ? 88  GLU A CD  1 
ATOM   726  O  OE1 . GLU A 1 88  ? 5.764   -0.701  -15.683 1.00 49.17 ? 88  GLU A OE1 1 
ATOM   727  O  OE2 . GLU A 1 88  ? 6.190   1.484   -15.623 1.00 49.13 ? 88  GLU A OE2 1 
ATOM   728  N  N   . LYS A 1 89  ? 2.736   -3.439  -13.322 1.00 33.50 ? 89  LYS A N   1 
ATOM   729  C  CA  . LYS A 1 89  ? 2.163   -4.565  -12.627 1.00 33.75 ? 89  LYS A CA  1 
ATOM   730  C  C   . LYS A 1 89  ? 3.106   -5.282  -11.651 1.00 31.92 ? 89  LYS A C   1 
ATOM   731  O  O   . LYS A 1 89  ? 2.678   -5.707  -10.592 1.00 32.22 ? 89  LYS A O   1 
ATOM   732  C  CB  . LYS A 1 89  ? 1.587   -5.533  -13.688 1.00 34.27 ? 89  LYS A CB  1 
ATOM   733  C  CG  . LYS A 1 89  ? 0.725   -6.667  -13.177 1.00 37.17 ? 89  LYS A CG  1 
ATOM   734  C  CD  . LYS A 1 89  ? -0.671  -6.199  -12.744 1.00 38.27 ? 89  LYS A CD  1 
ATOM   735  C  CE  . LYS A 1 89  ? -1.610  -7.383  -12.507 1.00 37.79 ? 89  LYS A CE  1 
ATOM   736  N  NZ  . LYS A 1 89  ? -2.881  -6.955  -11.806 1.00 39.71 ? 89  LYS A NZ  1 
ATOM   737  N  N   . GLU A 1 90  ? 4.395   -5.362  -11.950 1.00 29.04 ? 90  GLU A N   1 
ATOM   738  C  CA  . GLU A 1 90  ? 5.239   -6.134  -11.088 1.00 29.19 ? 90  GLU A CA  1 
ATOM   739  C  C   . GLU A 1 90  ? 6.057   -5.495  -9.995  1.00 25.46 ? 90  GLU A C   1 
ATOM   740  O  O   . GLU A 1 90  ? 6.555   -4.404  -10.129 1.00 24.01 ? 90  GLU A O   1 
ATOM   741  C  CB  . GLU A 1 90  ? 6.194   -6.954  -11.950 1.00 33.51 ? 90  GLU A CB  1 
ATOM   742  C  CG  . GLU A 1 90  ? 5.476   -7.668  -13.090 1.00 39.75 ? 90  GLU A CG  1 
ATOM   743  C  CD  . GLU A 1 90  ? 6.477   -8.219  -14.080 1.00 43.05 ? 90  GLU A CD  1 
ATOM   744  O  OE1 . GLU A 1 90  ? 7.243   -7.391  -14.654 1.00 45.32 ? 90  GLU A OE1 1 
ATOM   745  O  OE2 . GLU A 1 90  ? 6.497   -9.462  -14.266 1.00 44.98 ? 90  GLU A OE2 1 
ATOM   746  N  N   . GLY A 1 91  ? 6.203   -6.235  -8.917  1.00 21.04 ? 91  GLY A N   1 
ATOM   747  C  CA  . GLY A 1 91  ? 7.045   -5.772  -7.830  1.00 20.07 ? 91  GLY A CA  1 
ATOM   748  C  C   . GLY A 1 91  ? 6.555   -4.609  -6.976  1.00 18.66 ? 91  GLY A C   1 
ATOM   749  O  O   . GLY A 1 91  ? 7.377   -3.899  -6.394  1.00 17.14 ? 91  GLY A O   1 
ATOM   750  N  N   . ASN A 1 92  ? 5.236   -4.458  -6.846  1.00 16.47 ? 92  ASN A N   1 
ATOM   751  C  CA  . ASN A 1 92  ? 4.735   -3.392  -5.969  1.00 18.00 ? 92  ASN A CA  1 
ATOM   752  C  C   . ASN A 1 92  ? 4.694   -3.716  -4.518  1.00 16.74 ? 92  ASN A C   1 
ATOM   753  O  O   . ASN A 1 92  ? 4.068   -4.723  -4.147  1.00 16.59 ? 92  ASN A O   1 
ATOM   754  C  CB  . ASN A 1 92  ? 3.309   -2.961  -6.401  1.00 16.58 ? 92  ASN A CB  1 
ATOM   755  C  CG  . ASN A 1 92  ? 3.326   -2.315  -7.747  1.00 19.09 ? 92  ASN A CG  1 
ATOM   756  O  OD1 . ASN A 1 92  ? 3.859   -1.205  -7.873  1.00 20.46 ? 92  ASN A OD1 1 
ATOM   757  N  ND2 . ASN A 1 92  ? 2.834   -3.013  -8.780  1.00 18.12 ? 92  ASN A ND2 1 
ATOM   758  N  N   . LEU A 1 93  ? 5.332   -2.875  -3.685  1.00 14.33 ? 93  LEU A N   1 
ATOM   759  C  CA  . LEU A 1 93  ? 5.232   -3.066  -2.221  1.00 14.50 ? 93  LEU A CA  1 
ATOM   760  C  C   . LEU A 1 93  ? 4.516   -1.846  -1.649  1.00 14.97 ? 93  LEU A C   1 
ATOM   761  O  O   . LEU A 1 93  ? 4.752   -0.721  -2.074  1.00 15.29 ? 93  LEU A O   1 
ATOM   762  C  CB  . LEU A 1 93  ? 6.607   -3.153  -1.548  1.00 17.74 ? 93  LEU A CB  1 
ATOM   763  C  CG  . LEU A 1 93  ? 6.573   -3.469  -0.045  1.00 19.87 ? 93  LEU A CG  1 
ATOM   764  C  CD1 . LEU A 1 93  ? 6.198   -4.975  0.118   1.00 23.32 ? 93  LEU A CD1 1 
ATOM   765  C  CD2 . LEU A 1 93  ? 7.989   -3.263  0.547   1.00 21.76 ? 93  LEU A CD2 1 
ATOM   766  N  N   . VAL A 1 94  ? 3.545   -2.077  -0.769  1.00 11.96 ? 94  VAL A N   1 
ATOM   767  C  CA  . VAL A 1 94  ? 2.862   -0.992  -0.097  1.00 12.75 ? 94  VAL A CA  1 
ATOM   768  C  C   . VAL A 1 94  ? 3.272   -1.121  1.407   1.00 14.24 ? 94  VAL A C   1 
ATOM   769  O  O   . VAL A 1 94  ? 3.237   -2.238  1.938   1.00 16.45 ? 94  VAL A O   1 
ATOM   770  C  CB  . VAL A 1 94  ? 1.321   -1.156  -0.183  1.00 11.77 ? 94  VAL A CB  1 
ATOM   771  C  CG1 . VAL A 1 94  ? 0.632   -0.016  0.663   1.00 10.25 ? 94  VAL A CG1 1 
ATOM   772  C  CG2 . VAL A 1 94  ? 0.809   -1.238  -1.706  1.00 11.14 ? 94  VAL A CG2 1 
ATOM   773  N  N   . HIS A 1 95  ? 3.637   -0.033  2.112   1.00 13.21 ? 95  HIS A N   1 
ATOM   774  C  CA  . HIS A 1 95  ? 3.947   -0.234  3.528   1.00 13.32 ? 95  HIS A CA  1 
ATOM   775  C  C   . HIS A 1 95  ? 3.508   0.897   4.394   1.00 14.98 ? 95  HIS A C   1 
ATOM   776  O  O   . HIS A 1 95  ? 3.363   2.048   3.907   1.00 14.97 ? 95  HIS A O   1 
ATOM   777  C  CB  . HIS A 1 95  ? 5.447   -0.482  3.764   1.00 13.61 ? 95  HIS A CB  1 
ATOM   778  C  CG  . HIS A 1 95  ? 6.287   0.759   3.850   1.00 16.34 ? 95  HIS A CG  1 
ATOM   779  N  ND1 . HIS A 1 95  ? 6.403   1.495   5.021   1.00 16.18 ? 95  HIS A ND1 1 
ATOM   780  C  CD2 . HIS A 1 95  ? 7.116   1.343   2.949   1.00 14.47 ? 95  HIS A CD2 1 
ATOM   781  C  CE1 . HIS A 1 95  ? 7.279   2.469   4.830   1.00 19.39 ? 95  HIS A CE1 1 
ATOM   782  N  NE2 . HIS A 1 95  ? 7.730   2.394   3.586   1.00 17.73 ? 95  HIS A NE2 1 
ATOM   783  N  N   . CYS A 1 96  ? 3.287   0.603   5.669   1.00 14.49 ? 96  CYS A N   1 
ATOM   784  C  CA  . CYS A 1 96  ? 2.952   1.688   6.626   1.00 16.17 ? 96  CYS A CA  1 
ATOM   785  C  C   . CYS A 1 96  ? 3.871   1.394   7.796   1.00 16.34 ? 96  CYS A C   1 
ATOM   786  O  O   . CYS A 1 96  ? 5.059   1.097   7.529   1.00 17.21 ? 96  CYS A O   1 
ATOM   787  C  CB  . CYS A 1 96  ? 1.428   1.718   6.938   1.00 17.94 ? 96  CYS A CB  1 
ATOM   788  S  SG  . CYS A 1 96  ? 0.742   0.258   7.869   1.00 20.73 ? 96  CYS A SG  1 
ATOM   789  N  N   . VAL A 1 97  ? 3.453   1.488   9.072   1.00 16.68 ? 97  VAL A N   1 
ATOM   790  C  CA  . VAL A 1 97  ? 4.433   1.180   10.155  1.00 17.47 ? 97  VAL A CA  1 
ATOM   791  C  C   . VAL A 1 97  ? 4.492   -0.321  10.509  1.00 18.54 ? 97  VAL A C   1 
ATOM   792  O  O   . VAL A 1 97  ? 5.564   -0.914  10.476  1.00 17.08 ? 97  VAL A O   1 
ATOM   793  C  CB  . VAL A 1 97  ? 4.165   2.028   11.443  1.00 18.35 ? 97  VAL A CB  1 
ATOM   794  C  CG1 . VAL A 1 97  ? 5.063   1.532   12.639  1.00 19.26 ? 97  VAL A CG1 1 
ATOM   795  C  CG2 . VAL A 1 97  ? 4.481   3.510   11.138  1.00 18.90 ? 97  VAL A CG2 1 
ATOM   796  N  N   . GLY A 1 98  ? 3.329   -0.918  10.805  1.00 21.09 ? 98  GLY A N   1 
ATOM   797  C  CA  . GLY A 1 98  ? 3.287   -2.356  11.135  1.00 22.93 ? 98  GLY A CA  1 
ATOM   798  C  C   . GLY A 1 98  ? 2.900   -3.312  10.010  1.00 22.12 ? 98  GLY A C   1 
ATOM   799  O  O   . GLY A 1 98  ? 2.973   -4.532  10.169  1.00 23.83 ? 98  GLY A O   1 
ATOM   800  N  N   . GLY A 1 99  ? 2.474   -2.796  8.872   1.00 19.32 ? 99  GLY A N   1 
ATOM   801  C  CA  . GLY A 1 99  ? 2.105   -3.685  7.771   1.00 19.96 ? 99  GLY A CA  1 
ATOM   802  C  C   . GLY A 1 99  ? 0.637   -4.145  7.791   1.00 19.84 ? 99  GLY A C   1 
ATOM   803  O  O   . GLY A 1 99  ? 0.191   -4.876  6.910   1.00 19.33 ? 99  GLY A O   1 
ATOM   804  N  N   . ILE A 1 100 ? -0.156  -3.656  8.731   1.00 19.60 ? 100 ILE A N   1 
ATOM   805  C  CA  . ILE A 1 100 ? -1.545  -4.144  8.771   1.00 22.54 ? 100 ILE A CA  1 
ATOM   806  C  C   . ILE A 1 100 ? -2.772  -3.284  8.401   1.00 21.40 ? 100 ILE A C   1 
ATOM   807  O  O   . ILE A 1 100 ? -3.528  -3.690  7.527   1.00 23.03 ? 100 ILE A O   1 
ATOM   808  C  CB  . ILE A 1 100 ? -1.832  -4.832  10.151  1.00 23.33 ? 100 ILE A CB  1 
ATOM   809  C  CG1 . ILE A 1 100 ? -1.683  -3.846  11.291  1.00 29.21 ? 100 ILE A CG1 1 
ATOM   810  C  CG2 . ILE A 1 100 ? -0.714  -5.840  10.477  1.00 26.10 ? 100 ILE A CG2 1 
ATOM   811  C  CD1 . ILE A 1 100 ? -1.606  -4.525  12.677  1.00 32.98 ? 100 ILE A CD1 1 
ATOM   812  N  N   . GLY A 1 101 ? -2.993  -2.150  9.052   1.00 19.68 ? 101 GLY A N   1 
ATOM   813  C  CA  . GLY A 1 101 ? -4.195  -1.386  8.781   1.00 17.28 ? 101 GLY A CA  1 
ATOM   814  C  C   . GLY A 1 101 ? -4.269  -0.595  7.466   1.00 16.75 ? 101 GLY A C   1 
ATOM   815  O  O   . GLY A 1 101 ? -5.035  -0.913  6.529   1.00 14.56 ? 101 GLY A O   1 
ATOM   816  N  N   . ARG A 1 102 ? -3.488  0.474   7.396   1.00 14.59 ? 102 ARG A N   1 
ATOM   817  C  CA  . ARG A 1 102 ? -3.477  1.254   6.170   1.00 15.08 ? 102 ARG A CA  1 
ATOM   818  C  C   . ARG A 1 102 ? -3.069  0.444   4.980   1.00 13.94 ? 102 ARG A C   1 
ATOM   819  O  O   . ARG A 1 102 ? -3.670  0.578   3.906   1.00 14.96 ? 102 ARG A O   1 
ATOM   820  C  CB  . ARG A 1 102 ? -2.531  2.421   6.329   1.00 16.03 ? 102 ARG A CB  1 
ATOM   821  C  CG  . ARG A 1 102 ? -3.143  3.429   7.340   1.00 17.54 ? 102 ARG A CG  1 
ATOM   822  C  CD  . ARG A 1 102 ? -2.056  4.497   7.760   1.00 18.88 ? 102 ARG A CD  1 
ATOM   823  N  NE  . ARG A 1 102 ? -1.131  3.888   8.707   1.00 17.10 ? 102 ARG A NE  1 
ATOM   824  C  CZ  . ARG A 1 102 ? -0.166  4.549   9.347   1.00 21.07 ? 102 ARG A CZ  1 
ATOM   825  N  NH1 . ARG A 1 102 ? 0.033   5.859   9.126   1.00 17.03 ? 102 ARG A NH1 1 
ATOM   826  N  NH2 . ARG A 1 102 ? 0.592   3.889   10.234  1.00 17.54 ? 102 ARG A NH2 1 
ATOM   827  N  N   . THR A 1 103 ? -2.036  -0.364  5.157   1.00 11.40 ? 103 THR A N   1 
ATOM   828  C  CA  . THR A 1 103 ? -1.518  -1.203  4.099   1.00 13.00 ? 103 THR A CA  1 
ATOM   829  C  C   . THR A 1 103 ? -2.559  -2.229  3.686   1.00 12.76 ? 103 THR A C   1 
ATOM   830  O  O   . THR A 1 103 ? -2.804  -2.423  2.496   1.00 12.38 ? 103 THR A O   1 
ATOM   831  C  CB  . THR A 1 103 ? -0.203  -1.919  4.553   1.00 14.30 ? 103 THR A CB  1 
ATOM   832  O  OG1 . THR A 1 103 ? 0.822   -0.941  4.703   1.00 13.59 ? 103 THR A OG1 1 
ATOM   833  C  CG2 . THR A 1 103 ? 0.281   -2.982  3.537   1.00 12.22 ? 103 THR A CG2 1 
ATOM   834  N  N   . GLY A 1 104 ? -3.197  -2.899  4.655   1.00 13.14 ? 104 GLY A N   1 
ATOM   835  C  CA  . GLY A 1 104 ? -4.189  -3.889  4.216   1.00 14.24 ? 104 GLY A CA  1 
ATOM   836  C  C   . GLY A 1 104 ? -5.366  -3.251  3.505   1.00 14.11 ? 104 GLY A C   1 
ATOM   837  O  O   . GLY A 1 104 ? -5.940  -3.834  2.598   1.00 14.70 ? 104 GLY A O   1 
ATOM   838  N  N   . THR A 1 105 ? -5.721  -2.037  3.903   1.00 13.97 ? 105 THR A N   1 
ATOM   839  C  CA  . THR A 1 105 ? -6.802  -1.328  3.263   1.00 15.11 ? 105 THR A CA  1 
ATOM   840  C  C   . THR A 1 105 ? -6.466  -1.065  1.805   1.00 14.34 ? 105 THR A C   1 
ATOM   841  O  O   . THR A 1 105 ? -7.285  -1.313  0.902   1.00 12.89 ? 105 THR A O   1 
ATOM   842  C  CB  . THR A 1 105 ? -7.046  0.045   3.982   1.00 15.48 ? 105 THR A CB  1 
ATOM   843  O  OG1 . THR A 1 105 ? -7.346  -0.208  5.363   1.00 18.94 ? 105 THR A OG1 1 
ATOM   844  C  CG2 . THR A 1 105 ? -8.268  0.797   3.338   1.00 17.20 ? 105 THR A CG2 1 
ATOM   845  N  N   . ILE A 1 106 ? -5.266  -0.558  1.561   1.00 13.97 ? 106 ILE A N   1 
ATOM   846  C  CA  . ILE A 1 106 ? -4.922  -0.252  0.162   1.00 13.42 ? 106 ILE A CA  1 
ATOM   847  C  C   . ILE A 1 106 ? -4.833  -1.564  -0.634  1.00 13.03 ? 106 ILE A C   1 
ATOM   848  O  O   . ILE A 1 106 ? -5.241  -1.640  -1.770  1.00 12.41 ? 106 ILE A O   1 
ATOM   849  C  CB  . ILE A 1 106 ? -3.588  0.491   0.107   1.00 15.55 ? 106 ILE A CB  1 
ATOM   850  C  CG1 . ILE A 1 106 ? -3.764  1.876   0.792   1.00 15.51 ? 106 ILE A CG1 1 
ATOM   851  C  CG2 . ILE A 1 106 ? -3.105  0.580   -1.328  1.00 13.72 ? 106 ILE A CG2 1 
ATOM   852  C  CD1 . ILE A 1 106 ? -4.936  2.711   0.132   1.00 18.08 ? 106 ILE A CD1 1 
ATOM   853  N  N   . LEU A 1 107 ? -4.265  -2.627  -0.051  1.00 11.14 ? 107 LEU A N   1 
ATOM   854  C  CA  . LEU A 1 107 ? -4.194  -3.856  -0.809  1.00 10.34 ? 107 LEU A CA  1 
ATOM   855  C  C   . LEU A 1 107 ? -5.565  -4.379  -1.144  1.00 10.78 ? 107 LEU A C   1 
ATOM   856  O  O   . LEU A 1 107 ? -5.817  -4.837  -2.287  1.00 12.49 ? 107 LEU A O   1 
ATOM   857  C  CB  . LEU A 1 107 ? -3.361  -4.888  -0.044  1.00 11.71 ? 107 LEU A CB  1 
ATOM   858  C  CG  . LEU A 1 107 ? -1.878  -4.444  0.091   1.00 14.12 ? 107 LEU A CG  1 
ATOM   859  C  CD1 . LEU A 1 107 ? -1.131  -5.483  1.107   1.00 15.24 ? 107 LEU A CD1 1 
ATOM   860  C  CD2 . LEU A 1 107 ? -1.215  -4.478  -1.279  1.00 13.27 ? 107 LEU A CD2 1 
ATOM   861  N  N   . ALA A 1 108 ? -6.480  -4.343  -0.194  1.00 11.67 ? 108 ALA A N   1 
ATOM   862  C  CA  . ALA A 1 108 ? -7.812  -4.896  -0.487  1.00 12.16 ? 108 ALA A CA  1 
ATOM   863  C  C   . ALA A 1 108 ? -8.462  -4.007  -1.543  1.00 14.39 ? 108 ALA A C   1 
ATOM   864  O  O   . ALA A 1 108 ? -9.206  -4.499  -2.365  1.00 12.95 ? 108 ALA A O   1 
ATOM   865  C  CB  . ALA A 1 108 ? -8.696  -4.914  0.761   1.00 14.14 ? 108 ALA A CB  1 
ATOM   866  N  N   . SER A 1 109 ? -8.219  -2.700  -1.462  1.00 11.64 ? 109 SER A N   1 
ATOM   867  C  CA  . SER A 1 109 ? -8.785  -1.770  -2.477  1.00 14.18 ? 109 SER A CA  1 
ATOM   868  C  C   . SER A 1 109 ? -8.327  -2.150  -3.895  1.00 11.16 ? 109 SER A C   1 
ATOM   869  O  O   . SER A 1 109 ? -9.112  -2.124  -4.852  1.00 14.87 ? 109 SER A O   1 
ATOM   870  C  CB  . SER A 1 109 ? -8.271  -0.365  -2.214  1.00 13.95 ? 109 SER A CB  1 
ATOM   871  O  OG  . SER A 1 109 ? -9.079  0.161   -1.192  1.00 21.31 ? 109 SER A OG  1 
ATOM   872  N  N   . TYR A 1 110 ? -7.067  -2.502  -3.992  1.00 10.24 ? 110 TYR A N   1 
ATOM   873  C  CA  . TYR A 1 110 ? -6.448  -2.889  -5.256  1.00 14.36 ? 110 TYR A CA  1 
ATOM   874  C  C   . TYR A 1 110 ? -7.154  -4.117  -5.860  1.00 15.61 ? 110 TYR A C   1 
ATOM   875  O  O   . TYR A 1 110 ? -7.498  -4.146  -7.063  1.00 14.95 ? 110 TYR A O   1 
ATOM   876  C  CB  . TYR A 1 110 ? -4.970  -3.211  -5.016  1.00 12.16 ? 110 TYR A CB  1 
ATOM   877  C  CG  . TYR A 1 110 ? -4.274  -3.639  -6.283  1.00 16.99 ? 110 TYR A CG  1 
ATOM   878  C  CD1 . TYR A 1 110 ? -3.711  -2.682  -7.160  1.00 18.85 ? 110 TYR A CD1 1 
ATOM   879  C  CD2 . TYR A 1 110 ? -4.124  -5.009  -6.598  1.00 16.07 ? 110 TYR A CD2 1 
ATOM   880  C  CE1 . TYR A 1 110 ? -3.020  -3.100  -8.300  1.00 18.10 ? 110 TYR A CE1 1 
ATOM   881  C  CE2 . TYR A 1 110 ? -3.445  -5.405  -7.690  1.00 16.93 ? 110 TYR A CE2 1 
ATOM   882  C  CZ  . TYR A 1 110 ? -2.897  -4.437  -8.536  1.00 18.78 ? 110 TYR A CZ  1 
ATOM   883  O  OH  . TYR A 1 110 ? -2.237  -4.854  -9.661  1.00 21.59 ? 110 TYR A OH  1 
ATOM   884  N  N   . LEU A 1 111 ? -7.401  -5.122  -5.004  1.00 13.16 ? 111 LEU A N   1 
ATOM   885  C  CA  . LEU A 1 111 ? -8.090  -6.330  -5.414  1.00 14.80 ? 111 LEU A CA  1 
ATOM   886  C  C   . LEU A 1 111 ? -9.550  -6.054  -5.852  1.00 14.33 ? 111 LEU A C   1 
ATOM   887  O  O   . LEU A 1 111 ? -10.037 -6.641  -6.822  1.00 14.85 ? 111 LEU A O   1 
ATOM   888  C  CB  . LEU A 1 111 ? -8.114  -7.352  -4.263  1.00 12.97 ? 111 LEU A CB  1 
ATOM   889  C  CG  . LEU A 1 111 ? -6.726  -7.869  -3.863  1.00 14.37 ? 111 LEU A CG  1 
ATOM   890  C  CD1 . LEU A 1 111 ? -6.959  -8.929  -2.646  1.00 14.66 ? 111 LEU A CD1 1 
ATOM   891  C  CD2 . LEU A 1 111 ? -6.018  -8.470  -5.140  1.00 14.08 ? 111 LEU A CD2 1 
ATOM   892  N  N   . ILE A 1 112 ? -10.232 -5.183  -5.131  1.00 14.30 ? 112 ILE A N   1 
ATOM   893  C  CA  . ILE A 1 112 ? -11.574 -4.849  -5.512  1.00 14.09 ? 112 ILE A CA  1 
ATOM   894  C  C   . ILE A 1 112 ? -11.563 -4.232  -6.920  1.00 15.20 ? 112 ILE A C   1 
ATOM   895  O  O   . ILE A 1 112 ? -12.391 -4.588  -7.765  1.00 15.07 ? 112 ILE A O   1 
ATOM   896  C  CB  . ILE A 1 112 ? -12.200 -3.856  -4.534  1.00 14.34 ? 112 ILE A CB  1 
ATOM   897  C  CG1 . ILE A 1 112 ? -12.398 -4.527  -3.165  1.00 15.44 ? 112 ILE A CG1 1 
ATOM   898  C  CG2 . ILE A 1 112 ? -13.549 -3.350  -5.075  1.00 16.72 ? 112 ILE A CG2 1 
ATOM   899  C  CD1 . ILE A 1 112 ? -12.830 -3.510  -2.017  1.00 14.06 ? 112 ILE A CD1 1 
ATOM   900  N  N   . LEU A 1 113 ? -10.650 -3.305  -7.164  1.00 12.33 ? 113 LEU A N   1 
ATOM   901  C  CA  . LEU A 1 113 ? -10.643 -2.645  -8.485  1.00 14.84 ? 113 LEU A CA  1 
ATOM   902  C  C   . LEU A 1 113 ? -10.192 -3.561  -9.594  1.00 15.32 ? 113 LEU A C   1 
ATOM   903  O  O   . LEU A 1 113 ? -10.868 -3.633  -10.610 1.00 16.10 ? 113 LEU A O   1 
ATOM   904  C  CB  . LEU A 1 113 ? -9.765  -1.382  -8.492  1.00 15.49 ? 113 LEU A CB  1 
ATOM   905  C  CG  . LEU A 1 113 ? -10.229 -0.361  -7.438  1.00 18.17 ? 113 LEU A CG  1 
ATOM   906  C  CD1 . LEU A 1 113 ? -9.329  0.863   -7.625  1.00 17.83 ? 113 LEU A CD1 1 
ATOM   907  C  CD2 . LEU A 1 113 ? -11.697 0.025   -7.602  1.00 18.71 ? 113 LEU A CD2 1 
ATOM   908  N  N   . THR A 1 114 ? -9.073  -4.272  -9.414  1.00 14.74 ? 114 THR A N   1 
ATOM   909  C  CA  . THR A 1 114 ? -8.551  -5.143  -10.458 1.00 15.62 ? 114 THR A CA  1 
ATOM   910  C  C   . THR A 1 114 ? -9.212  -6.504  -10.672 1.00 18.54 ? 114 THR A C   1 
ATOM   911  O  O   . THR A 1 114 ? -9.143  -7.030  -11.805 1.00 16.67 ? 114 THR A O   1 
ATOM   912  C  CB  . THR A 1 114 ? -7.021  -5.413  -10.264 1.00 17.18 ? 114 THR A CB  1 
ATOM   913  O  OG1 . THR A 1 114 ? -6.811  -6.106  -9.023  1.00 16.22 ? 114 THR A OG1 1 
ATOM   914  C  CG2 . THR A 1 114 ? -6.252  -4.108  -10.169 1.00 14.98 ? 114 THR A CG2 1 
ATOM   915  N  N   . GLU A 1 115 ? -9.835  -7.079  -9.626  1.00 15.98 ? 115 GLU A N   1 
ATOM   916  C  CA  . GLU A 1 115 ? -10.442 -8.407  -9.774  1.00 16.58 ? 115 GLU A CA  1 
ATOM   917  C  C   . GLU A 1 115 ? -11.970 -8.399  -9.604  1.00 17.04 ? 115 GLU A C   1 
ATOM   918  O  O   . GLU A 1 115 ? -12.601 -9.411  -9.808  1.00 15.95 ? 115 GLU A O   1 
ATOM   919  C  CB  . GLU A 1 115 ? -9.817  -9.408  -8.773  1.00 18.68 ? 115 GLU A CB  1 
ATOM   920  C  CG  . GLU A 1 115 ? -8.317  -9.668  -9.112  1.00 21.25 ? 115 GLU A CG  1 
ATOM   921  C  CD  . GLU A 1 115 ? -7.558  -10.614 -8.148  1.00 25.18 ? 115 GLU A CD  1 
ATOM   922  O  OE1 . GLU A 1 115 ? -8.222  -11.353 -7.365  1.00 22.87 ? 115 GLU A OE1 1 
ATOM   923  O  OE2 . GLU A 1 115 ? -6.279  -10.610 -8.194  1.00 21.83 ? 115 GLU A OE2 1 
ATOM   924  N  N   . GLY A 1 116 ? -12.534 -7.232  -9.290  1.00 14.96 ? 116 GLY A N   1 
ATOM   925  C  CA  . GLY A 1 116 ? -13.960 -7.113  -9.068  1.00 17.72 ? 116 GLY A CA  1 
ATOM   926  C  C   . GLY A 1 116 ? -14.416 -7.898  -7.826  1.00 18.22 ? 116 GLY A C   1 
ATOM   927  O  O   . GLY A 1 116 ? -15.588 -8.284  -7.750  1.00 16.45 ? 116 GLY A O   1 
ATOM   928  N  N   . LEU A 1 117 ? -13.529 -8.109  -6.849  1.00 18.67 ? 117 LEU A N   1 
ATOM   929  C  CA  . LEU A 1 117 ? -13.965 -8.840  -5.657  1.00 20.43 ? 117 LEU A CA  1 
ATOM   930  C  C   . LEU A 1 117 ? -14.934 -8.089  -4.789  1.00 20.60 ? 117 LEU A C   1 
ATOM   931  O  O   . LEU A 1 117 ? -14.867 -6.873  -4.671  1.00 21.51 ? 117 LEU A O   1 
ATOM   932  C  CB  . LEU A 1 117 ? -12.813 -9.219  -4.728  1.00 18.89 ? 117 LEU A CB  1 
ATOM   933  C  CG  . LEU A 1 117 ? -11.589 -9.899  -5.246  1.00 22.97 ? 117 LEU A CG  1 
ATOM   934  C  CD1 . LEU A 1 117 ? -10.710 -10.286 -4.064  1.00 20.86 ? 117 LEU A CD1 1 
ATOM   935  C  CD2 . LEU A 1 117 ? -12.032 -11.129 -6.065  1.00 24.20 ? 117 LEU A CD2 1 
ATOM   936  N  N   . GLU A 1 118 ? -15.851 -8.811  -4.132  1.00 20.84 ? 118 GLU A N   1 
ATOM   937  C  CA  . GLU A 1 118 ? -16.752 -8.110  -3.210  1.00 20.02 ? 118 GLU A CA  1 
ATOM   938  C  C   . GLU A 1 118 ? -15.889 -7.710  -1.997  1.00 19.44 ? 118 GLU A C   1 
ATOM   939  O  O   . GLU A 1 118 ? -14.873 -8.339  -1.724  1.00 17.65 ? 118 GLU A O   1 
ATOM   940  C  CB  . GLU A 1 118 ? -17.927 -8.996  -2.805  1.00 21.61 ? 118 GLU A CB  1 
ATOM   941  C  CG  . GLU A 1 118 ? -18.762 -9.259  -4.066  1.00 24.59 ? 118 GLU A CG  1 
ATOM   942  C  CD  . GLU A 1 118 ? -20.026 -10.113 -3.857  1.00 28.09 ? 118 GLU A CD  1 
ATOM   943  O  OE1 . GLU A 1 118 ? -20.247 -10.676 -2.753  1.00 29.56 ? 118 GLU A OE1 1 
ATOM   944  O  OE2 . GLU A 1 118 ? -20.797 -10.211 -4.849  1.00 30.18 ? 118 GLU A OE2 1 
ATOM   945  N  N   . VAL A 1 119 ? -16.320 -6.689  -1.251  1.00 18.86 ? 119 VAL A N   1 
ATOM   946  C  CA  . VAL A 1 119 ? -15.495 -6.202  -0.147  1.00 19.09 ? 119 VAL A CA  1 
ATOM   947  C  C   . VAL A 1 119 ? -15.104 -7.281  0.871   1.00 19.97 ? 119 VAL A C   1 
ATOM   948  O  O   . VAL A 1 119 ? -13.978 -7.304  1.306   1.00 15.22 ? 119 VAL A O   1 
ATOM   949  C  CB  . VAL A 1 119 ? -16.184 -5.035  0.602   1.00 18.53 ? 119 VAL A CB  1 
ATOM   950  C  CG1 . VAL A 1 119 ? -17.584 -5.468  1.106   1.00 19.91 ? 119 VAL A CG1 1 
ATOM   951  C  CG2 . VAL A 1 119 ? -15.275 -4.578  1.795   1.00 17.17 ? 119 VAL A CG2 1 
ATOM   952  N  N   . GLU A 1 120 ? -16.014 -8.218  1.178   1.00 19.71 ? 120 GLU A N   1 
ATOM   953  C  CA  . GLU A 1 120 ? -15.675 -9.232  2.204   1.00 21.43 ? 120 GLU A CA  1 
ATOM   954  C  C   . GLU A 1 120 ? -14.634 -10.215 1.674   1.00 18.90 ? 120 GLU A C   1 
ATOM   955  O  O   . GLU A 1 120 ? -13.820 -10.686 2.446   1.00 20.21 ? 120 GLU A O   1 
ATOM   956  C  CB  . GLU A 1 120 ? -16.929 -10.018 2.680   1.00 22.95 ? 120 GLU A CB  1 
ATOM   957  C  CG  . GLU A 1 120 ? -17.587 -10.911 1.556   1.00 27.84 ? 120 GLU A CG  1 
ATOM   958  C  CD  . GLU A 1 120 ? -18.452 -10.139 0.509   1.00 30.09 ? 120 GLU A CD  1 
ATOM   959  O  OE1 . GLU A 1 120 ? -18.576 -8.872  0.580   1.00 32.08 ? 120 GLU A OE1 1 
ATOM   960  O  OE2 . GLU A 1 120 ? -19.023 -10.817 -0.385  1.00 31.48 ? 120 GLU A OE2 1 
ATOM   961  N  N   . SER A 1 121 ? -14.627 -10.476 0.362   1.00 18.26 ? 121 SER A N   1 
ATOM   962  C  CA  . SER A 1 121 ? -13.667 -11.369 -0.206  1.00 18.38 ? 121 SER A CA  1 
ATOM   963  C  C   . SER A 1 121 ? -12.297 -10.701 -0.246  1.00 18.10 ? 121 SER A C   1 
ATOM   964  O  O   . SER A 1 121 ? -11.265 -11.339 -0.001  1.00 17.31 ? 121 SER A O   1 
ATOM   965  C  CB  . SER A 1 121 ? -14.084 -11.807 -1.627  1.00 19.27 ? 121 SER A CB  1 
ATOM   966  O  OG  . SER A 1 121 ? -15.327 -12.495 -1.494  1.00 25.24 ? 121 SER A OG  1 
ATOM   967  N  N   . ALA A 1 122 ? -12.286 -9.425  -0.627  1.00 16.90 ? 122 ALA A N   1 
ATOM   968  C  CA  . ALA A 1 122 ? -11.034 -8.708  -0.640  1.00 15.98 ? 122 ALA A CA  1 
ATOM   969  C  C   . ALA A 1 122 ? -10.396 -8.681  0.760   1.00 15.42 ? 122 ALA A C   1 
ATOM   970  O  O   . ALA A 1 122 ? -9.197  -8.916  0.908   1.00 15.66 ? 122 ALA A O   1 
ATOM   971  C  CB  . ALA A 1 122 ? -11.262 -7.260  -1.122  1.00 16.42 ? 122 ALA A CB  1 
ATOM   972  N  N   . ILE A 1 123 ? -11.162 -8.313  1.764   1.00 15.13 ? 123 ILE A N   1 
ATOM   973  C  CA  . ILE A 1 123 ? -10.618 -8.263  3.098   1.00 19.68 ? 123 ILE A CA  1 
ATOM   974  C  C   . ILE A 1 123 ? -10.092 -9.639  3.533   1.00 21.49 ? 123 ILE A C   1 
ATOM   975  O  O   . ILE A 1 123 ? -8.980  -9.748  4.097   1.00 22.74 ? 123 ILE A O   1 
ATOM   976  C  CB  . ILE A 1 123 ? -11.667 -7.731  4.072   1.00 20.10 ? 123 ILE A CB  1 
ATOM   977  C  CG1 . ILE A 1 123 ? -11.907 -6.243  3.769   1.00 22.51 ? 123 ILE A CG1 1 
ATOM   978  C  CG2 . ILE A 1 123 ? -11.180 -7.883  5.549   1.00 20.78 ? 123 ILE A CG2 1 
ATOM   979  C  CD1 . ILE A 1 123 ? -13.153 -5.681  4.505   1.00 21.35 ? 123 ILE A CD1 1 
ATOM   980  N  N   . ASP A 1 124 ? -10.865 -10.689 3.252   1.00 24.37 ? 124 ASP A N   1 
ATOM   981  C  CA  . ASP A 1 124 ? -10.457 -12.065 3.614   1.00 24.20 ? 124 ASP A CA  1 
ATOM   982  C  C   . ASP A 1 124 ? -9.124  -12.450 2.949   1.00 23.15 ? 124 ASP A C   1 
ATOM   983  O  O   . ASP A 1 124 ? -8.238  -13.030 3.587   1.00 21.48 ? 124 ASP A O   1 
ATOM   984  C  CB  . ASP A 1 124 ? -11.525 -13.117 3.176   1.00 28.42 ? 124 ASP A CB  1 
ATOM   985  C  CG  . ASP A 1 124 ? -12.893 -12.925 3.872   1.00 36.34 ? 124 ASP A CG  1 
ATOM   986  O  OD1 . ASP A 1 124 ? -12.940 -12.372 5.011   1.00 39.75 ? 124 ASP A OD1 1 
ATOM   987  O  OD2 . ASP A 1 124 ? -13.958 -13.336 3.283   1.00 41.12 ? 124 ASP A OD2 1 
ATOM   988  N  N   . GLU A 1 125 ? -8.978  -12.134 1.663   1.00 22.00 ? 125 GLU A N   1 
ATOM   989  C  CA  . GLU A 1 125 ? -7.780  -12.483 0.931   1.00 24.49 ? 125 GLU A CA  1 
ATOM   990  C  C   . GLU A 1 125 ? -6.526  -11.869 1.522   1.00 24.01 ? 125 GLU A C   1 
ATOM   991  O  O   . GLU A 1 125 ? -5.440  -12.522 1.562   1.00 24.19 ? 125 GLU A O   1 
ATOM   992  C  CB  . GLU A 1 125 ? -7.875  -12.044 -0.529  1.00 26.82 ? 125 GLU A CB  1 
ATOM   993  C  CG  . GLU A 1 125 ? -8.793  -12.845 -1.350  1.00 34.37 ? 125 GLU A CG  1 
ATOM   994  C  CD  . GLU A 1 125 ? -8.122  -13.335 -2.643  1.00 36.73 ? 125 GLU A CD  1 
ATOM   995  O  OE1 . GLU A 1 125 ? -8.836  -13.526 -3.637  1.00 39.74 ? 125 GLU A OE1 1 
ATOM   996  O  OE2 . GLU A 1 125 ? -6.890  -13.547 -2.667  1.00 39.73 ? 125 GLU A OE2 1 
ATOM   997  N  N   . VAL A 1 126 ? -6.655  -10.607 1.947   1.00 22.11 ? 126 VAL A N   1 
ATOM   998  C  CA  . VAL A 1 126 ? -5.511  -9.923  2.539   1.00 21.54 ? 126 VAL A CA  1 
ATOM   999  C  C   . VAL A 1 126 ? -5.269  -10.489 3.939   1.00 22.04 ? 126 VAL A C   1 
ATOM   1000 O  O   . VAL A 1 126 ? -4.125  -10.717 4.311   1.00 23.12 ? 126 VAL A O   1 
ATOM   1001 C  CB  . VAL A 1 126 ? -5.716  -8.383  2.603   1.00 22.19 ? 126 VAL A CB  1 
ATOM   1002 C  CG1 . VAL A 1 126 ? -4.446  -7.724  3.125   1.00 20.77 ? 126 VAL A CG1 1 
ATOM   1003 C  CG2 . VAL A 1 126 ? -6.007  -7.846  1.163   1.00 19.30 ? 126 VAL A CG2 1 
ATOM   1004 N  N   . ARG A 1 127 ? -6.329  -10.735 4.700   1.00 23.06 ? 127 ARG A N   1 
ATOM   1005 C  CA  . ARG A 1 127 ? -6.160  -11.289 6.058   1.00 25.95 ? 127 ARG A CA  1 
ATOM   1006 C  C   . ARG A 1 127 ? -5.502  -12.664 6.061   1.00 25.58 ? 127 ARG A C   1 
ATOM   1007 O  O   . ARG A 1 127 ? -4.851  -13.022 7.044   1.00 26.78 ? 127 ARG A O   1 
ATOM   1008 C  CB  . ARG A 1 127 ? -7.491  -11.377 6.782   1.00 25.83 ? 127 ARG A CB  1 
ATOM   1009 C  CG  . ARG A 1 127 ? -7.887  -10.037 7.222   1.00 31.06 ? 127 ARG A CG  1 
ATOM   1010 C  CD  . ARG A 1 127 ? -9.158  -9.954  7.981   1.00 32.67 ? 127 ARG A CD  1 
ATOM   1011 N  NE  . ARG A 1 127 ? -9.247  -8.580  8.472   1.00 37.38 ? 127 ARG A NE  1 
ATOM   1012 C  CZ  . ARG A 1 127 ? -10.334 -8.046  8.999   1.00 40.36 ? 127 ARG A CZ  1 
ATOM   1013 N  NH1 . ARG A 1 127 ? -11.451 -8.772  9.110   1.00 41.91 ? 127 ARG A NH1 1 
ATOM   1014 N  NH2 . ARG A 1 127 ? -10.308 -6.789  9.419   1.00 42.00 ? 127 ARG A NH2 1 
ATOM   1015 N  N   . LEU A 1 128 ? -5.678  -13.422 4.988   1.00 26.71 ? 128 LEU A N   1 
ATOM   1016 C  CA  . LEU A 1 128 ? -5.088  -14.750 4.866   1.00 26.86 ? 128 LEU A CA  1 
ATOM   1017 C  C   . LEU A 1 128 ? -3.563  -14.704 4.805   1.00 26.92 ? 128 LEU A C   1 
ATOM   1018 O  O   . LEU A 1 128 ? -2.886  -15.684 5.209   1.00 24.52 ? 128 LEU A O   1 
ATOM   1019 C  CB  . LEU A 1 128 ? -5.620  -15.482 3.622   1.00 28.63 ? 128 LEU A CB  1 
ATOM   1020 C  CG  . LEU A 1 128 ? -6.988  -16.199 3.826   1.00 29.91 ? 128 LEU A CG  1 
ATOM   1021 C  CD1 . LEU A 1 128 ? -7.442  -16.788 2.493   1.00 30.58 ? 128 LEU A CD1 1 
ATOM   1022 C  CD2 . LEU A 1 128 ? -6.860  -17.337 4.866   1.00 27.36 ? 128 LEU A CD2 1 
ATOM   1023 N  N   . VAL A 1 129 ? -3.017  -13.609 4.240   1.00 23.83 ? 129 VAL A N   1 
ATOM   1024 C  CA  . VAL A 1 129 ? -1.561  -13.454 4.189   1.00 22.18 ? 129 VAL A CA  1 
ATOM   1025 C  C   . VAL A 1 129 ? -1.080  -12.469 5.245   1.00 20.20 ? 129 VAL A C   1 
ATOM   1026 O  O   . VAL A 1 129 ? 0.111   -12.419 5.530   1.00 21.93 ? 129 VAL A O   1 
ATOM   1027 C  CB  . VAL A 1 129 ? -1.028  -12.967 2.797   1.00 22.21 ? 129 VAL A CB  1 
ATOM   1028 C  CG1 . VAL A 1 129 ? -1.260  -14.034 1.759   1.00 26.22 ? 129 VAL A CG1 1 
ATOM   1029 C  CG2 . VAL A 1 129 ? -1.668  -11.683 2.373   1.00 24.43 ? 129 VAL A CG2 1 
ATOM   1030 N  N   . ARG A 1 130 ? -1.975  -11.689 5.809   1.00 20.26 ? 130 ARG A N   1 
ATOM   1031 C  CA  . ARG A 1 130 ? -1.585  -10.657 6.799   1.00 22.03 ? 130 ARG A CA  1 
ATOM   1032 C  C   . ARG A 1 130 ? -2.669  -10.566 7.805   1.00 23.09 ? 130 ARG A C   1 
ATOM   1033 O  O   . ARG A 1 130 ? -3.595  -9.726  7.728   1.00 22.72 ? 130 ARG A O   1 
ATOM   1034 C  CB  . ARG A 1 130 ? -1.365  -9.263  6.117   1.00 24.22 ? 130 ARG A CB  1 
ATOM   1035 C  CG  . ARG A 1 130 ? -1.285  -8.084  7.044   1.00 27.36 ? 130 ARG A CG  1 
ATOM   1036 C  CD  . ARG A 1 130 ? -1.149  -8.410  8.535   1.00 32.99 ? 130 ARG A CD  1 
ATOM   1037 N  NE  . ARG A 1 130 ? 0.201   -8.806  8.844   1.00 32.47 ? 130 ARG A NE  1 
ATOM   1038 C  CZ  . ARG A 1 130 ? 0.632   -9.210  10.032  1.00 34.09 ? 130 ARG A CZ  1 
ATOM   1039 N  NH1 . ARG A 1 130 ? -0.183  -9.313  11.089  1.00 35.63 ? 130 ARG A NH1 1 
ATOM   1040 N  NH2 . ARG A 1 130 ? 1.936   -9.438  10.177  1.00 34.27 ? 130 ARG A NH2 1 
ATOM   1041 N  N   . PRO A 1 131 ? -2.577  -11.429 8.826   1.00 22.38 ? 131 PRO A N   1 
ATOM   1042 C  CA  . PRO A 1 131 ? -3.633  -11.380 9.838   1.00 22.80 ? 131 PRO A CA  1 
ATOM   1043 C  C   . PRO A 1 131 ? -3.905  -9.973  10.387  1.00 24.80 ? 131 PRO A C   1 
ATOM   1044 O  O   . PRO A 1 131 ? -2.971  -9.192  10.630  1.00 23.84 ? 131 PRO A O   1 
ATOM   1045 C  CB  . PRO A 1 131 ? -3.122  -12.342 10.939  1.00 23.67 ? 131 PRO A CB  1 
ATOM   1046 C  CG  . PRO A 1 131 ? -2.272  -13.331 10.196  1.00 22.30 ? 131 PRO A CG  1 
ATOM   1047 C  CD  . PRO A 1 131 ? -1.500  -12.367 9.177   1.00 22.63 ? 131 PRO A CD  1 
ATOM   1048 N  N   . GLY A 1 132 ? -5.179  -9.673  10.628  1.00 24.23 ? 132 GLY A N   1 
ATOM   1049 C  CA  . GLY A 1 132 ? -5.538  -8.381  11.150  1.00 26.08 ? 132 GLY A CA  1 
ATOM   1050 C  C   . GLY A 1 132 ? -5.636  -7.248  10.115  1.00 26.24 ? 132 GLY A C   1 
ATOM   1051 O  O   . GLY A 1 132 ? -5.996  -6.129  10.488  1.00 26.82 ? 132 GLY A O   1 
ATOM   1052 N  N   . ALA A 1 133 ? -5.281  -7.520  8.859   1.00 25.66 ? 133 ALA A N   1 
ATOM   1053 C  CA  . ALA A 1 133 ? -5.352  -6.498  7.801   1.00 25.50 ? 133 ALA A CA  1 
ATOM   1054 C  C   . ALA A 1 133 ? -6.685  -5.750  7.864   1.00 27.09 ? 133 ALA A C   1 
ATOM   1055 O  O   . ALA A 1 133 ? -7.746  -6.341  8.094   1.00 28.12 ? 133 ALA A O   1 
ATOM   1056 C  CB  . ALA A 1 133 ? -5.188  -7.148  6.444   1.00 25.62 ? 133 ALA A CB  1 
ATOM   1057 N  N   . VAL A 1 134 ? -6.648  -4.441  7.638   1.00 27.43 ? 134 VAL A N   1 
ATOM   1058 C  CA  . VAL A 1 134 ? -7.869  -3.612  7.708   1.00 26.98 ? 134 VAL A CA  1 
ATOM   1059 C  C   . VAL A 1 134 ? -8.312  -3.609  9.179   1.00 28.28 ? 134 VAL A C   1 
ATOM   1060 O  O   . VAL A 1 134 ? -9.036  -4.497  9.665   1.00 29.94 ? 134 VAL A O   1 
ATOM   1061 C  CB  . VAL A 1 134 ? -9.045  -4.134  6.825   1.00 25.99 ? 134 VAL A CB  1 
ATOM   1062 C  CG1 . VAL A 1 134 ? -10.169 -3.059  6.839   1.00 27.20 ? 134 VAL A CG1 1 
ATOM   1063 C  CG2 . VAL A 1 134 ? -8.572  -4.397  5.370   1.00 25.19 ? 134 VAL A CG2 1 
ATOM   1064 N  N   . GLN A 1 135 ? -7.883  -2.575  9.869   1.00 26.94 ? 135 GLN A N   1 
ATOM   1065 C  CA  . GLN A 1 135 ? -8.106  -2.424  11.281  1.00 27.73 ? 135 GLN A CA  1 
ATOM   1066 C  C   . GLN A 1 135 ? -9.304  -1.674  11.767  1.00 27.65 ? 135 GLN A C   1 
ATOM   1067 O  O   . GLN A 1 135 ? -9.878  -2.090  12.787  1.00 26.41 ? 135 GLN A O   1 
ATOM   1068 C  CB  . GLN A 1 135 ? -6.913  -1.728  11.909  1.00 30.47 ? 135 GLN A CB  1 
ATOM   1069 C  CG  . GLN A 1 135 ? -5.631  -2.353  11.578  1.00 35.78 ? 135 GLN A CG  1 
ATOM   1070 C  CD  . GLN A 1 135 ? -5.096  -3.089  12.732  1.00 40.37 ? 135 GLN A CD  1 
ATOM   1071 O  OE1 . GLN A 1 135 ? -5.792  -3.942  13.288  1.00 44.70 ? 135 GLN A OE1 1 
ATOM   1072 N  NE2 . GLN A 1 135 ? -3.845  -2.789  13.126  1.00 42.47 ? 135 GLN A NE2 1 
ATOM   1073 N  N   . THR A 1 136 ? -9.688  -0.581  11.085  1.00 23.85 ? 136 THR A N   1 
ATOM   1074 C  CA  . THR A 1 136 ? -10.761 0.239   11.629  1.00 24.33 ? 136 THR A CA  1 
ATOM   1075 C  C   . THR A 1 136 ? -12.049 0.285   10.837  1.00 25.13 ? 136 THR A C   1 
ATOM   1076 O  O   . THR A 1 136 ? -12.075 -0.102  9.659   1.00 22.32 ? 136 THR A O   1 
ATOM   1077 C  CB  . THR A 1 136 ? -10.282 1.683   11.773  1.00 25.51 ? 136 THR A CB  1 
ATOM   1078 O  OG1 . THR A 1 136 ? -10.050 2.221   10.454  1.00 21.51 ? 136 THR A OG1 1 
ATOM   1079 C  CG2 . THR A 1 136 ? -8.876  1.705   12.594  1.00 25.39 ? 136 THR A CG2 1 
ATOM   1080 N  N   . TYR A 1 137 ? -13.118 0.751   11.503  1.00 24.04 ? 137 TYR A N   1 
ATOM   1081 C  CA  . TYR A 1 137 ? -14.424 0.916   10.847  1.00 24.41 ? 137 TYR A CA  1 
ATOM   1082 C  C   . TYR A 1 137 ? -14.313 1.912   9.677   1.00 23.34 ? 137 TYR A C   1 
ATOM   1083 O  O   . TYR A 1 137 ? -14.929 1.725   8.641   1.00 22.95 ? 137 TYR A O   1 
ATOM   1084 C  CB  . TYR A 1 137 ? -15.472 1.419   11.854  1.00 26.05 ? 137 TYR A CB  1 
ATOM   1085 C  CG  . TYR A 1 137 ? -15.818 0.409   12.932  1.00 28.11 ? 137 TYR A CG  1 
ATOM   1086 C  CD1 . TYR A 1 137 ? -16.016 -0.905  12.611  1.00 30.75 ? 137 TYR A CD1 1 
ATOM   1087 C  CD2 . TYR A 1 137 ? -15.993 0.791   14.273  1.00 33.35 ? 137 TYR A CD2 1 
ATOM   1088 C  CE1 . TYR A 1 137 ? -16.389 -1.864  13.589  1.00 34.31 ? 137 TYR A CE1 1 
ATOM   1089 C  CE2 . TYR A 1 137 ? -16.356 -0.174  15.282  1.00 34.62 ? 137 TYR A CE2 1 
ATOM   1090 C  CZ  . TYR A 1 137 ? -16.552 -1.501  14.904  1.00 35.45 ? 137 TYR A CZ  1 
ATOM   1091 O  OH  . TYR A 1 137 ? -16.933 -2.497  15.815  1.00 38.95 ? 137 TYR A OH  1 
ATOM   1092 N  N   . GLU A 1 138 ? -13.555 2.979   9.847   1.00 22.72 ? 138 GLU A N   1 
ATOM   1093 C  CA  . GLU A 1 138 ? -13.389 3.953   8.754   1.00 22.66 ? 138 GLU A CA  1 
ATOM   1094 C  C   . GLU A 1 138 ? -12.773 3.213   7.539   1.00 21.46 ? 138 GLU A C   1 
ATOM   1095 O  O   . GLU A 1 138 ? -13.173 3.424   6.394   1.00 19.94 ? 138 GLU A O   1 
ATOM   1096 C  CB  . GLU A 1 138 ? -12.437 5.094   9.168   1.00 24.37 ? 138 GLU A CB  1 
ATOM   1097 C  CG  . GLU A 1 138 ? -12.481 6.250   8.158   1.00 29.85 ? 138 GLU A CG  1 
ATOM   1098 C  CD  . GLU A 1 138 ? -11.561 7.425   8.530   1.00 32.28 ? 138 GLU A CD  1 
ATOM   1099 O  OE1 . GLU A 1 138 ? -10.908 7.377   9.597   1.00 34.99 ? 138 GLU A OE1 1 
ATOM   1100 O  OE2 . GLU A 1 138 ? -11.497 8.390   7.754   1.00 34.13 ? 138 GLU A OE2 1 
ATOM   1101 N  N   . GLN A 1 139 ? -11.806 2.334   7.803   1.00 20.00 ? 139 GLN A N   1 
ATOM   1102 C  CA  . GLN A 1 139 ? -11.206 1.575   6.714   1.00 18.49 ? 139 GLN A CA  1 
ATOM   1103 C  C   . GLN A 1 139 ? -12.200 0.609   6.048   1.00 18.38 ? 139 GLN A C   1 
ATOM   1104 O  O   . GLN A 1 139 ? -12.266 0.496   4.810   1.00 14.36 ? 139 GLN A O   1 
ATOM   1105 C  CB  . GLN A 1 139 ? -9.966  0.839   7.250   1.00 16.44 ? 139 GLN A CB  1 
ATOM   1106 C  CG  . GLN A 1 139 ? -8.782  1.838   7.419   1.00 15.95 ? 139 GLN A CG  1 
ATOM   1107 C  CD  . GLN A 1 139 ? -7.630  1.309   8.265   1.00 15.46 ? 139 GLN A CD  1 
ATOM   1108 O  OE1 . GLN A 1 139 ? -7.693  0.173   8.798   1.00 17.47 ? 139 GLN A OE1 1 
ATOM   1109 N  NE2 . GLN A 1 139 ? -6.568  2.128   8.400   1.00 15.46 ? 139 GLN A NE2 1 
ATOM   1110 N  N   . GLU A 1 140 ? -12.978 -0.114  6.864   1.00 19.04 ? 140 GLU A N   1 
ATOM   1111 C  CA  . GLU A 1 140 ? -13.965 -1.041  6.323   1.00 21.82 ? 140 GLU A CA  1 
ATOM   1112 C  C   . GLU A 1 140 ? -15.027 -0.306  5.479   1.00 21.46 ? 140 GLU A C   1 
ATOM   1113 O  O   . GLU A 1 140 ? -15.479 -0.816  4.409   1.00 21.36 ? 140 GLU A O   1 
ATOM   1114 C  CB  . GLU A 1 140 ? -14.702 -1.824  7.453   1.00 22.71 ? 140 GLU A CB  1 
ATOM   1115 C  CG  . GLU A 1 140 ? -13.815 -2.812  8.184   1.00 28.17 ? 140 GLU A CG  1 
ATOM   1116 C  CD  . GLU A 1 140 ? -14.553 -3.507  9.385   1.00 31.60 ? 140 GLU A CD  1 
ATOM   1117 O  OE1 . GLU A 1 140 ? -15.744 -3.202  9.662   1.00 33.03 ? 140 GLU A OE1 1 
ATOM   1118 O  OE2 . GLU A 1 140 ? -13.918 -4.356  10.029  1.00 32.16 ? 140 GLU A OE2 1 
ATOM   1119 N  N   . MET A 1 141 ? -15.447 0.860   5.962   1.00 21.35 ? 141 MET A N   1 
ATOM   1120 C  CA  . MET A 1 141 ? -16.463 1.661   5.244   1.00 21.71 ? 141 MET A CA  1 
ATOM   1121 C  C   . MET A 1 141 ? -15.919 2.143   3.915   1.00 19.82 ? 141 MET A C   1 
ATOM   1122 O  O   . MET A 1 141 ? -16.653 2.174   2.925   1.00 19.69 ? 141 MET A O   1 
ATOM   1123 C  CB  . MET A 1 141 ? -16.889 2.866   6.069   1.00 24.09 ? 141 MET A CB  1 
ATOM   1124 C  CG  . MET A 1 141 ? -17.548 2.484   7.375   1.00 30.24 ? 141 MET A CG  1 
ATOM   1125 S  SD  . MET A 1 141 ? -17.714 3.883   8.544   1.00 41.29 ? 141 MET A SD  1 
ATOM   1126 C  CE  . MET A 1 141 ? -16.594 5.201   7.840   1.00 39.10 ? 141 MET A CE  1 
ATOM   1127 N  N   . PHE A 1 142 ? -14.657 2.581   3.924   1.00 18.21 ? 142 PHE A N   1 
ATOM   1128 C  CA  . PHE A 1 142 ? -13.992 2.999   2.724   1.00 16.33 ? 142 PHE A CA  1 
ATOM   1129 C  C   . PHE A 1 142 ? -13.985 1.889   1.649   1.00 16.05 ? 142 PHE A C   1 
ATOM   1130 O  O   . PHE A 1 142 ? -14.268 2.176   0.485   1.00 13.15 ? 142 PHE A O   1 
ATOM   1131 C  CB  . PHE A 1 142 ? -12.560 3.432   3.088   1.00 17.68 ? 142 PHE A CB  1 
ATOM   1132 C  CG  . PHE A 1 142 ? -11.701 3.707   1.901   1.00 18.73 ? 142 PHE A CG  1 
ATOM   1133 C  CD1 . PHE A 1 142 ? -11.813 4.945   1.222   1.00 22.29 ? 142 PHE A CD1 1 
ATOM   1134 C  CD2 . PHE A 1 142 ? -10.803 2.753   1.448   1.00 16.85 ? 142 PHE A CD2 1 
ATOM   1135 C  CE1 . PHE A 1 142 ? -11.010 5.213   0.086   1.00 22.83 ? 142 PHE A CE1 1 
ATOM   1136 C  CE2 . PHE A 1 142 ? -9.972  3.018   0.290   1.00 19.98 ? 142 PHE A CE2 1 
ATOM   1137 C  CZ  . PHE A 1 142 ? -10.090 4.247   -0.371  1.00 20.74 ? 142 PHE A CZ  1 
ATOM   1138 N  N   . LEU A 1 143 ? -13.633 0.634   2.012   1.00 13.46 ? 143 LEU A N   1 
ATOM   1139 C  CA  . LEU A 1 143 ? -13.601 -0.482  1.062   1.00 13.88 ? 143 LEU A CA  1 
ATOM   1140 C  C   . LEU A 1 143 ? -14.987 -0.763  0.468   1.00 15.08 ? 143 LEU A C   1 
ATOM   1141 O  O   . LEU A 1 143 ? -15.095 -1.050  -0.721  1.00 15.17 ? 143 LEU A O   1 
ATOM   1142 C  CB  . LEU A 1 143 ? -13.067 -1.784  1.731   1.00 14.88 ? 143 LEU A CB  1 
ATOM   1143 C  CG  . LEU A 1 143 ? -11.597 -1.629  2.209   1.00 17.83 ? 143 LEU A CG  1 
ATOM   1144 C  CD1 . LEU A 1 143 ? -11.199 -2.816  3.129   1.00 18.58 ? 143 LEU A CD1 1 
ATOM   1145 C  CD2 . LEU A 1 143 ? -10.723 -1.565  0.939   1.00 19.11 ? 143 LEU A CD2 1 
ATOM   1146 N  N   . LEU A 1 144 ? -16.043 -0.727  1.294   1.00 14.58 ? 144 LEU A N   1 
ATOM   1147 C  CA  . LEU A 1 144 ? -17.389 -0.923  0.723   1.00 15.50 ? 144 LEU A CA  1 
ATOM   1148 C  C   . LEU A 1 144 ? -17.654 0.177   -0.308  1.00 14.85 ? 144 LEU A C   1 
ATOM   1149 O  O   . LEU A 1 144 ? -18.224 -0.067  -1.363  1.00 15.31 ? 144 LEU A O   1 
ATOM   1150 C  CB  . LEU A 1 144 ? -18.472 -0.865  1.803   1.00 14.85 ? 144 LEU A CB  1 
ATOM   1151 C  CG  . LEU A 1 144 ? -19.887 -1.185  1.281   1.00 14.18 ? 144 LEU A CG  1 
ATOM   1152 C  CD1 . LEU A 1 144 ? -19.934 -2.622  0.695   1.00 15.41 ? 144 LEU A CD1 1 
ATOM   1153 C  CD2 . LEU A 1 144 ? -20.908 -1.053  2.470   1.00 18.51 ? 144 LEU A CD2 1 
ATOM   1154 N  N   . ARG A 1 145 ? -17.245 1.396   0.006   1.00 15.39 ? 145 ARG A N   1 
ATOM   1155 C  CA  . ARG A 1 145 ? -17.373 2.486   -1.005  1.00 15.52 ? 145 ARG A CA  1 
ATOM   1156 C  C   . ARG A 1 145 ? -16.521 2.233   -2.291  1.00 16.28 ? 145 ARG A C   1 
ATOM   1157 O  O   . ARG A 1 145 ? -16.920 2.534   -3.470  1.00 18.36 ? 145 ARG A O   1 
ATOM   1158 C  CB  . ARG A 1 145 ? -16.940 3.765   -0.345  1.00 17.69 ? 145 ARG A CB  1 
ATOM   1159 C  CG  . ARG A 1 145 ? -16.891 4.997   -1.258  1.00 18.26 ? 145 ARG A CG  1 
ATOM   1160 C  CD  . ARG A 1 145 ? -17.014 6.264   -0.334  1.00 25.21 ? 145 ARG A CD  1 
ATOM   1161 N  NE  . ARG A 1 145 ? -17.066 7.468   -1.160  1.00 26.74 ? 145 ARG A NE  1 
ATOM   1162 C  CZ  . ARG A 1 145 ? -16.005 8.176   -1.517  1.00 27.45 ? 145 ARG A CZ  1 
ATOM   1163 N  NH1 . ARG A 1 145 ? -14.798 7.798   -1.110  1.00 25.25 ? 145 ARG A NH1 1 
ATOM   1164 N  NH2 . ARG A 1 145 ? -16.160 9.253   -2.295  1.00 26.30 ? 145 ARG A NH2 1 
ATOM   1165 N  N   . VAL A 1 146 ? -15.345 1.655   -2.128  1.00 15.72 ? 146 VAL A N   1 
ATOM   1166 C  CA  . VAL A 1 146 ? -14.528 1.372   -3.295  1.00 15.88 ? 146 VAL A CA  1 
ATOM   1167 C  C   . VAL A 1 146 ? -15.296 0.388   -4.151  1.00 16.41 ? 146 VAL A C   1 
ATOM   1168 O  O   . VAL A 1 146 ? -15.369 0.556   -5.388  1.00 17.94 ? 146 VAL A O   1 
ATOM   1169 C  CB  . VAL A 1 146 ? -13.192 0.812   -2.908  1.00 15.54 ? 146 VAL A CB  1 
ATOM   1170 C  CG1 . VAL A 1 146 ? -12.356 0.353   -4.196  1.00 12.67 ? 146 VAL A CG1 1 
ATOM   1171 C  CG2 . VAL A 1 146 ? -12.421 1.912   -2.124  1.00 17.71 ? 146 VAL A CG2 1 
ATOM   1172 N  N   . GLU A 1 147 ? -15.901 -0.627  -3.521  1.00 15.51 ? 147 GLU A N   1 
ATOM   1173 C  CA  . GLU A 1 147 ? -16.661 -1.628  -4.315  1.00 16.05 ? 147 GLU A CA  1 
ATOM   1174 C  C   . GLU A 1 147 ? -17.862 -0.951  -5.031  1.00 17.19 ? 147 GLU A C   1 
ATOM   1175 O  O   . GLU A 1 147 ? -18.096 -1.154  -6.232  1.00 15.68 ? 147 GLU A O   1 
ATOM   1176 C  CB  . GLU A 1 147 ? -17.162 -2.796  -3.431  1.00 16.57 ? 147 GLU A CB  1 
ATOM   1177 C  CG  . GLU A 1 147 ? -17.805 -3.907  -4.275  1.00 17.69 ? 147 GLU A CG  1 
ATOM   1178 C  CD  . GLU A 1 147 ? -18.546 -4.994  -3.483  1.00 16.45 ? 147 GLU A CD  1 
ATOM   1179 O  OE1 . GLU A 1 147 ? -18.432 -5.009  -2.255  1.00 15.82 ? 147 GLU A OE1 1 
ATOM   1180 O  OE2 . GLU A 1 147 ? -19.273 -5.811  -4.121  1.00 16.83 ? 147 GLU A OE2 1 
ATOM   1181 N  N   . GLY A 1 148 ? -18.593 -0.139  -4.262  1.00 18.04 ? 148 GLY A N   1 
ATOM   1182 C  CA  . GLY A 1 148 ? -19.755 0.542   -4.769  1.00 19.29 ? 148 GLY A CA  1 
ATOM   1183 C  C   . GLY A 1 148 ? -19.440 1.484   -5.909  1.00 19.91 ? 148 GLY A C   1 
ATOM   1184 O  O   . GLY A 1 148 ? -20.250 1.595   -6.839  1.00 23.88 ? 148 GLY A O   1 
ATOM   1185 N  N   . MET A 1 149 ? -18.277 2.099   -5.891  1.00 17.90 ? 149 MET A N   1 
ATOM   1186 C  CA  . MET A 1 149 ? -17.879 3.101   -6.893  1.00 20.05 ? 149 MET A CA  1 
ATOM   1187 C  C   . MET A 1 149 ? -16.826 2.547   -7.880  1.00 19.45 ? 149 MET A C   1 
ATOM   1188 O  O   . MET A 1 149 ? -16.195 3.333   -8.636  1.00 20.04 ? 149 MET A O   1 
ATOM   1189 C  CB  . MET A 1 149 ? -17.233 4.341   -6.195  1.00 21.78 ? 149 MET A CB  1 
ATOM   1190 C  CG  . MET A 1 149 ? -18.100 5.177   -5.291  1.00 26.26 ? 149 MET A CG  1 
ATOM   1191 S  SD  . MET A 1 149 ? -17.049 6.452   -4.389  1.00 32.69 ? 149 MET A SD  1 
ATOM   1192 C  CE  . MET A 1 149 ? -16.690 7.708   -5.746  1.00 31.93 ? 149 MET A CE  1 
ATOM   1193 N  N   . ARG A 1 150 ? -16.646 1.227   -7.882  1.00 17.44 ? 150 ARG A N   1 
ATOM   1194 C  CA  . ARG A 1 150 ? -15.629 0.605   -8.711  1.00 17.21 ? 150 ARG A CA  1 
ATOM   1195 C  C   . ARG A 1 150 ? -15.543 1.152   -10.170 1.00 17.69 ? 150 ARG A C   1 
ATOM   1196 O  O   . ARG A 1 150 ? -14.452 1.499   -10.653 1.00 14.92 ? 150 ARG A O   1 
ATOM   1197 C  CB  . ARG A 1 150 ? -15.818 -0.937  -8.725  1.00 16.27 ? 150 ARG A CB  1 
ATOM   1198 C  CG  . ARG A 1 150 ? -14.768 -1.662  -9.585  1.00 16.86 ? 150 ARG A CG  1 
ATOM   1199 C  CD  . ARG A 1 150 ? -14.730 -3.265  -9.460  1.00 16.56 ? 150 ARG A CD  1 
ATOM   1200 N  NE  . ARG A 1 150 ? -13.699 -3.783  -10.410 1.00 15.23 ? 150 ARG A NE  1 
ATOM   1201 C  CZ  . ARG A 1 150 ? -13.942 -3.969  -11.717 1.00 19.45 ? 150 ARG A CZ  1 
ATOM   1202 N  NH1 . ARG A 1 150 ? -15.193 -3.716  -12.200 1.00 17.44 ? 150 ARG A NH1 1 
ATOM   1203 N  NH2 . ARG A 1 150 ? -12.921 -4.274  -12.582 1.00 17.97 ? 150 ARG A NH2 1 
ATOM   1204 N  N   . LYS A 1 151 ? -16.675 1.213   -10.853 1.00 16.26 ? 151 LYS A N   1 
ATOM   1205 C  CA  . LYS A 1 151 ? -16.655 1.665   -12.265 1.00 19.03 ? 151 LYS A CA  1 
ATOM   1206 C  C   . LYS A 1 151 ? -16.292 3.163   -12.389 1.00 19.11 ? 151 LYS A C   1 
ATOM   1207 O  O   . LYS A 1 151 ? -15.631 3.555   -13.345 1.00 19.88 ? 151 LYS A O   1 
ATOM   1208 C  CB  . LYS A 1 151 ? -18.021 1.413   -12.935 1.00 22.41 ? 151 LYS A CB  1 
ATOM   1209 C  CG  . LYS A 1 151 ? -18.501 -0.060  -12.860 1.00 27.35 ? 151 LYS A CG  1 
ATOM   1210 C  CD  . LYS A 1 151 ? -17.663 -1.068  -13.717 1.00 31.67 ? 151 LYS A CD  1 
ATOM   1211 C  CE  . LYS A 1 151 ? -18.310 -1.274  -15.129 1.00 33.44 ? 151 LYS A CE  1 
ATOM   1212 N  NZ  . LYS A 1 151 ? -17.886 -2.506  -15.921 1.00 36.16 ? 151 LYS A NZ  1 
ATOM   1213 N  N   . SER A 1 152 ? -16.710 3.981   -11.427 1.00 16.37 ? 152 SER A N   1 
ATOM   1214 C  CA  . SER A 1 152 ? -16.382 5.373   -11.464 1.00 20.10 ? 152 SER A CA  1 
ATOM   1215 C  C   . SER A 1 152 ? -14.881 5.554   -11.141 1.00 19.29 ? 152 SER A C   1 
ATOM   1216 O  O   . SER A 1 152 ? -14.174 6.427   -11.714 1.00 16.58 ? 152 SER A O   1 
ATOM   1217 C  CB  . SER A 1 152 ? -17.295 6.165   -10.510 1.00 23.49 ? 152 SER A CB  1 
ATOM   1218 O  OG  . SER A 1 152 ? -16.645 7.396   -10.181 1.00 28.01 ? 152 SER A OG  1 
ATOM   1219 N  N   . TRP A 1 153 ? -14.338 4.738   -10.229 1.00 18.00 ? 153 TRP A N   1 
ATOM   1220 C  CA  . TRP A 1 153 ? -12.880 4.872   -10.018 1.00 17.52 ? 153 TRP A CA  1 
ATOM   1221 C  C   . TRP A 1 153 ? -12.090 4.474   -11.270 1.00 17.20 ? 153 TRP A C   1 
ATOM   1222 O  O   . TRP A 1 153 ? -11.095 5.134   -11.635 1.00 17.82 ? 153 TRP A O   1 
ATOM   1223 C  CB  . TRP A 1 153 ? -12.382 3.968   -8.881  1.00 18.30 ? 153 TRP A CB  1 
ATOM   1224 C  CG  . TRP A 1 153 ? -12.744 4.527   -7.550  1.00 21.28 ? 153 TRP A CG  1 
ATOM   1225 C  CD1 . TRP A 1 153 ? -13.572 3.970   -6.593  1.00 21.40 ? 153 TRP A CD1 1 
ATOM   1226 C  CD2 . TRP A 1 153 ? -12.269 5.768   -7.016  1.00 20.36 ? 153 TRP A CD2 1 
ATOM   1227 N  NE1 . TRP A 1 153 ? -13.621 4.816   -5.481  1.00 21.43 ? 153 TRP A NE1 1 
ATOM   1228 C  CE2 . TRP A 1 153 ? -12.836 5.914   -5.724  1.00 22.96 ? 153 TRP A CE2 1 
ATOM   1229 C  CE3 . TRP A 1 153 ? -11.422 6.780   -7.515  1.00 21.47 ? 153 TRP A CE3 1 
ATOM   1230 C  CZ2 . TRP A 1 153 ? -12.584 7.045   -4.909  1.00 23.52 ? 153 TRP A CZ2 1 
ATOM   1231 C  CZ3 . TRP A 1 153 ? -11.168 7.924   -6.690  1.00 20.75 ? 153 TRP A CZ3 1 
ATOM   1232 C  CH2 . TRP A 1 153 ? -11.756 8.027   -5.417  1.00 21.52 ? 153 TRP A CH2 1 
ATOM   1233 N  N   . LEU A 1 154 ? -12.481 3.376   -11.914 1.00 16.18 ? 154 LEU A N   1 
ATOM   1234 C  CA  . LEU A 1 154 ? -11.722 2.925   -13.064 1.00 15.60 ? 154 LEU A CA  1 
ATOM   1235 C  C   . LEU A 1 154 ? -11.806 3.975   -14.172 1.00 17.62 ? 154 LEU A C   1 
ATOM   1236 O  O   . LEU A 1 154 ? -10.814 4.247   -14.878 1.00 17.33 ? 154 LEU A O   1 
ATOM   1237 C  CB  . LEU A 1 154 ? -12.205 1.556   -13.576 1.00 15.58 ? 154 LEU A CB  1 
ATOM   1238 C  CG  . LEU A 1 154 ? -12.005 0.373   -12.625 1.00 16.06 ? 154 LEU A CG  1 
ATOM   1239 C  CD1 . LEU A 1 154 ? -12.609 -0.923  -13.289 1.00 16.36 ? 154 LEU A CD1 1 
ATOM   1240 C  CD2 . LEU A 1 154 ? -10.543 0.118   -12.393 1.00 16.89 ? 154 LEU A CD2 1 
ATOM   1241 N  N   . LYS A 1 155 ? -12.966 4.582   -14.304 1.00 18.26 ? 155 LYS A N   1 
ATOM   1242 C  CA  . LYS A 1 155 ? -13.146 5.589   -15.341 1.00 22.63 ? 155 LYS A CA  1 
ATOM   1243 C  C   . LYS A 1 155 ? -12.248 6.802   -15.033 1.00 23.61 ? 155 LYS A C   1 
ATOM   1244 O  O   . LYS A 1 155 ? -11.624 7.339   -15.925 1.00 23.40 ? 155 LYS A O   1 
ATOM   1245 C  CB  . LYS A 1 155 ? -14.623 6.009   -15.408 1.00 24.23 ? 155 LYS A CB  1 
ATOM   1246 C  CG  . LYS A 1 155 ? -14.886 7.282   -16.199 1.00 28.35 ? 155 LYS A CG  1 
ATOM   1247 C  CD  . LYS A 1 155 ? -16.367 7.658   -15.976 1.00 31.35 ? 155 LYS A CD  1 
ATOM   1248 C  CE  . LYS A 1 155 ? -16.581 9.165   -15.844 1.00 35.28 ? 155 LYS A CE  1 
ATOM   1249 N  NZ  . LYS A 1 155 ? -16.466 9.846   -17.178 1.00 38.57 ? 155 LYS A NZ  1 
ATOM   1250 N  N   . ASN A 1 156 ? -12.154 7.203   -13.768 1.00 23.14 ? 156 ASN A N   1 
ATOM   1251 C  CA  . ASN A 1 156 ? -11.313 8.340   -13.440 1.00 25.01 ? 156 ASN A CA  1 
ATOM   1252 C  C   . ASN A 1 156 ? -9.815  7.991   -13.467 1.00 24.28 ? 156 ASN A C   1 
ATOM   1253 O  O   . ASN A 1 156 ? -9.014  8.846   -13.741 1.00 24.78 ? 156 ASN A O   1 
ATOM   1254 C  CB  . ASN A 1 156 ? -11.692 8.902   -12.074 1.00 28.48 ? 156 ASN A CB  1 
ATOM   1255 C  CG  . ASN A 1 156 ? -13.068 9.507   -12.076 1.00 31.74 ? 156 ASN A CG  1 
ATOM   1256 O  OD1 . ASN A 1 156 ? -13.588 9.878   -11.022 1.00 38.36 ? 156 ASN A OD1 1 
ATOM   1257 N  ND2 . ASN A 1 156 ? -13.674 9.623   -13.250 1.00 34.79 ? 156 ASN A ND2 1 
ATOM   1258 N  N   . ILE A 1 157 ? -9.445  6.735   -13.204 1.00 22.34 ? 157 ILE A N   1 
ATOM   1259 C  CA  . ILE A 1 157 ? -8.040  6.324   -13.221 1.00 23.65 ? 157 ILE A CA  1 
ATOM   1260 C  C   . ILE A 1 157 ? -7.446  6.364   -14.612 1.00 26.49 ? 157 ILE A C   1 
ATOM   1261 O  O   . ILE A 1 157 ? -6.257  6.647   -14.777 1.00 27.27 ? 157 ILE A O   1 
ATOM   1262 C  CB  . ILE A 1 157 ? -7.831  4.855   -12.754 1.00 24.26 ? 157 ILE A CB  1 
ATOM   1263 C  CG1 . ILE A 1 157 ? -8.343  4.641   -11.331 1.00 26.02 ? 157 ILE A CG1 1 
ATOM   1264 C  CG2 . ILE A 1 157 ? -6.413  4.437   -12.977 1.00 22.94 ? 157 ILE A CG2 1 
ATOM   1265 C  CD1 . ILE A 1 157 ? -7.945  5.703   -10.449 1.00 29.44 ? 157 ILE A CD1 1 
ATOM   1266 N  N   . TYR A 1 158 ? -8.273  6.071   -15.614 1.00 27.77 ? 158 TYR A N   1 
ATOM   1267 C  CA  . TYR A 1 158 ? -7.811  5.974   -16.978 1.00 30.91 ? 158 TYR A CA  1 
ATOM   1268 C  C   . TYR A 1 158 ? -8.190  7.110   -17.914 1.00 34.41 ? 158 TYR A C   1 
ATOM   1269 O  O   . TYR A 1 158 ? -8.171  6.905   -19.129 1.00 34.68 ? 158 TYR A O   1 
ATOM   1270 C  CB  . TYR A 1 158 ? -8.303  4.636   -17.589 1.00 28.35 ? 158 TYR A CB  1 
ATOM   1271 C  CG  . TYR A 1 158 ? -7.631  3.406   -16.966 1.00 25.48 ? 158 TYR A CG  1 
ATOM   1272 C  CD1 . TYR A 1 158 ? -6.303  3.124   -17.237 1.00 23.22 ? 158 TYR A CD1 1 
ATOM   1273 C  CD2 . TYR A 1 158 ? -8.333  2.543   -16.112 1.00 24.03 ? 158 TYR A CD2 1 
ATOM   1274 C  CE1 . TYR A 1 158 ? -5.679  2.023   -16.687 1.00 21.54 ? 158 TYR A CE1 1 
ATOM   1275 C  CE2 . TYR A 1 158 ? -7.717  1.418   -15.545 1.00 24.02 ? 158 TYR A CE2 1 
ATOM   1276 C  CZ  . TYR A 1 158 ? -6.399  1.180   -15.840 1.00 24.39 ? 158 TYR A CZ  1 
ATOM   1277 O  OH  . TYR A 1 158 ? -5.748  0.143   -15.268 1.00 28.44 ? 158 TYR A OH  1 
ATOM   1278 N  N   . SER A 1 159 ? -8.567  8.275   -17.379 1.00 38.22 ? 159 SER A N   1 
ATOM   1279 C  CA  . SER A 1 159 ? -8.908  9.384   -18.280 1.00 43.26 ? 159 SER A CA  1 
ATOM   1280 C  C   . SER A 1 159 ? -7.598  9.938   -18.885 1.00 45.47 ? 159 SER A C   1 
ATOM   1281 O  O   . SER A 1 159 ? -6.592  9.994   -18.133 1.00 47.96 ? 159 SER A O   1 
ATOM   1282 C  CB  . SER A 1 159 ? -9.697  10.488  -17.538 1.00 43.59 ? 159 SER A CB  1 
ATOM   1283 O  OG  . SER A 1 159 ? -8.938  11.142  -16.528 1.00 46.63 ? 159 SER A OG  1 
HETATM 1284 PT PT1 . TPT B 2 .   ? 2.768   11.897  17.109  1.00 72.21 ? 165 TPT A PT1 1 
HETATM 1285 N  N1  . TPT B 2 .   ? 3.745   13.453  16.180  1.00 63.57 ? 165 TPT A N1  1 
HETATM 1286 N  N2  . TPT B 2 .   ? 4.644   11.586  17.636  1.00 63.25 ? 165 TPT A N2  1 
HETATM 1287 N  N3  . TPT B 2 .   ? 2.568   10.240  18.228  1.00 61.76 ? 165 TPT A N3  1 
HETATM 1288 C  C1  . TPT B 2 .   ? 3.126   14.388  15.417  1.00 64.62 ? 165 TPT A C1  1 
HETATM 1289 C  C2  . TPT B 2 .   ? 3.832   15.435  14.797  1.00 64.13 ? 165 TPT A C2  1 
HETATM 1290 C  C3  . TPT B 2 .   ? 5.245   15.503  14.987  1.00 64.28 ? 165 TPT A C3  1 
HETATM 1291 C  C4  . TPT B 2 .   ? 5.884   14.548  15.765  1.00 64.05 ? 165 TPT A C4  1 
HETATM 1292 C  C5  . TPT B 2 .   ? 5.127   13.492  16.381  1.00 64.04 ? 165 TPT A C5  1 
HETATM 1293 C  C6  . TPT B 2 .   ? 5.670   12.399  17.236  1.00 64.17 ? 165 TPT A C6  1 
HETATM 1294 C  C7  . TPT B 2 .   ? 7.011   12.188  17.599  1.00 63.45 ? 165 TPT A C7  1 
HETATM 1295 C  C8  . TPT B 2 .   ? 7.276   11.079  18.413  1.00 63.34 ? 165 TPT A C8  1 
HETATM 1296 C  C9  . TPT B 2 .   ? 6.255   10.225  18.842  1.00 62.68 ? 165 TPT A C9  1 
HETATM 1297 C  C10 . TPT B 2 .   ? 4.930   10.501  18.436  1.00 62.71 ? 165 TPT A C10 1 
HETATM 1298 C  C11 . TPT B 2 .   ? 3.715   9.743   18.757  1.00 62.06 ? 165 TPT A C11 1 
HETATM 1299 C  C12 . TPT B 2 .   ? 3.672   8.568   19.545  1.00 62.25 ? 165 TPT A C12 1 
HETATM 1300 C  C13 . TPT B 2 .   ? 2.440   7.930   19.767  1.00 62.41 ? 165 TPT A C13 1 
HETATM 1301 C  C14 . TPT B 2 .   ? 1.208   8.462   19.204  1.00 62.37 ? 165 TPT A C14 1 
HETATM 1302 C  C15 . TPT B 2 .   ? 1.364   9.630   18.441  1.00 62.52 ? 165 TPT A C15 1 
HETATM 1303 O  O   . HOH C 3 .   ? 12.968  -13.879 -4.716  1.00 28.38 ? 162 HOH A O   1 
HETATM 1304 O  O   . HOH C 3 .   ? -4.175  -5.507  -13.829 1.00 46.36 ? 163 HOH A O   1 
HETATM 1305 O  O   . HOH C 3 .   ? 4.245   -13.874 0.882   1.00 32.03 ? 164 HOH A O   1 
HETATM 1306 O  O   . HOH C 3 .   ? -14.472 5.913   5.397   1.00 34.48 ? 166 HOH A O   1 
HETATM 1307 O  O   . HOH C 3 .   ? 9.843   -6.028  5.954   1.00 37.32 ? 167 HOH A O   1 
HETATM 1308 O  O   . HOH C 3 .   ? 14.043  -6.277  -6.935  1.00 21.54 ? 168 HOH A O   1 
HETATM 1309 O  O   . HOH C 3 .   ? 16.146  -4.136  -7.328  1.00 34.81 ? 169 HOH A O   1 
HETATM 1310 O  O   . HOH C 3 .   ? 4.944   -4.692  -15.088 1.00 50.80 ? 170 HOH A O   1 
HETATM 1311 O  O   . HOH C 3 .   ? -5.044  -8.451  -9.163  1.00 26.06 ? 171 HOH A O   1 
HETATM 1312 O  O   . HOH C 3 .   ? -0.233  8.552   11.758  1.00 24.15 ? 172 HOH A O   1 
HETATM 1313 O  O   . HOH C 3 .   ? -0.387  -15.002 -6.303  1.00 38.84 ? 173 HOH A O   1 
HETATM 1314 O  O   . HOH C 3 .   ? 6.728   13.407  0.926   1.00 28.90 ? 174 HOH A O   1 
HETATM 1315 O  O   . HOH C 3 .   ? 2.439   4.741   14.358  1.00 28.86 ? 175 HOH A O   1 
HETATM 1316 O  O   . HOH C 3 .   ? -0.601  12.986  -0.291  1.00 27.52 ? 176 HOH A O   1 
HETATM 1317 O  O   . HOH C 3 .   ? 6.761   10.793  -3.191  1.00 24.71 ? 177 HOH A O   1 
HETATM 1318 O  O   . HOH C 3 .   ? -1.762  1.343   9.899   1.00 20.58 ? 178 HOH A O   1 
HETATM 1319 O  O   . HOH C 3 .   ? -4.529  1.538   10.730  1.00 23.28 ? 179 HOH A O   1 
HETATM 1320 O  O   . HOH C 3 .   ? -11.462 6.495   -18.738 1.00 40.46 ? 180 HOH A O   1 
HETATM 1321 O  O   . HOH C 3 .   ? -12.490 1.382   14.463  1.00 27.54 ? 181 HOH A O   1 
HETATM 1322 O  O   . HOH C 3 .   ? -9.144  10.523  5.111   1.00 42.42 ? 182 HOH A O   1 
HETATM 1323 O  O   . HOH C 3 .   ? 8.248   -2.953  -11.933 1.00 33.15 ? 183 HOH A O   1 
HETATM 1324 O  O   . HOH C 3 .   ? -16.171 -11.642 -4.564  1.00 25.02 ? 184 HOH A O   1 
HETATM 1325 O  O   . HOH C 3 .   ? -2.173  0.358   -16.488 1.00 44.39 ? 185 HOH A O   1 
HETATM 1326 O  O   . HOH C 3 .   ? -13.727 -3.855  13.066  1.00 43.88 ? 186 HOH A O   1 
HETATM 1327 O  O   . HOH C 3 .   ? 3.278   13.445  6.794   1.00 28.85 ? 187 HOH A O   1 
HETATM 1328 O  O   . HOH C 3 .   ? 3.350   -7.018  8.367   1.00 45.43 ? 188 HOH A O   1 
HETATM 1329 O  O   . HOH C 3 .   ? 11.021  -8.980  4.173   1.00 37.18 ? 189 HOH A O   1 
HETATM 1330 O  O   . HOH C 3 .   ? -2.366  3.774   -16.740 1.00 41.71 ? 190 HOH A O   1 
HETATM 1331 O  O   . HOH C 3 .   ? 5.760   -6.858  7.370   1.00 40.01 ? 191 HOH A O   1 
HETATM 1332 O  O   . HOH C 3 .   ? 21.449  -6.140  9.959   1.00 56.88 ? 192 HOH A O   1 
HETATM 1333 O  O   . HOH C 3 .   ? -19.521 0.957   -9.644  1.00 24.37 ? 193 HOH A O   1 
HETATM 1334 O  O   . HOH C 3 .   ? -8.704  9.052   7.273   1.00 33.37 ? 194 HOH A O   1 
HETATM 1335 O  O   . HOH C 3 .   ? 9.350   11.345  14.703  1.00 28.16 ? 195 HOH A O   1 
HETATM 1336 O  O   . HOH C 3 .   ? 4.318   14.079  10.344  1.00 29.44 ? 196 HOH A O   1 
HETATM 1337 O  O   . HOH C 3 .   ? -12.493 10.290  9.717   1.00 53.33 ? 197 HOH A O   1 
HETATM 1338 O  O   . HOH C 3 .   ? 3.393   -10.175 12.331  1.00 56.44 ? 198 HOH A O   1 
HETATM 1339 O  O   . HOH C 3 .   ? -2.011  13.265  5.146   1.00 43.22 ? 199 HOH A O   1 
HETATM 1340 O  O   . HOH C 3 .   ? -11.712 8.622   0.571   1.00 27.95 ? 200 HOH A O   1 
HETATM 1341 O  O   . HOH C 3 .   ? 7.269   4.569   13.161  1.00 30.72 ? 201 HOH A O   1 
HETATM 1342 O  O   . HOH C 3 .   ? -2.641  12.467  -3.972  1.00 29.75 ? 202 HOH A O   1 
HETATM 1343 O  O   . HOH C 3 .   ? -12.711 4.281   12.419  1.00 31.88 ? 203 HOH A O   1 
HETATM 1344 O  O   . HOH C 3 .   ? -9.356  -5.978  12.610  1.00 58.29 ? 204 HOH A O   1 
HETATM 1345 O  O   . HOH C 3 .   ? 8.396   -2.922  11.266  1.00 38.17 ? 205 HOH A O   1 
HETATM 1346 O  O   . HOH C 3 .   ? 12.690  -6.949  4.780   1.00 30.11 ? 206 HOH A O   1 
HETATM 1347 O  O   . HOH C 3 .   ? 4.306   0.502   -5.242  1.00 25.01 ? 207 HOH A O   1 
HETATM 1348 O  O   . HOH C 3 .   ? 20.748  0.974   7.958   1.00 38.00 ? 208 HOH A O   1 
HETATM 1349 O  O   . HOH C 3 .   ? 9.226   10.398  -3.372  1.00 44.70 ? 209 HOH A O   1 
HETATM 1350 O  O   . HOH C 3 .   ? -17.947 -3.464  -7.729  1.00 33.21 ? 210 HOH A O   1 
HETATM 1351 O  O   . HOH C 3 .   ? -5.974  15.054  0.039   1.00 37.80 ? 211 HOH A O   1 
HETATM 1352 O  O   . HOH C 3 .   ? 6.901   -1.861  13.177  1.00 40.55 ? 212 HOH A O   1 
HETATM 1353 O  O   . HOH C 3 .   ? -17.891 -3.161  -10.975 1.00 29.97 ? 213 HOH A O   1 
HETATM 1354 O  O   . HOH C 3 .   ? -4.447  14.778  2.647   1.00 43.49 ? 214 HOH A O   1 
HETATM 1355 O  O   . HOH C 3 .   ? -15.592 2.123   -15.763 1.00 33.39 ? 215 HOH A O   1 
HETATM 1356 O  O   . HOH C 3 .   ? -4.012  12.094  -8.737  1.00 38.86 ? 216 HOH A O   1 
HETATM 1357 O  O   . HOH C 3 .   ? -0.024  -1.534  11.056  1.00 25.98 ? 217 HOH A O   1 
HETATM 1358 O  O   . HOH C 3 .   ? -19.457 3.589   -9.869  1.00 33.95 ? 218 HOH A O   1 
HETATM 1359 O  O   . HOH C 3 .   ? 0.241   13.418  -3.762  1.00 43.60 ? 219 HOH A O   1 
HETATM 1360 O  O   . HOH C 3 .   ? -11.056 -14.552 -2.690  1.00 57.48 ? 220 HOH A O   1 
HETATM 1361 O  O   . HOH C 3 .   ? -5.229  1.613   13.475  1.00 39.94 ? 221 HOH A O   1 
HETATM 1362 O  O   . HOH C 3 .   ? 1.104   2.208   13.894  1.00 42.21 ? 222 HOH A O   1 
HETATM 1363 O  O   . HOH C 3 .   ? -3.233  6.051   -15.608 1.00 50.06 ? 223 HOH A O   1 
HETATM 1364 O  O   . HOH C 3 .   ? 9.163   -8.755  -9.313  1.00 33.78 ? 224 HOH A O   1 
HETATM 1365 O  O   . HOH C 3 .   ? -22.750 -11.908 -2.578  1.00 36.71 ? 225 HOH A O   1 
HETATM 1366 O  O   . HOH C 3 .   ? -14.898 8.520   -8.573  1.00 45.15 ? 226 HOH A O   1 
HETATM 1367 O  O   . HOH C 3 .   ? -18.077 -9.611  -7.511  1.00 67.00 ? 227 HOH A O   1 
HETATM 1368 O  O   . HOH C 3 .   ? -15.768 5.765   12.183  1.00 53.39 ? 228 HOH A O   1 
HETATM 1369 O  O   . HOH C 3 .   ? 10.033  7.345   17.977  1.00 51.62 ? 229 HOH A O   1 
HETATM 1370 O  O   . HOH C 3 .   ? 0.054   8.275   -9.534  1.00 28.89 ? 230 HOH A O   1 
HETATM 1371 O  O   . HOH C 3 .   ? 14.517  -11.408 1.002   1.00 34.29 ? 231 HOH A O   1 
HETATM 1372 O  O   . HOH C 3 .   ? -7.157  -11.665 10.678  1.00 37.18 ? 232 HOH A O   1 
HETATM 1373 O  O   . HOH C 3 .   ? -12.502 -12.168 -9.644  1.00 48.01 ? 233 HOH A O   1 
HETATM 1374 O  O   . HOH C 3 .   ? -5.403  10.421  4.217   1.00 28.18 ? 234 HOH A O   1 
HETATM 1375 O  O   . HOH C 3 .   ? 5.114   4.750   15.121  1.00 36.76 ? 235 HOH A O   1 
HETATM 1376 O  O   . HOH C 3 .   ? 5.124   -2.629  14.628  1.00 54.56 ? 236 HOH A O   1 
HETATM 1377 O  O   . HOH C 3 .   ? 3.517   -1.506  -17.920 1.00 69.18 ? 237 HOH A O   1 
HETATM 1378 O  O   . HOH C 3 .   ? -11.042 -15.251 4.639   1.00 38.85 ? 238 HOH A O   1 
HETATM 1379 O  O   . HOH C 3 .   ? -3.692  14.453  -3.035  1.00 43.53 ? 239 HOH A O   1 
HETATM 1380 O  O   . HOH C 3 .   ? 16.603  -11.401 2.392   1.00 39.53 ? 240 HOH A O   1 
HETATM 1381 O  O   . HOH C 3 .   ? -13.159 8.538   6.044   1.00 43.58 ? 241 HOH A O   1 
HETATM 1382 O  O   . HOH C 3 .   ? 4.917   6.293   -17.614 1.00 45.21 ? 242 HOH A O   1 
HETATM 1383 O  O   . HOH C 3 .   ? 8.229   -13.235 2.448   1.00 60.36 ? 243 HOH A O   1 
HETATM 1384 O  O   . HOH C 3 .   ? -2.824  -15.642 -5.877  1.00 50.47 ? 244 HOH A O   1 
HETATM 1385 O  O   . HOH C 3 .   ? 8.175   17.693  2.251   1.00 40.95 ? 245 HOH A O   1 
HETATM 1386 O  O   . HOH C 3 .   ? 2.450   8.528   -10.440 1.00 57.36 ? 246 HOH A O   1 
HETATM 1387 O  O   . HOH C 3 .   ? -8.237  9.656   10.281  1.00 55.36 ? 247 HOH A O   1 
HETATM 1388 O  O   . HOH C 3 .   ? 1.681   -1.040  7.353   1.00 17.19 ? 248 HOH A O   1 
HETATM 1389 O  O   . HOH C 3 .   ? -19.277 2.757   3.158   1.00 33.23 ? 249 HOH A O   1 
HETATM 1390 O  O   . HOH C 3 .   ? -0.377  -3.364  -10.878 1.00 31.45 ? 250 HOH A O   1 
HETATM 1391 O  O   . HOH C 3 .   ? 22.588  0.152   -2.652  1.00 65.26 ? 251 HOH A O   1 
HETATM 1392 O  O   . HOH C 3 .   ? 1.777   -14.534 4.867   1.00 35.83 ? 252 HOH A O   1 
HETATM 1393 O  O   . HOH C 3 .   ? 6.467   -0.466  15.655  1.00 62.70 ? 253 HOH A O   1 
HETATM 1394 O  O   . HOH C 3 .   ? 20.799  9.916   0.206   1.00 53.15 ? 254 HOH A O   1 
HETATM 1395 O  O   . HOH C 3 .   ? 15.645  2.282   13.108  1.00 40.23 ? 255 HOH A O   1 
HETATM 1396 O  O   . HOH C 3 .   ? 0.080   15.232  0.934   1.00 53.92 ? 256 HOH A O   1 
HETATM 1397 O  O   . HOH C 3 .   ? 11.981  8.540   18.470  1.00 56.26 ? 257 HOH A O   1 
HETATM 1398 O  O   . HOH C 3 .   ? 21.023  -7.898  5.572   1.00 61.48 ? 258 HOH A O   1 
HETATM 1399 O  O   . HOH C 3 .   ? 0.376   13.515  6.979   1.00 47.59 ? 259 HOH A O   1 
HETATM 1400 O  O   . HOH C 3 .   ? 11.948  9.784   -8.177  1.00 49.91 ? 260 HOH A O   1 
HETATM 1401 O  O   . HOH C 3 .   ? 0.297   5.930   15.869  1.00 41.23 ? 261 HOH A O   1 
HETATM 1402 O  O   . HOH C 3 .   ? 4.587   14.295  4.094   1.00 41.92 ? 262 HOH A O   1 
HETATM 1403 O  O   . HOH C 3 .   ? 10.796  -11.028 -8.946  1.00 23.71 ? 263 HOH A O   1 
HETATM 1404 O  O   . HOH C 3 .   ? 0.633   10.666  -10.248 1.00 48.73 ? 264 HOH A O   1 
HETATM 1405 O  O   . HOH C 3 .   ? -1.337  7.762   15.327  1.00 53.98 ? 265 HOH A O   1 
HETATM 1406 O  O   . HOH C 3 .   ? 7.796   -9.436  8.884   1.00 48.45 ? 266 HOH A O   1 
HETATM 1407 O  O   . HOH C 3 .   ? 10.900  -8.237  10.003  1.00 46.95 ? 267 HOH A O   1 
HETATM 1408 O  O   . HOH C 3 .   ? 7.977   -5.134  7.989   1.00 34.62 ? 268 HOH A O   1 
HETATM 1409 O  O   . HOH C 3 .   ? -16.316 -9.246  6.656   1.00 53.45 ? 269 HOH A O   1 
HETATM 1410 O  O   . HOH C 3 .   ? -18.316 -3.953  4.562   1.00 40.18 ? 270 HOH A O   1 
HETATM 1411 O  O   . HOH C 3 .   ? -5.687  5.688   -20.184 1.00 35.42 ? 271 HOH A O   1 
HETATM 1412 O  O   . HOH C 3 .   ? -4.586  9.531   -19.277 1.00 51.60 ? 272 HOH A O   1 
HETATM 1413 O  O   . HOH C 3 .   ? -3.171  12.256  -18.118 1.00 37.31 ? 273 HOH A O   1 
HETATM 1414 O  O   . HOH C 3 .   ? -8.827  -17.650 -6.289  1.00 49.30 ? 274 HOH A O   1 
HETATM 1415 O  O   . HOH C 3 .   ? 21.993  4.372   -7.015  1.00 45.87 ? 275 HOH A O   1 
HETATM 1416 O  O   . HOH C 3 .   ? 22.637  1.728   -10.091 1.00 52.35 ? 276 HOH A O   1 
HETATM 1417 O  O   . HOH C 3 .   ? 21.862  3.275   5.951   1.00 50.11 ? 277 HOH A O   1 
HETATM 1418 O  O   . HOH C 3 .   ? 12.021  15.418  5.024   1.00 31.26 ? 278 HOH A O   1 
HETATM 1419 O  O   . HOH C 3 .   ? 10.932  16.670  10.667  1.00 46.79 ? 279 HOH A O   1 
HETATM 1420 O  O   . HOH C 3 .   ? 13.622  10.913  15.104  1.00 31.66 ? 280 HOH A O   1 
HETATM 1421 O  O   . HOH C 3 .   ? 0.600   11.956  16.629  1.00 33.76 ? 281 HOH A O   1 
HETATM 1422 O  O   . HOH C 3 .   ? 0.673   15.620  4.880   1.00 43.62 ? 282 HOH A O   1 
HETATM 1423 O  O   . HOH C 3 .   ? -0.753  16.321  14.958  1.00 46.12 ? 283 HOH A O   1 
HETATM 1424 O  O   . HOH C 3 .   ? 23.162  4.517   8.865   1.00 37.36 ? 284 HOH A O   1 
HETATM 1425 O  O   . HOH C 3 .   ? 5.072   12.895  -5.436  1.00 47.31 ? 285 HOH A O   1 
HETATM 1426 O  O   . HOH C 3 .   ? 1.684   -15.617 8.015   1.00 57.48 ? 286 HOH A O   1 
HETATM 1427 O  O   . HOH C 3 .   ? 22.474  14.877  -5.844  1.00 47.60 ? 287 HOH A O   1 
HETATM 1428 O  O   . HOH C 3 .   ? 19.245  8.066   -14.570 1.00 52.91 ? 288 HOH A O   1 
HETATM 1429 O  O   . HOH C 3 .   ? 2.169   -12.014 7.541   1.00 50.43 ? 289 HOH A O   1 
HETATM 1430 O  O   . HOH C 3 .   ? 0.983   1.181   11.636  1.00 42.23 ? 290 HOH A O   1 
HETATM 1431 O  O   . HOH C 3 .   ? -2.103  0.936   12.537  1.00 48.05 ? 291 HOH A O   1 
HETATM 1432 O  O   . HOH C 3 .   ? -8.751  8.328   12.916  1.00 45.72 ? 292 HOH A O   1 
HETATM 1433 O  O   . HOH C 3 .   ? -14.077 7.568   1.598   1.00 50.38 ? 293 HOH A O   1 
HETATM 1434 O  O   . HOH C 3 .   ? -16.841 10.009  1.802   1.00 41.82 ? 294 HOH A O   1 
HETATM 1435 O  O   . HOH C 3 .   ? -11.862 12.721  -0.084  1.00 35.55 ? 295 HOH A O   1 
HETATM 1436 O  O   . HOH C 3 .   ? -9.811  14.413  -2.119  1.00 28.14 ? 296 HOH A O   1 
HETATM 1437 O  O   . HOH C 3 .   ? -14.285 11.263  -6.707  1.00 45.38 ? 297 HOH A O   1 
HETATM 1438 O  O   . HOH C 3 .   ? -17.950 2.946   -16.646 1.00 48.54 ? 298 HOH A O   1 
HETATM 1439 O  O   . HOH C 3 .   ? -18.979 5.948   -14.213 1.00 50.19 ? 299 HOH A O   1 
HETATM 1440 O  O   . HOH C 3 .   ? -19.274 -1.653  -9.335  1.00 66.66 ? 300 HOH A O   1 
HETATM 1441 O  O   . HOH C 3 .   ? -5.209  -8.465  -12.606 1.00 40.45 ? 301 HOH A O   1 
HETATM 1442 O  O   . HOH C 3 .   ? -5.398  -15.001 -7.556  1.00 40.37 ? 302 HOH A O   1 
HETATM 1443 O  O   . HOH C 3 .   ? -5.535  4.009   15.061  1.00 58.29 ? 303 HOH A O   1 
# 
loop_
_pdbx_poly_seq_scheme.asym_id 
_pdbx_poly_seq_scheme.entity_id 
_pdbx_poly_seq_scheme.seq_id 
_pdbx_poly_seq_scheme.mon_id 
_pdbx_poly_seq_scheme.ndb_seq_num 
_pdbx_poly_seq_scheme.pdb_seq_num 
_pdbx_poly_seq_scheme.auth_seq_num 
_pdbx_poly_seq_scheme.pdb_mon_id 
_pdbx_poly_seq_scheme.auth_mon_id 
_pdbx_poly_seq_scheme.pdb_strand_id 
_pdbx_poly_seq_scheme.pdb_ins_code 
_pdbx_poly_seq_scheme.hetero 
A 1 1   MET 1   1   1   MET MET A . n 
A 1 2   TYR 2   2   2   TYR TYR A . n 
A 1 3   TRP 3   3   3   TRP TRP A . n 
A 1 4   VAL 4   4   4   VAL VAL A . n 
A 1 5   ARG 5   5   5   ARG ARG A . n 
A 1 6   ARG 6   6   6   ARG ARG A . n 
A 1 7   LYS 7   7   7   LYS LYS A . n 
A 1 8   THR 8   8   8   THR THR A . n 
A 1 9   ILE 9   9   9   ILE ILE A . n 
A 1 10  GLY 10  10  10  GLY GLY A . n 
A 1 11  GLY 11  11  11  GLY GLY A . n 
A 1 12  SER 12  12  12  SER SER A . n 
A 1 13  GLY 13  13  13  GLY GLY A . n 
A 1 14  LEU 14  14  14  LEU LEU A . n 
A 1 15  PRO 15  15  15  PRO PRO A . n 
A 1 16  TYR 16  16  16  TYR TYR A . n 
A 1 17  THR 17  17  17  THR THR A . n 
A 1 18  GLU 18  18  18  GLU GLU A . n 
A 1 19  ASN 19  19  19  ASN ASN A . n 
A 1 20  GLU 20  20  20  GLU GLU A . n 
A 1 21  ILE 21  21  21  ILE ILE A . n 
A 1 22  LEU 22  22  22  LEU LEU A . n 
A 1 23  GLU 23  23  23  GLU GLU A . n 
A 1 24  TRP 24  24  24  TRP TRP A . n 
A 1 25  ARG 25  25  25  ARG ARG A . n 
A 1 26  LYS 26  26  26  LYS LYS A . n 
A 1 27  GLU 27  27  27  GLU GLU A . n 
A 1 28  GLY 28  28  28  GLY GLY A . n 
A 1 29  VAL 29  29  29  VAL VAL A . n 
A 1 30  LYS 30  30  30  LYS LYS A . n 
A 1 31  ARG 31  31  31  ARG ARG A . n 
A 1 32  VAL 32  32  32  VAL VAL A . n 
A 1 33  LEU 33  33  33  LEU LEU A . n 
A 1 34  VAL 34  34  34  VAL VAL A . n 
A 1 35  LEU 35  35  35  LEU LEU A . n 
A 1 36  PRO 36  36  36  PRO PRO A . n 
A 1 37  GLU 37  37  37  GLU GLU A . n 
A 1 38  ASP 38  38  38  ASP ASP A . n 
A 1 39  TRP 39  39  39  TRP TRP A . n 
A 1 40  GLU 40  40  40  GLU GLU A . n 
A 1 41  ILE 41  41  41  ILE ILE A . n 
A 1 42  GLU 42  42  42  GLU GLU A . n 
A 1 43  GLU 43  43  43  GLU GLU A . n 
A 1 44  SER 44  44  44  SER SER A . n 
A 1 45  TRP 45  45  45  TRP TRP A . n 
A 1 46  GLY 46  46  46  GLY GLY A . n 
A 1 47  ASP 47  47  47  ASP ASP A . n 
A 1 48  LYS 48  48  48  LYS LYS A . n 
A 1 49  ASP 49  49  49  ASP ASP A . n 
A 1 50  TYR 50  50  50  TYR TYR A . n 
A 1 51  TYR 51  51  51  TYR TYR A . n 
A 1 52  LEU 52  52  52  LEU LEU A . n 
A 1 53  SER 53  53  53  SER SER A . n 
A 1 54  ILE 54  54  54  ILE ILE A . n 
A 1 55  LEU 55  55  55  LEU LEU A . n 
A 1 56  LYS 56  56  56  LYS LYS A . n 
A 1 57  LYS 57  57  57  LYS LYS A . n 
A 1 58  ASN 58  58  58  ASN ASN A . n 
A 1 59  GLY 59  59  59  GLY GLY A . n 
A 1 60  LEU 60  60  60  LEU LEU A . n 
A 1 61  GLN 61  61  61  GLN GLN A . n 
A 1 62  PRO 62  62  62  PRO PRO A . n 
A 1 63  LEU 63  63  63  LEU LEU A . n 
A 1 64  HIS 64  64  64  HIS HIS A . n 
A 1 65  ILE 65  65  65  ILE ILE A . n 
A 1 66  PRO 66  66  66  PRO PRO A . n 
A 1 67  ILE 67  67  67  ILE ILE A . n 
A 1 68  PRO 68  68  68  PRO PRO A . n 
A 1 69  ASP 69  69  69  ASP ASP A . n 
A 1 70  GLY 70  70  70  GLY GLY A . n 
A 1 71  GLY 71  71  71  GLY GLY A . n 
A 1 72  VAL 72  72  72  VAL VAL A . n 
A 1 73  PRO 73  73  73  PRO PRO A . n 
A 1 74  SER 74  74  74  SER SER A . n 
A 1 75  ASP 75  75  75  ASP ASP A . n 
A 1 76  SER 76  76  76  SER SER A . n 
A 1 77  GLN 77  77  77  GLN GLN A . n 
A 1 78  PHE 78  78  78  PHE PHE A . n 
A 1 79  LEU 79  79  79  LEU LEU A . n 
A 1 80  THR 80  80  80  THR THR A . n 
A 1 81  ILE 81  81  81  ILE ILE A . n 
A 1 82  MET 82  82  82  MET MET A . n 
A 1 83  LYS 83  83  83  LYS LYS A . n 
A 1 84  TRP 84  84  84  TRP TRP A . n 
A 1 85  LEU 85  85  85  LEU LEU A . n 
A 1 86  LEU 86  86  86  LEU LEU A . n 
A 1 87  SER 87  87  87  SER SER A . n 
A 1 88  GLU 88  88  88  GLU GLU A . n 
A 1 89  LYS 89  89  89  LYS LYS A . n 
A 1 90  GLU 90  90  90  GLU GLU A . n 
A 1 91  GLY 91  91  91  GLY GLY A . n 
A 1 92  ASN 92  92  92  ASN ASN A . n 
A 1 93  LEU 93  93  93  LEU LEU A . n 
A 1 94  VAL 94  94  94  VAL VAL A . n 
A 1 95  HIS 95  95  95  HIS HIS A . n 
A 1 96  CYS 96  96  96  CYS CYS A . n 
A 1 97  VAL 97  97  97  VAL VAL A . n 
A 1 98  GLY 98  98  98  GLY GLY A . n 
A 1 99  GLY 99  99  99  GLY GLY A . n 
A 1 100 ILE 100 100 100 ILE ILE A . n 
A 1 101 GLY 101 101 101 GLY GLY A . n 
A 1 102 ARG 102 102 102 ARG ARG A . n 
A 1 103 THR 103 103 103 THR THR A . n 
A 1 104 GLY 104 104 104 GLY GLY A . n 
A 1 105 THR 105 105 105 THR THR A . n 
A 1 106 ILE 106 106 106 ILE ILE A . n 
A 1 107 LEU 107 107 107 LEU LEU A . n 
A 1 108 ALA 108 108 108 ALA ALA A . n 
A 1 109 SER 109 109 109 SER SER A . n 
A 1 110 TYR 110 110 110 TYR TYR A . n 
A 1 111 LEU 111 111 111 LEU LEU A . n 
A 1 112 ILE 112 112 112 ILE ILE A . n 
A 1 113 LEU 113 113 113 LEU LEU A . n 
A 1 114 THR 114 114 114 THR THR A . n 
A 1 115 GLU 115 115 115 GLU GLU A . n 
A 1 116 GLY 116 116 116 GLY GLY A . n 
A 1 117 LEU 117 117 117 LEU LEU A . n 
A 1 118 GLU 118 118 118 GLU GLU A . n 
A 1 119 VAL 119 119 119 VAL VAL A . n 
A 1 120 GLU 120 120 120 GLU GLU A . n 
A 1 121 SER 121 121 121 SER SER A . n 
A 1 122 ALA 122 122 122 ALA ALA A . n 
A 1 123 ILE 123 123 123 ILE ILE A . n 
A 1 124 ASP 124 124 124 ASP ASP A . n 
A 1 125 GLU 125 125 125 GLU GLU A . n 
A 1 126 VAL 126 126 126 VAL VAL A . n 
A 1 127 ARG 127 127 127 ARG ARG A . n 
A 1 128 LEU 128 128 128 LEU LEU A . n 
A 1 129 VAL 129 129 129 VAL VAL A . n 
A 1 130 ARG 130 130 130 ARG ARG A . n 
A 1 131 PRO 131 131 131 PRO PRO A . n 
A 1 132 GLY 132 132 132 GLY GLY A . n 
A 1 133 ALA 133 133 133 ALA ALA A . n 
A 1 134 VAL 134 134 134 VAL VAL A . n 
A 1 135 GLN 135 135 135 GLN GLN A . n 
A 1 136 THR 136 136 136 THR THR A . n 
A 1 137 TYR 137 137 137 TYR TYR A . n 
A 1 138 GLU 138 138 138 GLU GLU A . n 
A 1 139 GLN 139 139 139 GLN GLN A . n 
A 1 140 GLU 140 140 140 GLU GLU A . n 
A 1 141 MET 141 141 141 MET MET A . n 
A 1 142 PHE 142 142 142 PHE PHE A . n 
A 1 143 LEU 143 143 143 LEU LEU A . n 
A 1 144 LEU 144 144 144 LEU LEU A . n 
A 1 145 ARG 145 145 145 ARG ARG A . n 
A 1 146 VAL 146 146 146 VAL VAL A . n 
A 1 147 GLU 147 147 147 GLU GLU A . n 
A 1 148 GLY 148 148 148 GLY GLY A . n 
A 1 149 MET 149 149 149 MET MET A . n 
A 1 150 ARG 150 150 150 ARG ARG A . n 
A 1 151 LYS 151 151 151 LYS LYS A . n 
A 1 152 SER 152 152 152 SER SER A . n 
A 1 153 TRP 153 153 153 TRP TRP A . n 
A 1 154 LEU 154 154 154 LEU LEU A . n 
A 1 155 LYS 155 155 155 LYS LYS A . n 
A 1 156 ASN 156 156 156 ASN ASN A . n 
A 1 157 ILE 157 157 157 ILE ILE A . n 
A 1 158 TYR 158 158 158 TYR TYR A . n 
A 1 159 SER 159 159 159 SER SER A . n 
A 1 160 ASN 160 160 ?   ?   ?   A . n 
A 1 161 SER 161 161 ?   ?   ?   A . n 
# 
loop_
_pdbx_nonpoly_scheme.asym_id 
_pdbx_nonpoly_scheme.entity_id 
_pdbx_nonpoly_scheme.mon_id 
_pdbx_nonpoly_scheme.ndb_seq_num 
_pdbx_nonpoly_scheme.pdb_seq_num 
_pdbx_nonpoly_scheme.auth_seq_num 
_pdbx_nonpoly_scheme.pdb_mon_id 
_pdbx_nonpoly_scheme.auth_mon_id 
_pdbx_nonpoly_scheme.pdb_strand_id 
_pdbx_nonpoly_scheme.pdb_ins_code 
B 2 TPT 1   165 165 TPT TPT A . 
C 3 HOH 1   162 1   HOH HOH A . 
C 3 HOH 2   163 2   HOH HOH A . 
C 3 HOH 3   164 3   HOH HOH A . 
C 3 HOH 4   166 4   HOH HOH A . 
C 3 HOH 5   167 5   HOH HOH A . 
C 3 HOH 6   168 6   HOH HOH A . 
C 3 HOH 7   169 7   HOH HOH A . 
C 3 HOH 8   170 8   HOH HOH A . 
C 3 HOH 9   171 9   HOH HOH A . 
C 3 HOH 10  172 10  HOH HOH A . 
C 3 HOH 11  173 11  HOH HOH A . 
C 3 HOH 12  174 12  HOH HOH A . 
C 3 HOH 13  175 13  HOH HOH A . 
C 3 HOH 14  176 14  HOH HOH A . 
C 3 HOH 15  177 15  HOH HOH A . 
C 3 HOH 16  178 16  HOH HOH A . 
C 3 HOH 17  179 17  HOH HOH A . 
C 3 HOH 18  180 18  HOH HOH A . 
C 3 HOH 19  181 19  HOH HOH A . 
C 3 HOH 20  182 20  HOH HOH A . 
C 3 HOH 21  183 21  HOH HOH A . 
C 3 HOH 22  184 22  HOH HOH A . 
C 3 HOH 23  185 23  HOH HOH A . 
C 3 HOH 24  186 24  HOH HOH A . 
C 3 HOH 25  187 25  HOH HOH A . 
C 3 HOH 26  188 26  HOH HOH A . 
C 3 HOH 27  189 27  HOH HOH A . 
C 3 HOH 28  190 28  HOH HOH A . 
C 3 HOH 29  191 29  HOH HOH A . 
C 3 HOH 30  192 30  HOH HOH A . 
C 3 HOH 31  193 31  HOH HOH A . 
C 3 HOH 32  194 32  HOH HOH A . 
C 3 HOH 33  195 33  HOH HOH A . 
C 3 HOH 34  196 34  HOH HOH A . 
C 3 HOH 35  197 35  HOH HOH A . 
C 3 HOH 36  198 36  HOH HOH A . 
C 3 HOH 37  199 37  HOH HOH A . 
C 3 HOH 38  200 38  HOH HOH A . 
C 3 HOH 39  201 39  HOH HOH A . 
C 3 HOH 40  202 40  HOH HOH A . 
C 3 HOH 41  203 41  HOH HOH A . 
C 3 HOH 42  204 42  HOH HOH A . 
C 3 HOH 43  205 43  HOH HOH A . 
C 3 HOH 44  206 44  HOH HOH A . 
C 3 HOH 45  207 45  HOH HOH A . 
C 3 HOH 46  208 46  HOH HOH A . 
C 3 HOH 47  209 47  HOH HOH A . 
C 3 HOH 48  210 48  HOH HOH A . 
C 3 HOH 49  211 49  HOH HOH A . 
C 3 HOH 50  212 50  HOH HOH A . 
C 3 HOH 51  213 51  HOH HOH A . 
C 3 HOH 52  214 52  HOH HOH A . 
C 3 HOH 53  215 53  HOH HOH A . 
C 3 HOH 54  216 54  HOH HOH A . 
C 3 HOH 55  217 55  HOH HOH A . 
C 3 HOH 56  218 56  HOH HOH A . 
C 3 HOH 57  219 57  HOH HOH A . 
C 3 HOH 58  220 58  HOH HOH A . 
C 3 HOH 59  221 59  HOH HOH A . 
C 3 HOH 60  222 60  HOH HOH A . 
C 3 HOH 61  223 61  HOH HOH A . 
C 3 HOH 62  224 62  HOH HOH A . 
C 3 HOH 63  225 63  HOH HOH A . 
C 3 HOH 64  226 64  HOH HOH A . 
C 3 HOH 65  227 65  HOH HOH A . 
C 3 HOH 66  228 66  HOH HOH A . 
C 3 HOH 67  229 67  HOH HOH A . 
C 3 HOH 68  230 68  HOH HOH A . 
C 3 HOH 69  231 69  HOH HOH A . 
C 3 HOH 70  232 70  HOH HOH A . 
C 3 HOH 71  233 71  HOH HOH A . 
C 3 HOH 72  234 72  HOH HOH A . 
C 3 HOH 73  235 73  HOH HOH A . 
C 3 HOH 74  236 74  HOH HOH A . 
C 3 HOH 75  237 75  HOH HOH A . 
C 3 HOH 76  238 76  HOH HOH A . 
C 3 HOH 77  239 77  HOH HOH A . 
C 3 HOH 78  240 78  HOH HOH A . 
C 3 HOH 79  241 79  HOH HOH A . 
C 3 HOH 80  242 80  HOH HOH A . 
C 3 HOH 81  243 81  HOH HOH A . 
C 3 HOH 82  244 82  HOH HOH A . 
C 3 HOH 83  245 83  HOH HOH A . 
C 3 HOH 84  246 84  HOH HOH A . 
C 3 HOH 85  247 85  HOH HOH A . 
C 3 HOH 86  248 86  HOH HOH A . 
C 3 HOH 87  249 87  HOH HOH A . 
C 3 HOH 88  250 88  HOH HOH A . 
C 3 HOH 89  251 89  HOH HOH A . 
C 3 HOH 90  252 90  HOH HOH A . 
C 3 HOH 91  253 91  HOH HOH A . 
C 3 HOH 92  254 92  HOH HOH A . 
C 3 HOH 93  255 93  HOH HOH A . 
C 3 HOH 94  256 94  HOH HOH A . 
C 3 HOH 95  257 95  HOH HOH A . 
C 3 HOH 96  258 96  HOH HOH A . 
C 3 HOH 97  259 97  HOH HOH A . 
C 3 HOH 98  260 98  HOH HOH A . 
C 3 HOH 99  261 99  HOH HOH A . 
C 3 HOH 100 262 100 HOH HOH A . 
C 3 HOH 101 263 101 HOH HOH A . 
C 3 HOH 102 264 102 HOH HOH A . 
C 3 HOH 103 265 103 HOH HOH A . 
C 3 HOH 104 266 104 HOH HOH A . 
C 3 HOH 105 267 105 HOH HOH A . 
C 3 HOH 106 268 106 HOH HOH A . 
C 3 HOH 107 269 107 HOH HOH A . 
C 3 HOH 108 270 108 HOH HOH A . 
C 3 HOH 109 271 109 HOH HOH A . 
C 3 HOH 110 272 110 HOH HOH A . 
C 3 HOH 111 273 111 HOH HOH A . 
C 3 HOH 112 274 112 HOH HOH A . 
C 3 HOH 113 275 113 HOH HOH A . 
C 3 HOH 114 276 114 HOH HOH A . 
C 3 HOH 115 277 115 HOH HOH A . 
C 3 HOH 116 278 116 HOH HOH A . 
C 3 HOH 117 279 117 HOH HOH A . 
C 3 HOH 118 280 118 HOH HOH A . 
C 3 HOH 119 281 119 HOH HOH A . 
C 3 HOH 120 282 120 HOH HOH A . 
C 3 HOH 121 283 121 HOH HOH A . 
C 3 HOH 122 284 122 HOH HOH A . 
C 3 HOH 123 285 123 HOH HOH A . 
C 3 HOH 124 286 124 HOH HOH A . 
C 3 HOH 125 287 125 HOH HOH A . 
C 3 HOH 126 288 126 HOH HOH A . 
C 3 HOH 127 289 127 HOH HOH A . 
C 3 HOH 128 290 128 HOH HOH A . 
C 3 HOH 129 291 129 HOH HOH A . 
C 3 HOH 130 292 130 HOH HOH A . 
C 3 HOH 131 293 131 HOH HOH A . 
C 3 HOH 132 294 132 HOH HOH A . 
C 3 HOH 133 295 133 HOH HOH A . 
C 3 HOH 134 296 134 HOH HOH A . 
C 3 HOH 135 297 135 HOH HOH A . 
C 3 HOH 136 298 136 HOH HOH A . 
C 3 HOH 137 299 137 HOH HOH A . 
C 3 HOH 138 300 138 HOH HOH A . 
C 3 HOH 139 301 139 HOH HOH A . 
C 3 HOH 140 302 140 HOH HOH A . 
C 3 HOH 141 303 141 HOH HOH A . 
# 
_pdbx_struct_assembly.id                   1 
_pdbx_struct_assembly.details              author_and_software_defined_assembly 
_pdbx_struct_assembly.method_details       PISA 
_pdbx_struct_assembly.oligomeric_details   monomeric 
_pdbx_struct_assembly.oligomeric_count     1 
# 
_pdbx_struct_assembly_gen.assembly_id       1 
_pdbx_struct_assembly_gen.oper_expression   1 
_pdbx_struct_assembly_gen.asym_id_list      A,B,C 
# 
_pdbx_struct_oper_list.id                   1 
_pdbx_struct_oper_list.type                 'identity operation' 
_pdbx_struct_oper_list.name                 1_555 
_pdbx_struct_oper_list.symmetry_operation   x,y,z 
_pdbx_struct_oper_list.matrix[1][1]         1.0000000000 
_pdbx_struct_oper_list.matrix[1][2]         0.0000000000 
_pdbx_struct_oper_list.matrix[1][3]         0.0000000000 
_pdbx_struct_oper_list.vector[1]            0.0000000000 
_pdbx_struct_oper_list.matrix[2][1]         0.0000000000 
_pdbx_struct_oper_list.matrix[2][2]         1.0000000000 
_pdbx_struct_oper_list.matrix[2][3]         0.0000000000 
_pdbx_struct_oper_list.vector[2]            0.0000000000 
_pdbx_struct_oper_list.matrix[3][1]         0.0000000000 
_pdbx_struct_oper_list.matrix[3][2]         0.0000000000 
_pdbx_struct_oper_list.matrix[3][3]         1.0000000000 
_pdbx_struct_oper_list.vector[3]            0.0000000000 
# 
loop_
_pdbx_struct_conn_angle.id 
_pdbx_struct_conn_angle.ptnr1_label_atom_id 
_pdbx_struct_conn_angle.ptnr1_label_alt_id 
_pdbx_struct_conn_angle.ptnr1_label_asym_id 
_pdbx_struct_conn_angle.ptnr1_label_comp_id 
_pdbx_struct_conn_angle.ptnr1_label_seq_id 
_pdbx_struct_conn_angle.ptnr1_auth_atom_id 
_pdbx_struct_conn_angle.ptnr1_auth_asym_id 
_pdbx_struct_conn_angle.ptnr1_auth_comp_id 
_pdbx_struct_conn_angle.ptnr1_auth_seq_id 
_pdbx_struct_conn_angle.ptnr1_PDB_ins_code 
_pdbx_struct_conn_angle.ptnr1_symmetry 
_pdbx_struct_conn_angle.ptnr2_label_atom_id 
_pdbx_struct_conn_angle.ptnr2_label_alt_id 
_pdbx_struct_conn_angle.ptnr2_label_asym_id 
_pdbx_struct_conn_angle.ptnr2_label_comp_id 
_pdbx_struct_conn_angle.ptnr2_label_seq_id 
_pdbx_struct_conn_angle.ptnr2_auth_atom_id 
_pdbx_struct_conn_angle.ptnr2_auth_asym_id 
_pdbx_struct_conn_angle.ptnr2_auth_comp_id 
_pdbx_struct_conn_angle.ptnr2_auth_seq_id 
_pdbx_struct_conn_angle.ptnr2_PDB_ins_code 
_pdbx_struct_conn_angle.ptnr2_symmetry 
_pdbx_struct_conn_angle.ptnr3_label_atom_id 
_pdbx_struct_conn_angle.ptnr3_label_alt_id 
_pdbx_struct_conn_angle.ptnr3_label_asym_id 
_pdbx_struct_conn_angle.ptnr3_label_comp_id 
_pdbx_struct_conn_angle.ptnr3_label_seq_id 
_pdbx_struct_conn_angle.ptnr3_auth_atom_id 
_pdbx_struct_conn_angle.ptnr3_auth_asym_id 
_pdbx_struct_conn_angle.ptnr3_auth_comp_id 
_pdbx_struct_conn_angle.ptnr3_auth_seq_id 
_pdbx_struct_conn_angle.ptnr3_PDB_ins_code 
_pdbx_struct_conn_angle.ptnr3_symmetry 
_pdbx_struct_conn_angle.value 
_pdbx_struct_conn_angle.value_esd 
1 O  ? C HOH . ? A HOH 281 ? 1_555 PT1 ? B TPT . ? A TPT 165 ? 1_555 N1 ? B TPT . ? A TPT 165 ? 1_555 110.2 ? 
2 O  ? C HOH . ? A HOH 281 ? 1_555 PT1 ? B TPT . ? A TPT 165 ? 1_555 N2 ? B TPT . ? A TPT 165 ? 1_555 171.8 ? 
3 N1 ? B TPT . ? A TPT 165 ? 1_555 PT1 ? B TPT . ? A TPT 165 ? 1_555 N2 ? B TPT . ? A TPT 165 ? 1_555 77.8  ? 
4 O  ? C HOH . ? A HOH 281 ? 1_555 PT1 ? B TPT . ? A TPT 165 ? 1_555 N3 ? B TPT . ? A TPT 165 ? 1_555 92.6  ? 
5 N1 ? B TPT . ? A TPT 165 ? 1_555 PT1 ? B TPT . ? A TPT 165 ? 1_555 N3 ? B TPT . ? A TPT 165 ? 1_555 157.2 ? 
6 N2 ? B TPT . ? A TPT 165 ? 1_555 PT1 ? B TPT . ? A TPT 165 ? 1_555 N3 ? B TPT . ? A TPT 165 ? 1_555 79.4  ? 
# 
loop_
_pdbx_audit_revision_history.ordinal 
_pdbx_audit_revision_history.data_content_type 
_pdbx_audit_revision_history.major_revision 
_pdbx_audit_revision_history.minor_revision 
_pdbx_audit_revision_history.revision_date 
1 'Structure model' 1 0 2011-10-05 
2 'Structure model' 1 1 2019-10-16 
3 'Structure model' 1 2 2023-11-01 
# 
_pdbx_audit_revision_details.ordinal             1 
_pdbx_audit_revision_details.revision_ordinal    1 
_pdbx_audit_revision_details.data_content_type   'Structure model' 
_pdbx_audit_revision_details.provider            repository 
_pdbx_audit_revision_details.type                'Initial release' 
_pdbx_audit_revision_details.description         ? 
_pdbx_audit_revision_details.details             ? 
# 
loop_
_pdbx_audit_revision_group.ordinal 
_pdbx_audit_revision_group.revision_ordinal 
_pdbx_audit_revision_group.data_content_type 
_pdbx_audit_revision_group.group 
1 2 'Structure model' 'Data collection'        
2 2 'Structure model' 'Database references'    
3 3 'Structure model' 'Data collection'        
4 3 'Structure model' 'Database references'    
5 3 'Structure model' 'Derived calculations'   
6 3 'Structure model' 'Refinement description' 
# 
loop_
_pdbx_audit_revision_category.ordinal 
_pdbx_audit_revision_category.revision_ordinal 
_pdbx_audit_revision_category.data_content_type 
_pdbx_audit_revision_category.category 
1 2 'Structure model' citation                      
2 3 'Structure model' chem_comp_atom                
3 3 'Structure model' chem_comp_bond                
4 3 'Structure model' database_2                    
5 3 'Structure model' pdbx_initial_refinement_model 
6 3 'Structure model' struct_site                   
# 
loop_
_pdbx_audit_revision_item.ordinal 
_pdbx_audit_revision_item.revision_ordinal 
_pdbx_audit_revision_item.data_content_type 
_pdbx_audit_revision_item.item 
1 2 'Structure model' '_citation.journal_id_ISSN'           
2 2 'Structure model' '_citation.pdbx_database_id_DOI'      
3 2 'Structure model' '_citation.title'                     
4 3 'Structure model' '_database_2.pdbx_DOI'                
5 3 'Structure model' '_database_2.pdbx_database_accession' 
6 3 'Structure model' '_struct_site.pdbx_auth_asym_id'      
7 3 'Structure model' '_struct_site.pdbx_auth_comp_id'      
8 3 'Structure model' '_struct_site.pdbx_auth_seq_id'       
# 
loop_
_software.name 
_software.classification 
_software.version 
_software.citation_id 
_software.pdbx_ordinal 
HKL-2000 'data collection' . ? 1 
CNS      refinement        . ? 2 
HKL-2000 'data reduction'  . ? 3 
HKL-2000 'data scaling'    . ? 4 
CNS      phasing           . ? 5 
# 
_pdbx_validate_close_contact.id               1 
_pdbx_validate_close_contact.PDB_model_num    1 
_pdbx_validate_close_contact.auth_atom_id_1   SG 
_pdbx_validate_close_contact.auth_asym_id_1   A 
_pdbx_validate_close_contact.auth_comp_id_1   CYS 
_pdbx_validate_close_contact.auth_seq_id_1    96 
_pdbx_validate_close_contact.PDB_ins_code_1   ? 
_pdbx_validate_close_contact.label_alt_id_1   ? 
_pdbx_validate_close_contact.auth_atom_id_2   O 
_pdbx_validate_close_contact.auth_asym_id_2   A 
_pdbx_validate_close_contact.auth_comp_id_2   HOH 
_pdbx_validate_close_contact.auth_seq_id_2    248 
_pdbx_validate_close_contact.PDB_ins_code_2   ? 
_pdbx_validate_close_contact.label_alt_id_2   ? 
_pdbx_validate_close_contact.dist             1.68 
# 
loop_
_pdbx_validate_symm_contact.id 
_pdbx_validate_symm_contact.PDB_model_num 
_pdbx_validate_symm_contact.auth_atom_id_1 
_pdbx_validate_symm_contact.auth_asym_id_1 
_pdbx_validate_symm_contact.auth_comp_id_1 
_pdbx_validate_symm_contact.auth_seq_id_1 
_pdbx_validate_symm_contact.PDB_ins_code_1 
_pdbx_validate_symm_contact.label_alt_id_1 
_pdbx_validate_symm_contact.site_symmetry_1 
_pdbx_validate_symm_contact.auth_atom_id_2 
_pdbx_validate_symm_contact.auth_asym_id_2 
_pdbx_validate_symm_contact.auth_comp_id_2 
_pdbx_validate_symm_contact.auth_seq_id_2 
_pdbx_validate_symm_contact.PDB_ins_code_2 
_pdbx_validate_symm_contact.label_alt_id_2 
_pdbx_validate_symm_contact.site_symmetry_2 
_pdbx_validate_symm_contact.dist 
1 1 O  A HOH 298 ? ? 1_555 O A HOH 300 ? ? 4_454 1.91 
2 1 OH A TYR 158 ? ? 1_555 O A HOH 249 ? ? 4_454 2.01 
# 
loop_
_pdbx_validate_torsion.id 
_pdbx_validate_torsion.PDB_model_num 
_pdbx_validate_torsion.auth_comp_id 
_pdbx_validate_torsion.auth_asym_id 
_pdbx_validate_torsion.auth_seq_id 
_pdbx_validate_torsion.PDB_ins_code 
_pdbx_validate_torsion.label_alt_id 
_pdbx_validate_torsion.phi 
_pdbx_validate_torsion.psi 
1 1 CYS A 96  ? ? -132.66 -138.09 
2 1 VAL A 134 ? ? 67.17   95.20   
# 
loop_
_pdbx_unobs_or_zero_occ_residues.id 
_pdbx_unobs_or_zero_occ_residues.PDB_model_num 
_pdbx_unobs_or_zero_occ_residues.polymer_flag 
_pdbx_unobs_or_zero_occ_residues.occupancy_flag 
_pdbx_unobs_or_zero_occ_residues.auth_asym_id 
_pdbx_unobs_or_zero_occ_residues.auth_comp_id 
_pdbx_unobs_or_zero_occ_residues.auth_seq_id 
_pdbx_unobs_or_zero_occ_residues.PDB_ins_code 
_pdbx_unobs_or_zero_occ_residues.label_asym_id 
_pdbx_unobs_or_zero_occ_residues.label_comp_id 
_pdbx_unobs_or_zero_occ_residues.label_seq_id 
1 1 Y 1 A ASN 160 ? A ASN 160 
2 1 Y 1 A SER 161 ? A SER 161 
# 
loop_
_chem_comp_atom.comp_id 
_chem_comp_atom.atom_id 
_chem_comp_atom.type_symbol 
_chem_comp_atom.pdbx_aromatic_flag 
_chem_comp_atom.pdbx_stereo_config 
_chem_comp_atom.pdbx_ordinal 
ALA N    N  N N 1   
ALA CA   C  N S 2   
ALA C    C  N N 3   
ALA O    O  N N 4   
ALA CB   C  N N 5   
ALA OXT  O  N N 6   
ALA H    H  N N 7   
ALA H2   H  N N 8   
ALA HA   H  N N 9   
ALA HB1  H  N N 10  
ALA HB2  H  N N 11  
ALA HB3  H  N N 12  
ALA HXT  H  N N 13  
ARG N    N  N N 14  
ARG CA   C  N S 15  
ARG C    C  N N 16  
ARG O    O  N N 17  
ARG CB   C  N N 18  
ARG CG   C  N N 19  
ARG CD   C  N N 20  
ARG NE   N  N N 21  
ARG CZ   C  N N 22  
ARG NH1  N  N N 23  
ARG NH2  N  N N 24  
ARG OXT  O  N N 25  
ARG H    H  N N 26  
ARG H2   H  N N 27  
ARG HA   H  N N 28  
ARG HB2  H  N N 29  
ARG HB3  H  N N 30  
ARG HG2  H  N N 31  
ARG HG3  H  N N 32  
ARG HD2  H  N N 33  
ARG HD3  H  N N 34  
ARG HE   H  N N 35  
ARG HH11 H  N N 36  
ARG HH12 H  N N 37  
ARG HH21 H  N N 38  
ARG HH22 H  N N 39  
ARG HXT  H  N N 40  
ASN N    N  N N 41  
ASN CA   C  N S 42  
ASN C    C  N N 43  
ASN O    O  N N 44  
ASN CB   C  N N 45  
ASN CG   C  N N 46  
ASN OD1  O  N N 47  
ASN ND2  N  N N 48  
ASN OXT  O  N N 49  
ASN H    H  N N 50  
ASN H2   H  N N 51  
ASN HA   H  N N 52  
ASN HB2  H  N N 53  
ASN HB3  H  N N 54  
ASN HD21 H  N N 55  
ASN HD22 H  N N 56  
ASN HXT  H  N N 57  
ASP N    N  N N 58  
ASP CA   C  N S 59  
ASP C    C  N N 60  
ASP O    O  N N 61  
ASP CB   C  N N 62  
ASP CG   C  N N 63  
ASP OD1  O  N N 64  
ASP OD2  O  N N 65  
ASP OXT  O  N N 66  
ASP H    H  N N 67  
ASP H2   H  N N 68  
ASP HA   H  N N 69  
ASP HB2  H  N N 70  
ASP HB3  H  N N 71  
ASP HD2  H  N N 72  
ASP HXT  H  N N 73  
CYS N    N  N N 74  
CYS CA   C  N R 75  
CYS C    C  N N 76  
CYS O    O  N N 77  
CYS CB   C  N N 78  
CYS SG   S  N N 79  
CYS OXT  O  N N 80  
CYS H    H  N N 81  
CYS H2   H  N N 82  
CYS HA   H  N N 83  
CYS HB2  H  N N 84  
CYS HB3  H  N N 85  
CYS HG   H  N N 86  
CYS HXT  H  N N 87  
GLN N    N  N N 88  
GLN CA   C  N S 89  
GLN C    C  N N 90  
GLN O    O  N N 91  
GLN CB   C  N N 92  
GLN CG   C  N N 93  
GLN CD   C  N N 94  
GLN OE1  O  N N 95  
GLN NE2  N  N N 96  
GLN OXT  O  N N 97  
GLN H    H  N N 98  
GLN H2   H  N N 99  
GLN HA   H  N N 100 
GLN HB2  H  N N 101 
GLN HB3  H  N N 102 
GLN HG2  H  N N 103 
GLN HG3  H  N N 104 
GLN HE21 H  N N 105 
GLN HE22 H  N N 106 
GLN HXT  H  N N 107 
GLU N    N  N N 108 
GLU CA   C  N S 109 
GLU C    C  N N 110 
GLU O    O  N N 111 
GLU CB   C  N N 112 
GLU CG   C  N N 113 
GLU CD   C  N N 114 
GLU OE1  O  N N 115 
GLU OE2  O  N N 116 
GLU OXT  O  N N 117 
GLU H    H  N N 118 
GLU H2   H  N N 119 
GLU HA   H  N N 120 
GLU HB2  H  N N 121 
GLU HB3  H  N N 122 
GLU HG2  H  N N 123 
GLU HG3  H  N N 124 
GLU HE2  H  N N 125 
GLU HXT  H  N N 126 
GLY N    N  N N 127 
GLY CA   C  N N 128 
GLY C    C  N N 129 
GLY O    O  N N 130 
GLY OXT  O  N N 131 
GLY H    H  N N 132 
GLY H2   H  N N 133 
GLY HA2  H  N N 134 
GLY HA3  H  N N 135 
GLY HXT  H  N N 136 
HIS N    N  N N 137 
HIS CA   C  N S 138 
HIS C    C  N N 139 
HIS O    O  N N 140 
HIS CB   C  N N 141 
HIS CG   C  Y N 142 
HIS ND1  N  Y N 143 
HIS CD2  C  Y N 144 
HIS CE1  C  Y N 145 
HIS NE2  N  Y N 146 
HIS OXT  O  N N 147 
HIS H    H  N N 148 
HIS H2   H  N N 149 
HIS HA   H  N N 150 
HIS HB2  H  N N 151 
HIS HB3  H  N N 152 
HIS HD1  H  N N 153 
HIS HD2  H  N N 154 
HIS HE1  H  N N 155 
HIS HE2  H  N N 156 
HIS HXT  H  N N 157 
HOH O    O  N N 158 
HOH H1   H  N N 159 
HOH H2   H  N N 160 
ILE N    N  N N 161 
ILE CA   C  N S 162 
ILE C    C  N N 163 
ILE O    O  N N 164 
ILE CB   C  N S 165 
ILE CG1  C  N N 166 
ILE CG2  C  N N 167 
ILE CD1  C  N N 168 
ILE OXT  O  N N 169 
ILE H    H  N N 170 
ILE H2   H  N N 171 
ILE HA   H  N N 172 
ILE HB   H  N N 173 
ILE HG12 H  N N 174 
ILE HG13 H  N N 175 
ILE HG21 H  N N 176 
ILE HG22 H  N N 177 
ILE HG23 H  N N 178 
ILE HD11 H  N N 179 
ILE HD12 H  N N 180 
ILE HD13 H  N N 181 
ILE HXT  H  N N 182 
LEU N    N  N N 183 
LEU CA   C  N S 184 
LEU C    C  N N 185 
LEU O    O  N N 186 
LEU CB   C  N N 187 
LEU CG   C  N N 188 
LEU CD1  C  N N 189 
LEU CD2  C  N N 190 
LEU OXT  O  N N 191 
LEU H    H  N N 192 
LEU H2   H  N N 193 
LEU HA   H  N N 194 
LEU HB2  H  N N 195 
LEU HB3  H  N N 196 
LEU HG   H  N N 197 
LEU HD11 H  N N 198 
LEU HD12 H  N N 199 
LEU HD13 H  N N 200 
LEU HD21 H  N N 201 
LEU HD22 H  N N 202 
LEU HD23 H  N N 203 
LEU HXT  H  N N 204 
LYS N    N  N N 205 
LYS CA   C  N S 206 
LYS C    C  N N 207 
LYS O    O  N N 208 
LYS CB   C  N N 209 
LYS CG   C  N N 210 
LYS CD   C  N N 211 
LYS CE   C  N N 212 
LYS NZ   N  N N 213 
LYS OXT  O  N N 214 
LYS H    H  N N 215 
LYS H2   H  N N 216 
LYS HA   H  N N 217 
LYS HB2  H  N N 218 
LYS HB3  H  N N 219 
LYS HG2  H  N N 220 
LYS HG3  H  N N 221 
LYS HD2  H  N N 222 
LYS HD3  H  N N 223 
LYS HE2  H  N N 224 
LYS HE3  H  N N 225 
LYS HZ1  H  N N 226 
LYS HZ2  H  N N 227 
LYS HZ3  H  N N 228 
LYS HXT  H  N N 229 
MET N    N  N N 230 
MET CA   C  N S 231 
MET C    C  N N 232 
MET O    O  N N 233 
MET CB   C  N N 234 
MET CG   C  N N 235 
MET SD   S  N N 236 
MET CE   C  N N 237 
MET OXT  O  N N 238 
MET H    H  N N 239 
MET H2   H  N N 240 
MET HA   H  N N 241 
MET HB2  H  N N 242 
MET HB3  H  N N 243 
MET HG2  H  N N 244 
MET HG3  H  N N 245 
MET HE1  H  N N 246 
MET HE2  H  N N 247 
MET HE3  H  N N 248 
MET HXT  H  N N 249 
PHE N    N  N N 250 
PHE CA   C  N S 251 
PHE C    C  N N 252 
PHE O    O  N N 253 
PHE CB   C  N N 254 
PHE CG   C  Y N 255 
PHE CD1  C  Y N 256 
PHE CD2  C  Y N 257 
PHE CE1  C  Y N 258 
PHE CE2  C  Y N 259 
PHE CZ   C  Y N 260 
PHE OXT  O  N N 261 
PHE H    H  N N 262 
PHE H2   H  N N 263 
PHE HA   H  N N 264 
PHE HB2  H  N N 265 
PHE HB3  H  N N 266 
PHE HD1  H  N N 267 
PHE HD2  H  N N 268 
PHE HE1  H  N N 269 
PHE HE2  H  N N 270 
PHE HZ   H  N N 271 
PHE HXT  H  N N 272 
PRO N    N  N N 273 
PRO CA   C  N S 274 
PRO C    C  N N 275 
PRO O    O  N N 276 
PRO CB   C  N N 277 
PRO CG   C  N N 278 
PRO CD   C  N N 279 
PRO OXT  O  N N 280 
PRO H    H  N N 281 
PRO HA   H  N N 282 
PRO HB2  H  N N 283 
PRO HB3  H  N N 284 
PRO HG2  H  N N 285 
PRO HG3  H  N N 286 
PRO HD2  H  N N 287 
PRO HD3  H  N N 288 
PRO HXT  H  N N 289 
SER N    N  N N 290 
SER CA   C  N S 291 
SER C    C  N N 292 
SER O    O  N N 293 
SER CB   C  N N 294 
SER OG   O  N N 295 
SER OXT  O  N N 296 
SER H    H  N N 297 
SER H2   H  N N 298 
SER HA   H  N N 299 
SER HB2  H  N N 300 
SER HB3  H  N N 301 
SER HG   H  N N 302 
SER HXT  H  N N 303 
THR N    N  N N 304 
THR CA   C  N S 305 
THR C    C  N N 306 
THR O    O  N N 307 
THR CB   C  N R 308 
THR OG1  O  N N 309 
THR CG2  C  N N 310 
THR OXT  O  N N 311 
THR H    H  N N 312 
THR H2   H  N N 313 
THR HA   H  N N 314 
THR HB   H  N N 315 
THR HG1  H  N N 316 
THR HG21 H  N N 317 
THR HG22 H  N N 318 
THR HG23 H  N N 319 
THR HXT  H  N N 320 
TPT PT1  PT N N 321 
TPT N1   N  Y N 322 
TPT N2   N  Y N 323 
TPT N3   N  Y N 324 
TPT C1   C  Y N 325 
TPT C2   C  Y N 326 
TPT C3   C  Y N 327 
TPT C4   C  Y N 328 
TPT C5   C  Y N 329 
TPT C6   C  Y N 330 
TPT C7   C  Y N 331 
TPT C8   C  Y N 332 
TPT C9   C  Y N 333 
TPT C10  C  Y N 334 
TPT C11  C  Y N 335 
TPT C12  C  Y N 336 
TPT C13  C  Y N 337 
TPT C14  C  Y N 338 
TPT C15  C  Y N 339 
TPT H1   H  N N 340 
TPT H2   H  N N 341 
TPT H3   H  N N 342 
TPT H4   H  N N 343 
TPT H7   H  N N 344 
TPT H8   H  N N 345 
TPT H9   H  N N 346 
TPT H12  H  N N 347 
TPT H13  H  N N 348 
TPT H14  H  N N 349 
TPT H15  H  N N 350 
TPT CL1  CL N N 351 
TRP N    N  N N 352 
TRP CA   C  N S 353 
TRP C    C  N N 354 
TRP O    O  N N 355 
TRP CB   C  N N 356 
TRP CG   C  Y N 357 
TRP CD1  C  Y N 358 
TRP CD2  C  Y N 359 
TRP NE1  N  Y N 360 
TRP CE2  C  Y N 361 
TRP CE3  C  Y N 362 
TRP CZ2  C  Y N 363 
TRP CZ3  C  Y N 364 
TRP CH2  C  Y N 365 
TRP OXT  O  N N 366 
TRP H    H  N N 367 
TRP H2   H  N N 368 
TRP HA   H  N N 369 
TRP HB2  H  N N 370 
TRP HB3  H  N N 371 
TRP HD1  H  N N 372 
TRP HE1  H  N N 373 
TRP HE3  H  N N 374 
TRP HZ2  H  N N 375 
TRP HZ3  H  N N 376 
TRP HH2  H  N N 377 
TRP HXT  H  N N 378 
TYR N    N  N N 379 
TYR CA   C  N S 380 
TYR C    C  N N 381 
TYR O    O  N N 382 
TYR CB   C  N N 383 
TYR CG   C  Y N 384 
TYR CD1  C  Y N 385 
TYR CD2  C  Y N 386 
TYR CE1  C  Y N 387 
TYR CE2  C  Y N 388 
TYR CZ   C  Y N 389 
TYR OH   O  N N 390 
TYR OXT  O  N N 391 
TYR H    H  N N 392 
TYR H2   H  N N 393 
TYR HA   H  N N 394 
TYR HB2  H  N N 395 
TYR HB3  H  N N 396 
TYR HD1  H  N N 397 
TYR HD2  H  N N 398 
TYR HE1  H  N N 399 
TYR HE2  H  N N 400 
TYR HH   H  N N 401 
TYR HXT  H  N N 402 
VAL N    N  N N 403 
VAL CA   C  N S 404 
VAL C    C  N N 405 
VAL O    O  N N 406 
VAL CB   C  N N 407 
VAL CG1  C  N N 408 
VAL CG2  C  N N 409 
VAL OXT  O  N N 410 
VAL H    H  N N 411 
VAL H2   H  N N 412 
VAL HA   H  N N 413 
VAL HB   H  N N 414 
VAL HG11 H  N N 415 
VAL HG12 H  N N 416 
VAL HG13 H  N N 417 
VAL HG21 H  N N 418 
VAL HG22 H  N N 419 
VAL HG23 H  N N 420 
VAL HXT  H  N N 421 
# 
loop_
_chem_comp_bond.comp_id 
_chem_comp_bond.atom_id_1 
_chem_comp_bond.atom_id_2 
_chem_comp_bond.value_order 
_chem_comp_bond.pdbx_aromatic_flag 
_chem_comp_bond.pdbx_stereo_config 
_chem_comp_bond.pdbx_ordinal 
ALA N   CA   sing N N 1   
ALA N   H    sing N N 2   
ALA N   H2   sing N N 3   
ALA CA  C    sing N N 4   
ALA CA  CB   sing N N 5   
ALA CA  HA   sing N N 6   
ALA C   O    doub N N 7   
ALA C   OXT  sing N N 8   
ALA CB  HB1  sing N N 9   
ALA CB  HB2  sing N N 10  
ALA CB  HB3  sing N N 11  
ALA OXT HXT  sing N N 12  
ARG N   CA   sing N N 13  
ARG N   H    sing N N 14  
ARG N   H2   sing N N 15  
ARG CA  C    sing N N 16  
ARG CA  CB   sing N N 17  
ARG CA  HA   sing N N 18  
ARG C   O    doub N N 19  
ARG C   OXT  sing N N 20  
ARG CB  CG   sing N N 21  
ARG CB  HB2  sing N N 22  
ARG CB  HB3  sing N N 23  
ARG CG  CD   sing N N 24  
ARG CG  HG2  sing N N 25  
ARG CG  HG3  sing N N 26  
ARG CD  NE   sing N N 27  
ARG CD  HD2  sing N N 28  
ARG CD  HD3  sing N N 29  
ARG NE  CZ   sing N N 30  
ARG NE  HE   sing N N 31  
ARG CZ  NH1  sing N N 32  
ARG CZ  NH2  doub N N 33  
ARG NH1 HH11 sing N N 34  
ARG NH1 HH12 sing N N 35  
ARG NH2 HH21 sing N N 36  
ARG NH2 HH22 sing N N 37  
ARG OXT HXT  sing N N 38  
ASN N   CA   sing N N 39  
ASN N   H    sing N N 40  
ASN N   H2   sing N N 41  
ASN CA  C    sing N N 42  
ASN CA  CB   sing N N 43  
ASN CA  HA   sing N N 44  
ASN C   O    doub N N 45  
ASN C   OXT  sing N N 46  
ASN CB  CG   sing N N 47  
ASN CB  HB2  sing N N 48  
ASN CB  HB3  sing N N 49  
ASN CG  OD1  doub N N 50  
ASN CG  ND2  sing N N 51  
ASN ND2 HD21 sing N N 52  
ASN ND2 HD22 sing N N 53  
ASN OXT HXT  sing N N 54  
ASP N   CA   sing N N 55  
ASP N   H    sing N N 56  
ASP N   H2   sing N N 57  
ASP CA  C    sing N N 58  
ASP CA  CB   sing N N 59  
ASP CA  HA   sing N N 60  
ASP C   O    doub N N 61  
ASP C   OXT  sing N N 62  
ASP CB  CG   sing N N 63  
ASP CB  HB2  sing N N 64  
ASP CB  HB3  sing N N 65  
ASP CG  OD1  doub N N 66  
ASP CG  OD2  sing N N 67  
ASP OD2 HD2  sing N N 68  
ASP OXT HXT  sing N N 69  
CYS N   CA   sing N N 70  
CYS N   H    sing N N 71  
CYS N   H2   sing N N 72  
CYS CA  C    sing N N 73  
CYS CA  CB   sing N N 74  
CYS CA  HA   sing N N 75  
CYS C   O    doub N N 76  
CYS C   OXT  sing N N 77  
CYS CB  SG   sing N N 78  
CYS CB  HB2  sing N N 79  
CYS CB  HB3  sing N N 80  
CYS SG  HG   sing N N 81  
CYS OXT HXT  sing N N 82  
GLN N   CA   sing N N 83  
GLN N   H    sing N N 84  
GLN N   H2   sing N N 85  
GLN CA  C    sing N N 86  
GLN CA  CB   sing N N 87  
GLN CA  HA   sing N N 88  
GLN C   O    doub N N 89  
GLN C   OXT  sing N N 90  
GLN CB  CG   sing N N 91  
GLN CB  HB2  sing N N 92  
GLN CB  HB3  sing N N 93  
GLN CG  CD   sing N N 94  
GLN CG  HG2  sing N N 95  
GLN CG  HG3  sing N N 96  
GLN CD  OE1  doub N N 97  
GLN CD  NE2  sing N N 98  
GLN NE2 HE21 sing N N 99  
GLN NE2 HE22 sing N N 100 
GLN OXT HXT  sing N N 101 
GLU N   CA   sing N N 102 
GLU N   H    sing N N 103 
GLU N   H2   sing N N 104 
GLU CA  C    sing N N 105 
GLU CA  CB   sing N N 106 
GLU CA  HA   sing N N 107 
GLU C   O    doub N N 108 
GLU C   OXT  sing N N 109 
GLU CB  CG   sing N N 110 
GLU CB  HB2  sing N N 111 
GLU CB  HB3  sing N N 112 
GLU CG  CD   sing N N 113 
GLU CG  HG2  sing N N 114 
GLU CG  HG3  sing N N 115 
GLU CD  OE1  doub N N 116 
GLU CD  OE2  sing N N 117 
GLU OE2 HE2  sing N N 118 
GLU OXT HXT  sing N N 119 
GLY N   CA   sing N N 120 
GLY N   H    sing N N 121 
GLY N   H2   sing N N 122 
GLY CA  C    sing N N 123 
GLY CA  HA2  sing N N 124 
GLY CA  HA3  sing N N 125 
GLY C   O    doub N N 126 
GLY C   OXT  sing N N 127 
GLY OXT HXT  sing N N 128 
HIS N   CA   sing N N 129 
HIS N   H    sing N N 130 
HIS N   H2   sing N N 131 
HIS CA  C    sing N N 132 
HIS CA  CB   sing N N 133 
HIS CA  HA   sing N N 134 
HIS C   O    doub N N 135 
HIS C   OXT  sing N N 136 
HIS CB  CG   sing N N 137 
HIS CB  HB2  sing N N 138 
HIS CB  HB3  sing N N 139 
HIS CG  ND1  sing Y N 140 
HIS CG  CD2  doub Y N 141 
HIS ND1 CE1  doub Y N 142 
HIS ND1 HD1  sing N N 143 
HIS CD2 NE2  sing Y N 144 
HIS CD2 HD2  sing N N 145 
HIS CE1 NE2  sing Y N 146 
HIS CE1 HE1  sing N N 147 
HIS NE2 HE2  sing N N 148 
HIS OXT HXT  sing N N 149 
HOH O   H1   sing N N 150 
HOH O   H2   sing N N 151 
ILE N   CA   sing N N 152 
ILE N   H    sing N N 153 
ILE N   H2   sing N N 154 
ILE CA  C    sing N N 155 
ILE CA  CB   sing N N 156 
ILE CA  HA   sing N N 157 
ILE C   O    doub N N 158 
ILE C   OXT  sing N N 159 
ILE CB  CG1  sing N N 160 
ILE CB  CG2  sing N N 161 
ILE CB  HB   sing N N 162 
ILE CG1 CD1  sing N N 163 
ILE CG1 HG12 sing N N 164 
ILE CG1 HG13 sing N N 165 
ILE CG2 HG21 sing N N 166 
ILE CG2 HG22 sing N N 167 
ILE CG2 HG23 sing N N 168 
ILE CD1 HD11 sing N N 169 
ILE CD1 HD12 sing N N 170 
ILE CD1 HD13 sing N N 171 
ILE OXT HXT  sing N N 172 
LEU N   CA   sing N N 173 
LEU N   H    sing N N 174 
LEU N   H2   sing N N 175 
LEU CA  C    sing N N 176 
LEU CA  CB   sing N N 177 
LEU CA  HA   sing N N 178 
LEU C   O    doub N N 179 
LEU C   OXT  sing N N 180 
LEU CB  CG   sing N N 181 
LEU CB  HB2  sing N N 182 
LEU CB  HB3  sing N N 183 
LEU CG  CD1  sing N N 184 
LEU CG  CD2  sing N N 185 
LEU CG  HG   sing N N 186 
LEU CD1 HD11 sing N N 187 
LEU CD1 HD12 sing N N 188 
LEU CD1 HD13 sing N N 189 
LEU CD2 HD21 sing N N 190 
LEU CD2 HD22 sing N N 191 
LEU CD2 HD23 sing N N 192 
LEU OXT HXT  sing N N 193 
LYS N   CA   sing N N 194 
LYS N   H    sing N N 195 
LYS N   H2   sing N N 196 
LYS CA  C    sing N N 197 
LYS CA  CB   sing N N 198 
LYS CA  HA   sing N N 199 
LYS C   O    doub N N 200 
LYS C   OXT  sing N N 201 
LYS CB  CG   sing N N 202 
LYS CB  HB2  sing N N 203 
LYS CB  HB3  sing N N 204 
LYS CG  CD   sing N N 205 
LYS CG  HG2  sing N N 206 
LYS CG  HG3  sing N N 207 
LYS CD  CE   sing N N 208 
LYS CD  HD2  sing N N 209 
LYS CD  HD3  sing N N 210 
LYS CE  NZ   sing N N 211 
LYS CE  HE2  sing N N 212 
LYS CE  HE3  sing N N 213 
LYS NZ  HZ1  sing N N 214 
LYS NZ  HZ2  sing N N 215 
LYS NZ  HZ3  sing N N 216 
LYS OXT HXT  sing N N 217 
MET N   CA   sing N N 218 
MET N   H    sing N N 219 
MET N   H2   sing N N 220 
MET CA  C    sing N N 221 
MET CA  CB   sing N N 222 
MET CA  HA   sing N N 223 
MET C   O    doub N N 224 
MET C   OXT  sing N N 225 
MET CB  CG   sing N N 226 
MET CB  HB2  sing N N 227 
MET CB  HB3  sing N N 228 
MET CG  SD   sing N N 229 
MET CG  HG2  sing N N 230 
MET CG  HG3  sing N N 231 
MET SD  CE   sing N N 232 
MET CE  HE1  sing N N 233 
MET CE  HE2  sing N N 234 
MET CE  HE3  sing N N 235 
MET OXT HXT  sing N N 236 
PHE N   CA   sing N N 237 
PHE N   H    sing N N 238 
PHE N   H2   sing N N 239 
PHE CA  C    sing N N 240 
PHE CA  CB   sing N N 241 
PHE CA  HA   sing N N 242 
PHE C   O    doub N N 243 
PHE C   OXT  sing N N 244 
PHE CB  CG   sing N N 245 
PHE CB  HB2  sing N N 246 
PHE CB  HB3  sing N N 247 
PHE CG  CD1  doub Y N 248 
PHE CG  CD2  sing Y N 249 
PHE CD1 CE1  sing Y N 250 
PHE CD1 HD1  sing N N 251 
PHE CD2 CE2  doub Y N 252 
PHE CD2 HD2  sing N N 253 
PHE CE1 CZ   doub Y N 254 
PHE CE1 HE1  sing N N 255 
PHE CE2 CZ   sing Y N 256 
PHE CE2 HE2  sing N N 257 
PHE CZ  HZ   sing N N 258 
PHE OXT HXT  sing N N 259 
PRO N   CA   sing N N 260 
PRO N   CD   sing N N 261 
PRO N   H    sing N N 262 
PRO CA  C    sing N N 263 
PRO CA  CB   sing N N 264 
PRO CA  HA   sing N N 265 
PRO C   O    doub N N 266 
PRO C   OXT  sing N N 267 
PRO CB  CG   sing N N 268 
PRO CB  HB2  sing N N 269 
PRO CB  HB3  sing N N 270 
PRO CG  CD   sing N N 271 
PRO CG  HG2  sing N N 272 
PRO CG  HG3  sing N N 273 
PRO CD  HD2  sing N N 274 
PRO CD  HD3  sing N N 275 
PRO OXT HXT  sing N N 276 
SER N   CA   sing N N 277 
SER N   H    sing N N 278 
SER N   H2   sing N N 279 
SER CA  C    sing N N 280 
SER CA  CB   sing N N 281 
SER CA  HA   sing N N 282 
SER C   O    doub N N 283 
SER C   OXT  sing N N 284 
SER CB  OG   sing N N 285 
SER CB  HB2  sing N N 286 
SER CB  HB3  sing N N 287 
SER OG  HG   sing N N 288 
SER OXT HXT  sing N N 289 
THR N   CA   sing N N 290 
THR N   H    sing N N 291 
THR N   H2   sing N N 292 
THR CA  C    sing N N 293 
THR CA  CB   sing N N 294 
THR CA  HA   sing N N 295 
THR C   O    doub N N 296 
THR C   OXT  sing N N 297 
THR CB  OG1  sing N N 298 
THR CB  CG2  sing N N 299 
THR CB  HB   sing N N 300 
THR OG1 HG1  sing N N 301 
THR CG2 HG21 sing N N 302 
THR CG2 HG22 sing N N 303 
THR CG2 HG23 sing N N 304 
THR OXT HXT  sing N N 305 
TPT PT1 N1   sing N N 306 
TPT PT1 N2   sing N N 307 
TPT PT1 N3   sing N N 308 
TPT N1  C1   sing Y N 309 
TPT N1  C5   doub Y N 310 
TPT N2  C6   doub Y N 311 
TPT N2  C10  sing Y N 312 
TPT N3  C11  sing Y N 313 
TPT N3  C15  doub Y N 314 
TPT C1  C2   doub Y N 315 
TPT C1  H1   sing N N 316 
TPT C2  C3   sing Y N 317 
TPT C2  H2   sing N N 318 
TPT C3  C4   doub Y N 319 
TPT C3  H3   sing N N 320 
TPT C4  C5   sing Y N 321 
TPT C4  H4   sing N N 322 
TPT C5  C6   sing N N 323 
TPT C6  C7   sing Y N 324 
TPT C7  C8   doub Y N 325 
TPT C7  H7   sing N N 326 
TPT C8  C9   sing Y N 327 
TPT C8  H8   sing N N 328 
TPT C9  C10  doub Y N 329 
TPT C9  H9   sing N N 330 
TPT C10 C11  sing N N 331 
TPT C11 C12  doub Y N 332 
TPT C12 C13  sing Y N 333 
TPT C12 H12  sing N N 334 
TPT C13 C14  doub Y N 335 
TPT C13 H13  sing N N 336 
TPT C14 C15  sing Y N 337 
TPT C14 H14  sing N N 338 
TPT C15 H15  sing N N 339 
TPT PT1 CL1  sing N N 340 
TRP N   CA   sing N N 341 
TRP N   H    sing N N 342 
TRP N   H2   sing N N 343 
TRP CA  C    sing N N 344 
TRP CA  CB   sing N N 345 
TRP CA  HA   sing N N 346 
TRP C   O    doub N N 347 
TRP C   OXT  sing N N 348 
TRP CB  CG   sing N N 349 
TRP CB  HB2  sing N N 350 
TRP CB  HB3  sing N N 351 
TRP CG  CD1  doub Y N 352 
TRP CG  CD2  sing Y N 353 
TRP CD1 NE1  sing Y N 354 
TRP CD1 HD1  sing N N 355 
TRP CD2 CE2  doub Y N 356 
TRP CD2 CE3  sing Y N 357 
TRP NE1 CE2  sing Y N 358 
TRP NE1 HE1  sing N N 359 
TRP CE2 CZ2  sing Y N 360 
TRP CE3 CZ3  doub Y N 361 
TRP CE3 HE3  sing N N 362 
TRP CZ2 CH2  doub Y N 363 
TRP CZ2 HZ2  sing N N 364 
TRP CZ3 CH2  sing Y N 365 
TRP CZ3 HZ3  sing N N 366 
TRP CH2 HH2  sing N N 367 
TRP OXT HXT  sing N N 368 
TYR N   CA   sing N N 369 
TYR N   H    sing N N 370 
TYR N   H2   sing N N 371 
TYR CA  C    sing N N 372 
TYR CA  CB   sing N N 373 
TYR CA  HA   sing N N 374 
TYR C   O    doub N N 375 
TYR C   OXT  sing N N 376 
TYR CB  CG   sing N N 377 
TYR CB  HB2  sing N N 378 
TYR CB  HB3  sing N N 379 
TYR CG  CD1  doub Y N 380 
TYR CG  CD2  sing Y N 381 
TYR CD1 CE1  sing Y N 382 
TYR CD1 HD1  sing N N 383 
TYR CD2 CE2  doub Y N 384 
TYR CD2 HD2  sing N N 385 
TYR CE1 CZ   doub Y N 386 
TYR CE1 HE1  sing N N 387 
TYR CE2 CZ   sing Y N 388 
TYR CE2 HE2  sing N N 389 
TYR CZ  OH   sing N N 390 
TYR OH  HH   sing N N 391 
TYR OXT HXT  sing N N 392 
VAL N   CA   sing N N 393 
VAL N   H    sing N N 394 
VAL N   H2   sing N N 395 
VAL CA  C    sing N N 396 
VAL CA  CB   sing N N 397 
VAL CA  HA   sing N N 398 
VAL C   O    doub N N 399 
VAL C   OXT  sing N N 400 
VAL CB  CG1  sing N N 401 
VAL CB  CG2  sing N N 402 
VAL CB  HB   sing N N 403 
VAL CG1 HG11 sing N N 404 
VAL CG1 HG12 sing N N 405 
VAL CG1 HG13 sing N N 406 
VAL CG2 HG21 sing N N 407 
VAL CG2 HG22 sing N N 408 
VAL CG2 HG23 sing N N 409 
VAL OXT HXT  sing N N 410 
# 
loop_
_pdbx_entity_nonpoly.entity_id 
_pdbx_entity_nonpoly.name 
_pdbx_entity_nonpoly.comp_id 
2 
;2,2':6',2''-TERPYRIDINE PLATINUM(II) Chloride
;
TPT 
3 water                                           HOH 
# 
_pdbx_initial_refinement_model.id               1 
_pdbx_initial_refinement_model.entity_id_list   ? 
_pdbx_initial_refinement_model.type             'experimental model' 
_pdbx_initial_refinement_model.source_name      PDB 
_pdbx_initial_refinement_model.accession_code   2I6I 
_pdbx_initial_refinement_model.details          'PDB entry 2I6I' 
# 
